data_4EPT
# 
_entry.id   4EPT 
# 
_audit_conform.dict_name       mmcif_pdbx.dic 
_audit_conform.dict_version    5.379 
_audit_conform.dict_location   http://mmcif.pdb.org/dictionaries/ascii/mmcif_pdbx.dic 
# 
loop_
_database_2.database_id 
_database_2.database_code 
_database_2.pdbx_database_accession 
_database_2.pdbx_DOI 
PDB   4EPT         pdb_00004ept 10.2210/pdb4ept/pdb 
RCSB  RCSB071921   ?            ?                   
WWPDB D_1000071921 ?            ?                   
# 
loop_
_pdbx_database_related.db_name 
_pdbx_database_related.db_id 
_pdbx_database_related.details 
_pdbx_database_related.content_type 
PDB 4EPR . unspecified 
PDB 4EPV . unspecified 
PDB 4EPW . unspecified 
PDB 4EPX . unspecified 
PDB 4EPY . unspecified 
# 
_pdbx_database_status.status_code                     REL 
_pdbx_database_status.entry_id                        4EPT 
_pdbx_database_status.recvd_initial_deposition_date   2012-04-17 
_pdbx_database_status.deposit_site                    RCSB 
_pdbx_database_status.process_site                    RCSB 
_pdbx_database_status.status_code_sf                  REL 
_pdbx_database_status.status_code_mr                  ? 
_pdbx_database_status.SG_entry                        ? 
_pdbx_database_status.status_code_cs                  ? 
_pdbx_database_status.methods_development_category    ? 
_pdbx_database_status.pdb_format_compatible           Y 
_pdbx_database_status.status_code_nmr_data            ? 
# 
loop_
_audit_author.name 
_audit_author.pdbx_ordinal 
'Sun, Q.'          1 
'Burke, J.P.'      2 
'Phan, J.'         3 
'Burns, M.C.'      4 
'Olejniczak, E.T.' 5 
'Waterson, A.G.'   6 
'Lee, T.'          7 
'Rossanese, O.W.'  8 
'Fesik, S.W.'      9 
# 
_citation.id                        primary 
_citation.title                     'Discovery of Small Molecules that Bind to K-Ras and Inhibit Sos-Mediated Activation.' 
_citation.journal_abbrev            Angew.Chem.Int.Ed.Engl. 
_citation.journal_volume            51 
_citation.page_first                6140 
_citation.page_last                 6143 
_citation.year                      2012 
_citation.journal_id_ASTM           ? 
_citation.country                   GE 
_citation.journal_id_ISSN           1433-7851 
_citation.journal_id_CSD            9999 
_citation.book_publisher            ? 
_citation.pdbx_database_id_PubMed   22566140 
_citation.pdbx_database_id_DOI      10.1002/anie.201201358 
# 
loop_
_citation_author.citation_id 
_citation_author.name 
_citation_author.ordinal 
_citation_author.identifier_ORCID 
primary 'Sun, Q.'          1 ? 
primary 'Burke, J.P.'      2 ? 
primary 'Phan, J.'         3 ? 
primary 'Burns, M.C.'      4 ? 
primary 'Olejniczak, E.T.' 5 ? 
primary 'Waterson, A.G.'   6 ? 
primary 'Lee, T.'          7 ? 
primary 'Rossanese, O.W.'  8 ? 
primary 'Fesik, S.W.'      9 ? 
# 
_cell.entry_id           4EPT 
_cell.length_a           93.055 
_cell.length_b           93.055 
_cell.length_c           37.202 
_cell.angle_alpha        90.00 
_cell.angle_beta         90.00 
_cell.angle_gamma        120.00 
_cell.Z_PDB              6 
_cell.pdbx_unique_axis   ? 
_cell.length_a_esd       ? 
_cell.length_b_esd       ? 
_cell.length_c_esd       ? 
_cell.angle_alpha_esd    ? 
_cell.angle_beta_esd     ? 
_cell.angle_gamma_esd    ? 
# 
_symmetry.entry_id                         4EPT 
_symmetry.space_group_name_H-M             'P 63' 
_symmetry.pdbx_full_space_group_name_H-M   ? 
_symmetry.cell_setting                     ? 
_symmetry.Int_Tables_number                173 
_symmetry.space_group_name_Hall            ? 
# 
loop_
_entity.id 
_entity.type 
_entity.src_method 
_entity.pdbx_description 
_entity.formula_weight 
_entity.pdbx_number_of_molecules 
_entity.pdbx_ec 
_entity.pdbx_mutation 
_entity.pdbx_fragment 
_entity.details 
1 polymer     man 'GTPase KRas'                                     19312.746 1   3.6.5.2 C118S Catalytic ? 
2 non-polymer syn "GUANOSINE-5'-DIPHOSPHATE"                        443.201   1   ?       ?     ?         ? 
3 non-polymer syn 'MAGNESIUM ION'                                   24.305    1   ?       ?     ?         ? 
4 non-polymer syn '(2-hydroxyphenyl)(pyrrolidin-1-yl)methanethione' 207.292   1   ?       ?     ?         ? 
5 water       nat water                                             18.015    116 ?       ?     ?         ? 
# 
_entity_name_com.entity_id   1 
_entity_name_com.name        'K-Ras 2, Ki-Ras, c-K-ras, c-Ki-ras, GTPase KRas, N-terminally processed' 
# 
_entity_poly.entity_id                      1 
_entity_poly.type                           'polypeptide(L)' 
_entity_poly.nstd_linkage                   no 
_entity_poly.nstd_monomer                   no 
_entity_poly.pdbx_seq_one_letter_code       
;GMTEYKLVVVGAGGVGKSALTIQLIQNHFVDEYDPTIEDSYRKQVVIDGETCLLDILDTAGQEEYSAMRDQYMRTGEGFL
CVFAINNTKSFEDIHHYREQIKRVKDSEDVPMVLVGNKSDLPSRTVDTKQAQDLARSYGIPFIETSAKTRQGVDDAFYTL
VREIRKHKEK
;
_entity_poly.pdbx_seq_one_letter_code_can   
;GMTEYKLVVVGAGGVGKSALTIQLIQNHFVDEYDPTIEDSYRKQVVIDGETCLLDILDTAGQEEYSAMRDQYMRTGEGFL
CVFAINNTKSFEDIHHYREQIKRVKDSEDVPMVLVGNKSDLPSRTVDTKQAQDLARSYGIPFIETSAKTRQGVDDAFYTL
VREIRKHKEK
;
_entity_poly.pdbx_strand_id                 A 
_entity_poly.pdbx_target_identifier         ? 
# 
loop_
_entity_poly_seq.entity_id 
_entity_poly_seq.num 
_entity_poly_seq.mon_id 
_entity_poly_seq.hetero 
1 1   GLY n 
1 2   MET n 
1 3   THR n 
1 4   GLU n 
1 5   TYR n 
1 6   LYS n 
1 7   LEU n 
1 8   VAL n 
1 9   VAL n 
1 10  VAL n 
1 11  GLY n 
1 12  ALA n 
1 13  GLY n 
1 14  GLY n 
1 15  VAL n 
1 16  GLY n 
1 17  LYS n 
1 18  SER n 
1 19  ALA n 
1 20  LEU n 
1 21  THR n 
1 22  ILE n 
1 23  GLN n 
1 24  LEU n 
1 25  ILE n 
1 26  GLN n 
1 27  ASN n 
1 28  HIS n 
1 29  PHE n 
1 30  VAL n 
1 31  ASP n 
1 32  GLU n 
1 33  TYR n 
1 34  ASP n 
1 35  PRO n 
1 36  THR n 
1 37  ILE n 
1 38  GLU n 
1 39  ASP n 
1 40  SER n 
1 41  TYR n 
1 42  ARG n 
1 43  LYS n 
1 44  GLN n 
1 45  VAL n 
1 46  VAL n 
1 47  ILE n 
1 48  ASP n 
1 49  GLY n 
1 50  GLU n 
1 51  THR n 
1 52  CYS n 
1 53  LEU n 
1 54  LEU n 
1 55  ASP n 
1 56  ILE n 
1 57  LEU n 
1 58  ASP n 
1 59  THR n 
1 60  ALA n 
1 61  GLY n 
1 62  GLN n 
1 63  GLU n 
1 64  GLU n 
1 65  TYR n 
1 66  SER n 
1 67  ALA n 
1 68  MET n 
1 69  ARG n 
1 70  ASP n 
1 71  GLN n 
1 72  TYR n 
1 73  MET n 
1 74  ARG n 
1 75  THR n 
1 76  GLY n 
1 77  GLU n 
1 78  GLY n 
1 79  PHE n 
1 80  LEU n 
1 81  CYS n 
1 82  VAL n 
1 83  PHE n 
1 84  ALA n 
1 85  ILE n 
1 86  ASN n 
1 87  ASN n 
1 88  THR n 
1 89  LYS n 
1 90  SER n 
1 91  PHE n 
1 92  GLU n 
1 93  ASP n 
1 94  ILE n 
1 95  HIS n 
1 96  HIS n 
1 97  TYR n 
1 98  ARG n 
1 99  GLU n 
1 100 GLN n 
1 101 ILE n 
1 102 LYS n 
1 103 ARG n 
1 104 VAL n 
1 105 LYS n 
1 106 ASP n 
1 107 SER n 
1 108 GLU n 
1 109 ASP n 
1 110 VAL n 
1 111 PRO n 
1 112 MET n 
1 113 VAL n 
1 114 LEU n 
1 115 VAL n 
1 116 GLY n 
1 117 ASN n 
1 118 LYS n 
1 119 SER n 
1 120 ASP n 
1 121 LEU n 
1 122 PRO n 
1 123 SER n 
1 124 ARG n 
1 125 THR n 
1 126 VAL n 
1 127 ASP n 
1 128 THR n 
1 129 LYS n 
1 130 GLN n 
1 131 ALA n 
1 132 GLN n 
1 133 ASP n 
1 134 LEU n 
1 135 ALA n 
1 136 ARG n 
1 137 SER n 
1 138 TYR n 
1 139 GLY n 
1 140 ILE n 
1 141 PRO n 
1 142 PHE n 
1 143 ILE n 
1 144 GLU n 
1 145 THR n 
1 146 SER n 
1 147 ALA n 
1 148 LYS n 
1 149 THR n 
1 150 ARG n 
1 151 GLN n 
1 152 GLY n 
1 153 VAL n 
1 154 ASP n 
1 155 ASP n 
1 156 ALA n 
1 157 PHE n 
1 158 TYR n 
1 159 THR n 
1 160 LEU n 
1 161 VAL n 
1 162 ARG n 
1 163 GLU n 
1 164 ILE n 
1 165 ARG n 
1 166 LYS n 
1 167 HIS n 
1 168 LYS n 
1 169 GLU n 
1 170 LYS n 
# 
_entity_src_gen.entity_id                          1 
_entity_src_gen.pdbx_src_id                        1 
_entity_src_gen.pdbx_alt_source_flag               sample 
_entity_src_gen.pdbx_seq_type                      ? 
_entity_src_gen.pdbx_beg_seq_num                   ? 
_entity_src_gen.pdbx_end_seq_num                   ? 
_entity_src_gen.gene_src_common_name               human 
_entity_src_gen.gene_src_genus                     ? 
_entity_src_gen.pdbx_gene_src_gene                 'KRAS, KRAS2, RASK2' 
_entity_src_gen.gene_src_species                   ? 
_entity_src_gen.gene_src_strain                    ? 
_entity_src_gen.gene_src_tissue                    ? 
_entity_src_gen.gene_src_tissue_fraction           ? 
_entity_src_gen.gene_src_details                   ? 
_entity_src_gen.pdbx_gene_src_fragment             ? 
_entity_src_gen.pdbx_gene_src_scientific_name      'Homo sapiens' 
_entity_src_gen.pdbx_gene_src_ncbi_taxonomy_id     9606 
_entity_src_gen.pdbx_gene_src_variant              ? 
_entity_src_gen.pdbx_gene_src_cell_line            ? 
_entity_src_gen.pdbx_gene_src_atcc                 ? 
_entity_src_gen.pdbx_gene_src_organ                ? 
_entity_src_gen.pdbx_gene_src_organelle            ? 
_entity_src_gen.pdbx_gene_src_cell                 ? 
_entity_src_gen.pdbx_gene_src_cellular_location    ? 
_entity_src_gen.host_org_common_name               ? 
_entity_src_gen.pdbx_host_org_scientific_name      'Escherichia coli' 
_entity_src_gen.pdbx_host_org_ncbi_taxonomy_id     562 
_entity_src_gen.host_org_genus                     ? 
_entity_src_gen.pdbx_host_org_gene                 ? 
_entity_src_gen.pdbx_host_org_organ                ? 
_entity_src_gen.host_org_species                   ? 
_entity_src_gen.pdbx_host_org_tissue               ? 
_entity_src_gen.pdbx_host_org_tissue_fraction      ? 
_entity_src_gen.pdbx_host_org_strain               ? 
_entity_src_gen.pdbx_host_org_variant              ? 
_entity_src_gen.pdbx_host_org_cell_line            ? 
_entity_src_gen.pdbx_host_org_atcc                 ? 
_entity_src_gen.pdbx_host_org_culture_collection   ? 
_entity_src_gen.pdbx_host_org_cell                 ? 
_entity_src_gen.pdbx_host_org_organelle            ? 
_entity_src_gen.pdbx_host_org_cellular_location    ? 
_entity_src_gen.pdbx_host_org_vector_type          ? 
_entity_src_gen.pdbx_host_org_vector               ? 
_entity_src_gen.host_org_details                   ? 
_entity_src_gen.expression_system_id               ? 
_entity_src_gen.plasmid_name                       ? 
_entity_src_gen.plasmid_details                    ? 
_entity_src_gen.pdbx_description                   ? 
# 
_struct_ref.id                         1 
_struct_ref.db_name                    UNP 
_struct_ref.db_code                    RASK_HUMAN 
_struct_ref.pdbx_db_accession          P01116 
_struct_ref.entity_id                  1 
_struct_ref.pdbx_seq_one_letter_code   
;MTEYKLVVVGAGGVGKSALTIQLIQNHFVDEYDPTIEDSYRKQVVIDGETCLLDILDTAGQEEYSAMRDQYMRTGEGFLC
VFAINNTKSFEDIHHYREQIKRVKDSEDVPMVLVGNKCDLPSRTVDTKQAQDLARSYGIPFIETSAKTRQGVDDAFYTLV
REIRKHKEK
;
_struct_ref.pdbx_align_begin           1 
_struct_ref.pdbx_db_isoform            ? 
# 
_struct_ref_seq.align_id                      1 
_struct_ref_seq.ref_id                        1 
_struct_ref_seq.pdbx_PDB_id_code              4EPT 
_struct_ref_seq.pdbx_strand_id                A 
_struct_ref_seq.seq_align_beg                 2 
_struct_ref_seq.pdbx_seq_align_beg_ins_code   ? 
_struct_ref_seq.seq_align_end                 170 
_struct_ref_seq.pdbx_seq_align_end_ins_code   ? 
_struct_ref_seq.pdbx_db_accession             P01116 
_struct_ref_seq.db_align_beg                  1 
_struct_ref_seq.pdbx_db_align_beg_ins_code    ? 
_struct_ref_seq.db_align_end                  169 
_struct_ref_seq.pdbx_db_align_end_ins_code    ? 
_struct_ref_seq.pdbx_auth_seq_align_beg       1 
_struct_ref_seq.pdbx_auth_seq_align_end       169 
# 
loop_
_struct_ref_seq_dif.align_id 
_struct_ref_seq_dif.pdbx_pdb_id_code 
_struct_ref_seq_dif.mon_id 
_struct_ref_seq_dif.pdbx_pdb_strand_id 
_struct_ref_seq_dif.seq_num 
_struct_ref_seq_dif.pdbx_pdb_ins_code 
_struct_ref_seq_dif.pdbx_seq_db_name 
_struct_ref_seq_dif.pdbx_seq_db_accession_code 
_struct_ref_seq_dif.db_mon_id 
_struct_ref_seq_dif.pdbx_seq_db_seq_num 
_struct_ref_seq_dif.details 
_struct_ref_seq_dif.pdbx_auth_seq_num 
_struct_ref_seq_dif.pdbx_ordinal 
1 4EPT GLY A 1   ? UNP P01116 ?   ?   'expression tag'      0   1 
1 4EPT SER A 119 ? UNP P01116 CYS 118 'engineered mutation' 118 2 
# 
loop_
_chem_comp.id 
_chem_comp.type 
_chem_comp.mon_nstd_flag 
_chem_comp.name 
_chem_comp.pdbx_synonyms 
_chem_comp.formula 
_chem_comp.formula_weight 
0QW non-polymer         . '(2-hydroxyphenyl)(pyrrolidin-1-yl)methanethione' ? 'C11 H13 N O S'     207.292 
ALA 'L-peptide linking' y ALANINE                                           ? 'C3 H7 N O2'        89.093  
ARG 'L-peptide linking' y ARGININE                                          ? 'C6 H15 N4 O2 1'    175.209 
ASN 'L-peptide linking' y ASPARAGINE                                        ? 'C4 H8 N2 O3'       132.118 
ASP 'L-peptide linking' y 'ASPARTIC ACID'                                   ? 'C4 H7 N O4'        133.103 
CYS 'L-peptide linking' y CYSTEINE                                          ? 'C3 H7 N O2 S'      121.158 
GDP 'RNA linking'       n "GUANOSINE-5'-DIPHOSPHATE"                        ? 'C10 H15 N5 O11 P2' 443.201 
GLN 'L-peptide linking' y GLUTAMINE                                         ? 'C5 H10 N2 O3'      146.144 
GLU 'L-peptide linking' y 'GLUTAMIC ACID'                                   ? 'C5 H9 N O4'        147.129 
GLY 'peptide linking'   y GLYCINE                                           ? 'C2 H5 N O2'        75.067  
HIS 'L-peptide linking' y HISTIDINE                                         ? 'C6 H10 N3 O2 1'    156.162 
HOH non-polymer         . WATER                                             ? 'H2 O'              18.015  
ILE 'L-peptide linking' y ISOLEUCINE                                        ? 'C6 H13 N O2'       131.173 
LEU 'L-peptide linking' y LEUCINE                                           ? 'C6 H13 N O2'       131.173 
LYS 'L-peptide linking' y LYSINE                                            ? 'C6 H15 N2 O2 1'    147.195 
MET 'L-peptide linking' y METHIONINE                                        ? 'C5 H11 N O2 S'     149.211 
MG  non-polymer         . 'MAGNESIUM ION'                                   ? 'Mg 2'              24.305  
PHE 'L-peptide linking' y PHENYLALANINE                                     ? 'C9 H11 N O2'       165.189 
PRO 'L-peptide linking' y PROLINE                                           ? 'C5 H9 N O2'        115.130 
SER 'L-peptide linking' y SERINE                                            ? 'C3 H7 N O3'        105.093 
THR 'L-peptide linking' y THREONINE                                         ? 'C4 H9 N O3'        119.119 
TYR 'L-peptide linking' y TYROSINE                                          ? 'C9 H11 N O3'       181.189 
VAL 'L-peptide linking' y VALINE                                            ? 'C5 H11 N O2'       117.146 
# 
_exptl.entry_id          4EPT 
_exptl.method            'X-RAY DIFFRACTION' 
_exptl.crystals_number   1 
# 
_exptl_crystal.id                    1 
_exptl_crystal.density_meas          ? 
_exptl_crystal.density_Matthews      2.41 
_exptl_crystal.density_percent_sol   48.91 
_exptl_crystal.description           ? 
_exptl_crystal.F_000                 ? 
_exptl_crystal.preparation           ? 
# 
_exptl_crystal_grow.crystal_id      1 
_exptl_crystal_grow.method          'VAPOR DIFFUSION, HANGING DROP' 
_exptl_crystal_grow.temp            291 
_exptl_crystal_grow.temp_details    ? 
_exptl_crystal_grow.pH              6.5 
_exptl_crystal_grow.pdbx_details    
'30% PEG8000, 0.1 M MES, 0.2 M sodium acetate, pH 6.5, VAPOR DIFFUSION, HANGING DROP, temperature 291K' 
_exptl_crystal_grow.pdbx_pH_range   ? 
# 
_diffrn.id                     1 
_diffrn.ambient_temp           100 
_diffrn.ambient_temp_details   ? 
_diffrn.crystal_id             1 
# 
_diffrn_detector.diffrn_id              1 
_diffrn_detector.detector               CCD 
_diffrn_detector.type                   'Bruker Platinum 135' 
_diffrn_detector.pdbx_collection_date   2011-02-10 
_diffrn_detector.details                ? 
# 
_diffrn_radiation.diffrn_id                        1 
_diffrn_radiation.wavelength_id                    1 
_diffrn_radiation.pdbx_monochromatic_or_laue_m_l   M 
_diffrn_radiation.monochromator                    'Montel confocal, multi-layer mirrors' 
_diffrn_radiation.pdbx_diffrn_protocol             'SINGLE WAVELENGTH' 
_diffrn_radiation.pdbx_scattering_type             x-ray 
# 
_diffrn_radiation_wavelength.id           1 
_diffrn_radiation_wavelength.wavelength   1.5418 
_diffrn_radiation_wavelength.wt           1.0 
# 
_diffrn_source.diffrn_id                   1 
_diffrn_source.source                      'ROTATING ANODE' 
_diffrn_source.type                        'BRUKER AXS MICROSTAR' 
_diffrn_source.pdbx_synchrotron_site       ? 
_diffrn_source.pdbx_synchrotron_beamline   ? 
_diffrn_source.pdbx_wavelength             ? 
_diffrn_source.pdbx_wavelength_list        1.5418 
# 
_reflns.entry_id                     4EPT 
_reflns.observed_criterion_sigma_I   -3 
_reflns.observed_criterion_sigma_F   0 
_reflns.d_resolution_low             50 
_reflns.d_resolution_high            2 
_reflns.number_obs                   12614 
_reflns.number_all                   12685 
_reflns.percent_possible_obs         99.5 
_reflns.pdbx_Rmerge_I_obs            0.113 
_reflns.pdbx_Rsym_value              ? 
_reflns.pdbx_netI_over_sigmaI        10.2 
_reflns.B_iso_Wilson_estimate        ? 
_reflns.pdbx_redundancy              4.7 
_reflns.R_free_details               ? 
_reflns.limit_h_max                  ? 
_reflns.limit_h_min                  ? 
_reflns.limit_k_max                  ? 
_reflns.limit_k_min                  ? 
_reflns.limit_l_max                  ? 
_reflns.limit_l_min                  ? 
_reflns.observed_criterion_F_max     ? 
_reflns.observed_criterion_F_min     ? 
_reflns.pdbx_chi_squared             ? 
_reflns.pdbx_scaling_rejects         ? 
_reflns.pdbx_ordinal                 1 
_reflns.pdbx_diffrn_id               1 
# 
_reflns_shell.d_res_high             2 
_reflns_shell.d_res_low              2.03 
_reflns_shell.percent_possible_all   99.7 
_reflns_shell.Rmerge_I_obs           0.28 
_reflns_shell.pdbx_Rsym_value        ? 
_reflns_shell.meanI_over_sigI_obs    4.1 
_reflns_shell.pdbx_redundancy        2.8 
_reflns_shell.percent_possible_obs   ? 
_reflns_shell.number_unique_all      ? 
_reflns_shell.number_measured_all    ? 
_reflns_shell.number_measured_obs    ? 
_reflns_shell.number_unique_obs      ? 
_reflns_shell.pdbx_chi_squared       ? 
_reflns_shell.pdbx_ordinal           1 
_reflns_shell.pdbx_diffrn_id         1 
# 
_refine.entry_id                                 4EPT 
_refine.ls_number_reflns_obs                     11632 
_refine.ls_number_reflns_all                     12685 
_refine.pdbx_ls_sigma_I                          ? 
_refine.pdbx_ls_sigma_F                          . 
_refine.pdbx_data_cutoff_high_absF               ? 
_refine.pdbx_data_cutoff_low_absF                ? 
_refine.pdbx_data_cutoff_high_rms_absF           ? 
_refine.ls_d_res_low                             50.00 
_refine.ls_d_res_high                            2.00 
_refine.ls_percent_reflns_obs                    96.48 
_refine.ls_R_factor_obs                          0.23157 
_refine.ls_R_factor_all                          ? 
_refine.ls_R_factor_R_work                       0.22934 
_refine.ls_R_factor_R_free                       0.27436 
_refine.ls_R_factor_R_free_error                 ? 
_refine.ls_R_factor_R_free_error_details         ? 
_refine.ls_percent_reflns_R_free                 4.9 
_refine.ls_number_reflns_R_free                  596 
_refine.ls_number_parameters                     ? 
_refine.ls_number_restraints                     ? 
_refine.occupancy_min                            ? 
_refine.occupancy_max                            ? 
_refine.correlation_coeff_Fo_to_Fc               0.916 
_refine.correlation_coeff_Fo_to_Fc_free          0.874 
_refine.B_iso_mean                               20.261 
_refine.aniso_B[1][1]                            -0.17 
_refine.aniso_B[2][2]                            -0.17 
_refine.aniso_B[3][3]                            0.26 
_refine.aniso_B[1][2]                            -0.09 
_refine.aniso_B[1][3]                            0.00 
_refine.aniso_B[2][3]                            0.00 
_refine.solvent_model_details                    MASK 
_refine.solvent_model_param_ksol                 ? 
_refine.solvent_model_param_bsol                 ? 
_refine.pdbx_solvent_vdw_probe_radii             1.40 
_refine.pdbx_solvent_ion_probe_radii             0.80 
_refine.pdbx_solvent_shrinkage_radii             0.80 
_refine.pdbx_ls_cross_valid_method               THROUGHOUT 
_refine.details                                  'HYDROGENS HAVE BEEN ADDED IN THE RIDING POSITIONS' 
_refine.pdbx_starting_model                      'pdb entry 1LF5' 
_refine.pdbx_method_to_determine_struct          'MOLECULAR REPLACEMENT' 
_refine.pdbx_isotropic_thermal_model             ? 
_refine.pdbx_stereochemistry_target_values       'MAXIMUM LIKELIHOOD' 
_refine.pdbx_stereochem_target_val_spec_case     ? 
_refine.pdbx_R_Free_selection_details            RANDOM 
_refine.pdbx_overall_ESU_R                       0.241 
_refine.pdbx_overall_ESU_R_Free                  0.202 
_refine.overall_SU_ML                            0.146 
_refine.pdbx_overall_phase_error                 ? 
_refine.overall_SU_B                             5.351 
_refine.overall_SU_R_Cruickshank_DPI             ? 
_refine.ls_redundancy_reflns_obs                 ? 
_refine.B_iso_min                                ? 
_refine.B_iso_max                                ? 
_refine.overall_SU_R_free                        ? 
_refine.ls_wR_factor_R_free                      ? 
_refine.ls_wR_factor_R_work                      ? 
_refine.overall_FOM_free_R_set                   ? 
_refine.overall_FOM_work_R_set                   ? 
_refine.pdbx_diffrn_id                           1 
_refine.pdbx_refine_id                           'X-RAY DIFFRACTION' 
_refine.pdbx_TLS_residual_ADP_flag               ? 
_refine.pdbx_overall_SU_R_free_Cruickshank_DPI   ? 
_refine.pdbx_overall_SU_R_Blow_DPI               ? 
_refine.pdbx_overall_SU_R_free_Blow_DPI          ? 
# 
_refine_hist.pdbx_refine_id                   'X-RAY DIFFRACTION' 
_refine_hist.cycle_id                         LAST 
_refine_hist.pdbx_number_atoms_protein        1323 
_refine_hist.pdbx_number_atoms_nucleic_acid   0 
_refine_hist.pdbx_number_atoms_ligand         43 
_refine_hist.number_atoms_solvent             116 
_refine_hist.number_atoms_total               1482 
_refine_hist.d_res_high                       2.00 
_refine_hist.d_res_low                        50.00 
# 
loop_
_refine_ls_restr.type 
_refine_ls_restr.dev_ideal 
_refine_ls_restr.dev_ideal_target 
_refine_ls_restr.weight 
_refine_ls_restr.number 
_refine_ls_restr.pdbx_restraint_function 
_refine_ls_restr.pdbx_refine_id 
r_bond_refined_d       0.024  0.022  ? 1389 ? 'X-RAY DIFFRACTION' 
r_angle_refined_deg    2.024  1.994  ? 1881 ? 'X-RAY DIFFRACTION' 
r_dihedral_angle_1_deg 7.145  5.000  ? 165  ? 'X-RAY DIFFRACTION' 
r_dihedral_angle_2_deg 42.708 24.412 ? 68   ? 'X-RAY DIFFRACTION' 
r_dihedral_angle_3_deg 17.125 15.000 ? 243  ? 'X-RAY DIFFRACTION' 
r_dihedral_angle_4_deg 22.625 15.000 ? 10   ? 'X-RAY DIFFRACTION' 
r_chiral_restr         0.139  0.200  ? 208  ? 'X-RAY DIFFRACTION' 
r_gen_planes_refined   0.010  0.021  ? 1042 ? 'X-RAY DIFFRACTION' 
r_mcbond_it            1.261  1.500  ? 822  ? 'X-RAY DIFFRACTION' 
r_mcbond_other         ?      ?      ? ?    ? 'X-RAY DIFFRACTION' 
r_mcangle_it           2.248  2.000  ? 1333 ? 'X-RAY DIFFRACTION' 
r_scbond_it            3.481  3.000  ? 567  ? 'X-RAY DIFFRACTION' 
r_scangle_it           5.171  4.500  ? 548  ? 'X-RAY DIFFRACTION' 
r_rigid_bond_restr     ?      ?      ? ?    ? 'X-RAY DIFFRACTION' 
r_sphericity_free      ?      ?      ? ?    ? 'X-RAY DIFFRACTION' 
r_sphericity_bonded    ?      ?      ? ?    ? 'X-RAY DIFFRACTION' 
# 
_refine_ls_shell.pdbx_total_number_of_bins_used   20 
_refine_ls_shell.d_res_high                       2.000 
_refine_ls_shell.d_res_low                        2.052 
_refine_ls_shell.number_reflns_R_work             878 
_refine_ls_shell.R_factor_R_work                  0.218 
_refine_ls_shell.percent_reflns_obs               99.25 
_refine_ls_shell.R_factor_R_free                  0.297 
_refine_ls_shell.R_factor_R_free_error            ? 
_refine_ls_shell.percent_reflns_R_free            ? 
_refine_ls_shell.number_reflns_R_free             50 
_refine_ls_shell.number_reflns_all                ? 
_refine_ls_shell.R_factor_all                     ? 
_refine_ls_shell.number_reflns_obs                ? 
_refine_ls_shell.redundancy_reflns_obs            ? 
_refine_ls_shell.pdbx_refine_id                   'X-RAY DIFFRACTION' 
# 
_struct.entry_id                  4EPT 
_struct.title                     'Discovery of Small Molecules that Bind to K-Ras and Inhibit Sos-mediated Activation' 
_struct.pdbx_model_details        ? 
_struct.pdbx_CASP_flag            ? 
_struct.pdbx_model_type_details   ? 
# 
_struct_keywords.entry_id        4EPT 
_struct_keywords.pdbx_keywords   HYDROLASE 
_struct_keywords.text            'small GTPase, Signaling transduction, SOS, Raf, Ral, PI3K, cytosol, binder, HYDROLASE' 
# 
loop_
_struct_asym.id 
_struct_asym.pdbx_blank_PDB_chainid_flag 
_struct_asym.pdbx_modified 
_struct_asym.entity_id 
_struct_asym.details 
A N N 1 ? 
B N N 2 ? 
C N N 3 ? 
D N N 4 ? 
E N N 5 ? 
# 
_struct_biol.id        1 
_struct_biol.details   ? 
# 
loop_
_struct_conf.conf_type_id 
_struct_conf.id 
_struct_conf.pdbx_PDB_helix_id 
_struct_conf.beg_label_comp_id 
_struct_conf.beg_label_asym_id 
_struct_conf.beg_label_seq_id 
_struct_conf.pdbx_beg_PDB_ins_code 
_struct_conf.end_label_comp_id 
_struct_conf.end_label_asym_id 
_struct_conf.end_label_seq_id 
_struct_conf.pdbx_end_PDB_ins_code 
_struct_conf.beg_auth_comp_id 
_struct_conf.beg_auth_asym_id 
_struct_conf.beg_auth_seq_id 
_struct_conf.end_auth_comp_id 
_struct_conf.end_auth_asym_id 
_struct_conf.end_auth_seq_id 
_struct_conf.pdbx_PDB_helix_class 
_struct_conf.details 
_struct_conf.pdbx_PDB_helix_length 
HELX_P HELX_P1 1 GLY A 16  ? ASN A 27  ? GLY A 15  ASN A 26  1 ? 12 
HELX_P HELX_P2 2 SER A 66  ? GLY A 76  ? SER A 65  GLY A 75  1 ? 11 
HELX_P HELX_P3 3 ASN A 87  ? ASP A 93  ? ASN A 86  ASP A 92  1 ? 7  
HELX_P HELX_P4 4 ASP A 93  ? LYS A 105 ? ASP A 92  LYS A 104 1 ? 13 
HELX_P HELX_P5 5 ASP A 127 ? GLY A 139 ? ASP A 126 GLY A 138 1 ? 13 
HELX_P HELX_P6 6 GLY A 152 ? HIS A 167 ? GLY A 151 HIS A 166 1 ? 16 
# 
_struct_conf_type.id          HELX_P 
_struct_conf_type.criteria    ? 
_struct_conf_type.reference   ? 
# 
loop_
_struct_conn.id 
_struct_conn.conn_type_id 
_struct_conn.pdbx_leaving_atom_flag 
_struct_conn.pdbx_PDB_id 
_struct_conn.ptnr1_label_asym_id 
_struct_conn.ptnr1_label_comp_id 
_struct_conn.ptnr1_label_seq_id 
_struct_conn.ptnr1_label_atom_id 
_struct_conn.pdbx_ptnr1_label_alt_id 
_struct_conn.pdbx_ptnr1_PDB_ins_code 
_struct_conn.pdbx_ptnr1_standard_comp_id 
_struct_conn.ptnr1_symmetry 
_struct_conn.ptnr2_label_asym_id 
_struct_conn.ptnr2_label_comp_id 
_struct_conn.ptnr2_label_seq_id 
_struct_conn.ptnr2_label_atom_id 
_struct_conn.pdbx_ptnr2_label_alt_id 
_struct_conn.pdbx_ptnr2_PDB_ins_code 
_struct_conn.ptnr1_auth_asym_id 
_struct_conn.ptnr1_auth_comp_id 
_struct_conn.ptnr1_auth_seq_id 
_struct_conn.ptnr2_auth_asym_id 
_struct_conn.ptnr2_auth_comp_id 
_struct_conn.ptnr2_auth_seq_id 
_struct_conn.ptnr2_symmetry 
_struct_conn.pdbx_ptnr3_label_atom_id 
_struct_conn.pdbx_ptnr3_label_seq_id 
_struct_conn.pdbx_ptnr3_label_comp_id 
_struct_conn.pdbx_ptnr3_label_asym_id 
_struct_conn.pdbx_ptnr3_label_alt_id 
_struct_conn.pdbx_ptnr3_PDB_ins_code 
_struct_conn.details 
_struct_conn.pdbx_dist_value 
_struct_conn.pdbx_value_order 
_struct_conn.pdbx_role 
metalc1 metalc ? ? A SER 18 OG  ? ? ? 1_555 C MG  . MG ? ? A SER 17  A MG  202 1_555 ? ? ? ? ? ? ? 2.043 ? ? 
metalc2 metalc ? ? B GDP .  O2B ? ? ? 1_555 C MG  . MG ? ? A GDP 201 A MG  202 1_555 ? ? ? ? ? ? ? 2.106 ? ? 
metalc3 metalc ? ? C MG  .  MG  ? ? ? 1_555 E HOH . O  ? ? A MG  202 A HOH 304 1_555 ? ? ? ? ? ? ? 1.999 ? ? 
metalc4 metalc ? ? C MG  .  MG  ? ? ? 1_555 E HOH . O  ? ? A MG  202 A HOH 336 1_555 ? ? ? ? ? ? ? 2.118 ? ? 
metalc5 metalc ? ? C MG  .  MG  ? ? ? 1_555 E HOH . O  ? ? A MG  202 A HOH 347 1_555 ? ? ? ? ? ? ? 2.170 ? ? 
metalc6 metalc ? ? C MG  .  MG  ? ? ? 1_555 E HOH . O  ? ? A MG  202 A HOH 349 1_555 ? ? ? ? ? ? ? 2.122 ? ? 
# 
_struct_conn_type.id          metalc 
_struct_conn_type.criteria    ? 
_struct_conn_type.reference   ? 
# 
_struct_sheet.id               A 
_struct_sheet.type             ? 
_struct_sheet.number_strands   6 
_struct_sheet.details          ? 
# 
loop_
_struct_sheet_order.sheet_id 
_struct_sheet_order.range_id_1 
_struct_sheet_order.range_id_2 
_struct_sheet_order.offset 
_struct_sheet_order.sense 
A 1 2 ? anti-parallel 
A 2 3 ? parallel      
A 3 4 ? parallel      
A 4 5 ? parallel      
A 5 6 ? parallel      
# 
loop_
_struct_sheet_range.sheet_id 
_struct_sheet_range.id 
_struct_sheet_range.beg_label_comp_id 
_struct_sheet_range.beg_label_asym_id 
_struct_sheet_range.beg_label_seq_id 
_struct_sheet_range.pdbx_beg_PDB_ins_code 
_struct_sheet_range.end_label_comp_id 
_struct_sheet_range.end_label_asym_id 
_struct_sheet_range.end_label_seq_id 
_struct_sheet_range.pdbx_end_PDB_ins_code 
_struct_sheet_range.beg_auth_comp_id 
_struct_sheet_range.beg_auth_asym_id 
_struct_sheet_range.beg_auth_seq_id 
_struct_sheet_range.end_auth_comp_id 
_struct_sheet_range.end_auth_asym_id 
_struct_sheet_range.end_auth_seq_id 
A 1 ASP A 39  ? ILE A 47  ? ASP A 38  ILE A 46  
A 2 GLU A 50  ? ASP A 58  ? GLU A 49  ASP A 57  
A 3 GLU A 4   ? VAL A 10  ? GLU A 3   VAL A 9   
A 4 GLY A 78  ? ALA A 84  ? GLY A 77  ALA A 83  
A 5 MET A 112 ? ASN A 117 ? MET A 111 ASN A 116 
A 6 PHE A 142 ? GLU A 144 ? PHE A 141 GLU A 143 
# 
loop_
_pdbx_struct_sheet_hbond.sheet_id 
_pdbx_struct_sheet_hbond.range_id_1 
_pdbx_struct_sheet_hbond.range_id_2 
_pdbx_struct_sheet_hbond.range_1_label_atom_id 
_pdbx_struct_sheet_hbond.range_1_label_comp_id 
_pdbx_struct_sheet_hbond.range_1_label_asym_id 
_pdbx_struct_sheet_hbond.range_1_label_seq_id 
_pdbx_struct_sheet_hbond.range_1_PDB_ins_code 
_pdbx_struct_sheet_hbond.range_1_auth_atom_id 
_pdbx_struct_sheet_hbond.range_1_auth_comp_id 
_pdbx_struct_sheet_hbond.range_1_auth_asym_id 
_pdbx_struct_sheet_hbond.range_1_auth_seq_id 
_pdbx_struct_sheet_hbond.range_2_label_atom_id 
_pdbx_struct_sheet_hbond.range_2_label_comp_id 
_pdbx_struct_sheet_hbond.range_2_label_asym_id 
_pdbx_struct_sheet_hbond.range_2_label_seq_id 
_pdbx_struct_sheet_hbond.range_2_PDB_ins_code 
_pdbx_struct_sheet_hbond.range_2_auth_atom_id 
_pdbx_struct_sheet_hbond.range_2_auth_comp_id 
_pdbx_struct_sheet_hbond.range_2_auth_asym_id 
_pdbx_struct_sheet_hbond.range_2_auth_seq_id 
A 1 2 N LYS A 43  ? N LYS A 42  O LEU A 54  ? O LEU A 53  
A 2 3 O LEU A 57  ? O LEU A 56  N VAL A 9   ? N VAL A 8   
A 3 4 N VAL A 10  ? N VAL A 9   O LEU A 80  ? O LEU A 79  
A 4 5 N PHE A 83  ? N PHE A 82  O ASN A 117 ? O ASN A 116 
A 5 6 N LEU A 114 ? N LEU A 113 O ILE A 143 ? O ILE A 142 
# 
loop_
_struct_site.id 
_struct_site.pdbx_evidence_code 
_struct_site.pdbx_auth_asym_id 
_struct_site.pdbx_auth_comp_id 
_struct_site.pdbx_auth_seq_id 
_struct_site.pdbx_auth_ins_code 
_struct_site.pdbx_num_residues 
_struct_site.details 
AC1 Software A GDP 201 ? 24 'BINDING SITE FOR RESIDUE GDP A 201' 
AC2 Software A MG  202 ? 6  'BINDING SITE FOR RESIDUE MG A 202'  
AC3 Software A 0QW 203 ? 9  'BINDING SITE FOR RESIDUE 0QW A 203' 
# 
loop_
_struct_site_gen.id 
_struct_site_gen.site_id 
_struct_site_gen.pdbx_num_res 
_struct_site_gen.label_comp_id 
_struct_site_gen.label_asym_id 
_struct_site_gen.label_seq_id 
_struct_site_gen.pdbx_auth_ins_code 
_struct_site_gen.auth_comp_id 
_struct_site_gen.auth_asym_id 
_struct_site_gen.auth_seq_id 
_struct_site_gen.label_atom_id 
_struct_site_gen.label_alt_id 
_struct_site_gen.symmetry 
_struct_site_gen.details 
1  AC1 24 GLY A 14  ? GLY A 13  . ? 1_555 ? 
2  AC1 24 VAL A 15  ? VAL A 14  . ? 1_555 ? 
3  AC1 24 GLY A 16  ? GLY A 15  . ? 1_555 ? 
4  AC1 24 LYS A 17  ? LYS A 16  . ? 1_555 ? 
5  AC1 24 SER A 18  ? SER A 17  . ? 1_555 ? 
6  AC1 24 ALA A 19  ? ALA A 18  . ? 1_555 ? 
7  AC1 24 PHE A 29  ? PHE A 28  . ? 1_555 ? 
8  AC1 24 ASP A 31  ? ASP A 30  . ? 1_555 ? 
9  AC1 24 GLU A 32  ? GLU A 31  . ? 1_555 ? 
10 AC1 24 TYR A 33  ? TYR A 32  . ? 1_555 ? 
11 AC1 24 ASN A 117 ? ASN A 116 . ? 1_555 ? 
12 AC1 24 LYS A 118 ? LYS A 117 . ? 1_555 ? 
13 AC1 24 ASP A 120 ? ASP A 119 . ? 1_555 ? 
14 AC1 24 LEU A 121 ? LEU A 120 . ? 1_555 ? 
15 AC1 24 SER A 146 ? SER A 145 . ? 1_555 ? 
16 AC1 24 ALA A 147 ? ALA A 146 . ? 1_555 ? 
17 AC1 24 LYS A 148 ? LYS A 147 . ? 1_555 ? 
18 AC1 24 MG  C .   ? MG  A 202 . ? 1_555 ? 
19 AC1 24 HOH E .   ? HOH A 304 . ? 1_555 ? 
20 AC1 24 HOH E .   ? HOH A 309 . ? 1_555 ? 
21 AC1 24 HOH E .   ? HOH A 327 . ? 1_555 ? 
22 AC1 24 HOH E .   ? HOH A 336 . ? 1_555 ? 
23 AC1 24 HOH E .   ? HOH A 349 . ? 1_555 ? 
24 AC1 24 HOH E .   ? HOH A 363 . ? 1_555 ? 
25 AC2 6  SER A 18  ? SER A 17  . ? 1_555 ? 
26 AC2 6  GDP B .   ? GDP A 201 . ? 1_555 ? 
27 AC2 6  HOH E .   ? HOH A 304 . ? 1_555 ? 
28 AC2 6  HOH E .   ? HOH A 336 . ? 1_555 ? 
29 AC2 6  HOH E .   ? HOH A 347 . ? 1_555 ? 
30 AC2 6  HOH E .   ? HOH A 349 . ? 1_555 ? 
31 AC3 9  LYS A 6   ? LYS A 5   . ? 1_555 ? 
32 AC3 9  LEU A 7   ? LEU A 6   . ? 1_555 ? 
33 AC3 9  VAL A 8   ? VAL A 7   . ? 1_555 ? 
34 AC3 9  ILE A 25  ? ILE A 24  . ? 4_664 ? 
35 AC3 9  GLN A 26  ? GLN A 25  . ? 4_664 ? 
36 AC3 9  SER A 40  ? SER A 39  . ? 1_555 ? 
37 AC3 9  ASP A 55  ? ASP A 54  . ? 1_555 ? 
38 AC3 9  TYR A 72  ? TYR A 71  . ? 1_555 ? 
39 AC3 9  HOH E .   ? HOH A 351 . ? 1_555 ? 
# 
_atom_sites.entry_id                    4EPT 
_atom_sites.fract_transf_matrix[1][1]   -0.00005688 
_atom_sites.fract_transf_matrix[1][2]   0.00449391 
_atom_sites.fract_transf_matrix[1][3]   0.01156580 
_atom_sites.fract_transf_matrix[2][1]   0.01066363 
_atom_sites.fract_transf_matrix[2][2]   0.00327151 
_atom_sites.fract_transf_matrix[2][3]   0.00543760 
_atom_sites.fract_transf_matrix[3][1]   -0.00270146 
_atom_sites.fract_transf_matrix[3][2]   0.02492379 
_atom_sites.fract_transf_matrix[3][3]   -0.00969748 
_atom_sites.fract_transf_vector[1]      0.688790 
_atom_sites.fract_transf_vector[2]      0.578105 
_atom_sites.fract_transf_vector[3]      0.541078 
# 
loop_
_atom_type.symbol 
C  
MG 
N  
O  
P  
S  
# 
loop_
_atom_site.group_PDB 
_atom_site.id 
_atom_site.type_symbol 
_atom_site.label_atom_id 
_atom_site.label_alt_id 
_atom_site.label_comp_id 
_atom_site.label_asym_id 
_atom_site.label_entity_id 
_atom_site.label_seq_id 
_atom_site.pdbx_PDB_ins_code 
_atom_site.Cartn_x 
_atom_site.Cartn_y 
_atom_site.Cartn_z 
_atom_site.occupancy 
_atom_site.B_iso_or_equiv 
_atom_site.pdbx_formal_charge 
_atom_site.auth_seq_id 
_atom_site.auth_comp_id 
_atom_site.auth_asym_id 
_atom_site.auth_atom_id 
_atom_site.pdbx_PDB_model_num 
ATOM   1    N  N     . MET A 1 2   ? 16.178  0.913   -14.352 1.00 34.21 ? 1   MET A N     1 
ATOM   2    C  CA    . MET A 1 2   ? 16.710  -0.493  -14.572 1.00 35.30 ? 1   MET A CA    1 
ATOM   3    C  C     . MET A 1 2   ? 16.834  -1.517  -13.402 1.00 33.76 ? 1   MET A C     1 
ATOM   4    O  O     . MET A 1 2   ? 16.717  -2.718  -13.632 1.00 33.10 ? 1   MET A O     1 
ATOM   5    C  CB    . MET A 1 2   ? 17.955  -0.518  -15.476 1.00 36.17 ? 1   MET A CB    1 
ATOM   6    C  CG    . MET A 1 2   ? 18.534  -1.915  -15.717 1.00 40.03 ? 1   MET A CG    1 
ATOM   7    S  SD    . MET A 1 2   ? 19.997  -2.060  -14.673 1.00 53.51 ? 1   MET A SD    1 
ATOM   8    C  CE    . MET A 1 2   ? 21.069  -3.165  -15.647 1.00 48.85 ? 1   MET A CE    1 
ATOM   9    N  N     . THR A 1 3   ? 17.083  -1.094  -12.161 1.00 32.60 ? 2   THR A N     1 
ATOM   10   C  CA    . THR A 1 3   ? 16.675  -1.996  -11.057 1.00 31.53 ? 2   THR A CA    1 
ATOM   11   C  C     . THR A 1 3   ? 15.115  -1.941  -10.980 1.00 29.22 ? 2   THR A C     1 
ATOM   12   O  O     . THR A 1 3   ? 14.501  -0.889  -11.220 1.00 26.56 ? 2   THR A O     1 
ATOM   13   C  CB    . THR A 1 3   ? 17.350  -1.674  -9.689  1.00 32.88 ? 2   THR A CB    1 
ATOM   14   O  OG1   . THR A 1 3   ? 16.873  -0.414  -9.204  1.00 35.72 ? 2   THR A OG1   1 
ATOM   15   C  CG2   . THR A 1 3   ? 18.899  -1.598  -9.816  1.00 32.90 ? 2   THR A CG2   1 
ATOM   16   N  N     . GLU A 1 4   ? 14.504  -3.101  -10.753 1.00 27.71 ? 3   GLU A N     1 
ATOM   17   C  CA    . GLU A 1 4   ? 13.044  -3.261  -10.751 1.00 26.73 ? 3   GLU A CA    1 
ATOM   18   C  C     . GLU A 1 4   ? 12.665  -3.539  -9.289  1.00 24.57 ? 3   GLU A C     1 
ATOM   19   O  O     . GLU A 1 4   ? 13.383  -4.294  -8.626  1.00 22.61 ? 3   GLU A O     1 
ATOM   20   C  CB    . GLU A 1 4   ? 12.679  -4.485  -11.604 1.00 27.82 ? 3   GLU A CB    1 
ATOM   21   C  CG    . GLU A 1 4   ? 11.212  -4.933  -11.540 1.00 33.66 ? 3   GLU A CG    1 
ATOM   22   C  CD    . GLU A 1 4   ? 10.802  -5.890  -12.699 1.00 40.86 ? 3   GLU A CD    1 
ATOM   23   O  OE1   . GLU A 1 4   ? 10.907  -5.484  -13.898 1.00 42.61 ? 3   GLU A OE1   1 
ATOM   24   O  OE2   . GLU A 1 4   ? 10.334  -7.030  -12.395 1.00 41.05 ? 3   GLU A OE2   1 
ATOM   25   N  N     . TYR A 1 5   ? 11.584  -2.915  -8.795  1.00 21.45 ? 4   TYR A N     1 
ATOM   26   C  CA    . TYR A 1 5   ? 11.038  -3.254  -7.465  1.00 18.50 ? 4   TYR A CA    1 
ATOM   27   C  C     . TYR A 1 5   ? 9.629   -3.869  -7.598  1.00 16.93 ? 4   TYR A C     1 
ATOM   28   O  O     . TYR A 1 5   ? 8.793   -3.314  -8.273  1.00 15.11 ? 4   TYR A O     1 
ATOM   29   C  CB    . TYR A 1 5   ? 10.927  -2.013  -6.587  1.00 18.88 ? 4   TYR A CB    1 
ATOM   30   C  CG    . TYR A 1 5   ? 12.267  -1.332  -6.336  1.00 20.41 ? 4   TYR A CG    1 
ATOM   31   C  CD1   . TYR A 1 5   ? 13.171  -1.886  -5.465  1.00 21.66 ? 4   TYR A CD1   1 
ATOM   32   C  CD2   . TYR A 1 5   ? 12.634  -0.172  -7.021  1.00 19.87 ? 4   TYR A CD2   1 
ATOM   33   C  CE1   . TYR A 1 5   ? 14.396  -1.283  -5.233  1.00 22.23 ? 4   TYR A CE1   1 
ATOM   34   C  CE2   . TYR A 1 5   ? 13.889  0.433   -6.803  1.00 20.49 ? 4   TYR A CE2   1 
ATOM   35   C  CZ    . TYR A 1 5   ? 14.736  -0.123  -5.911  1.00 22.91 ? 4   TYR A CZ    1 
ATOM   36   O  OH    . TYR A 1 5   ? 15.969  0.451   -5.684  1.00 22.83 ? 4   TYR A OH    1 
ATOM   37   N  N     . LYS A 1 6   ? 9.417   -5.011  -6.963  1.00 15.01 ? 5   LYS A N     1 
ATOM   38   C  CA    . LYS A 1 6   ? 8.138   -5.690  -6.937  1.00 14.76 ? 5   LYS A CA    1 
ATOM   39   C  C     . LYS A 1 6   ? 7.395   -5.152  -5.705  1.00 13.57 ? 5   LYS A C     1 
ATOM   40   O  O     . LYS A 1 6   ? 7.828   -5.308  -4.568  1.00 12.19 ? 5   LYS A O     1 
ATOM   41   C  CB    . LYS A 1 6   ? 8.378   -7.197  -6.846  1.00 15.39 ? 5   LYS A CB    1 
ATOM   42   C  CG    . LYS A 1 6   ? 8.830   -7.931  -8.167  1.00 17.13 ? 5   LYS A CG    1 
ATOM   43   C  CD    . LYS A 1 6   ? 7.641   -8.339  -8.995  1.00 24.58 ? 5   LYS A CD    1 
ATOM   44   C  CE    . LYS A 1 6   ? 7.930   -9.627  -9.882  1.00 31.87 ? 5   LYS A CE    1 
ATOM   45   N  NZ    . LYS A 1 6   ? 8.430   -9.358  -11.304 1.00 31.14 ? 5   LYS A NZ    1 
ATOM   46   N  N     . LEU A 1 7   ? 6.358   -4.378  -5.943  1.00 12.78 ? 6   LEU A N     1 
ATOM   47   C  CA    . LEU A 1 7   ? 5.597   -3.788  -4.848  1.00 12.32 ? 6   LEU A CA    1 
ATOM   48   C  C     . LEU A 1 7   ? 4.236   -4.476  -4.813  1.00 11.56 ? 6   LEU A C     1 
ATOM   49   O  O     . LEU A 1 7   ? 3.660   -4.793  -5.869  1.00 9.87  ? 6   LEU A O     1 
ATOM   50   C  CB    . LEU A 1 7   ? 5.396   -2.277  -5.121  1.00 13.52 ? 6   LEU A CB    1 
ATOM   51   C  CG    . LEU A 1 7   ? 6.753   -1.524  -5.087  1.00 15.16 ? 6   LEU A CG    1 
ATOM   52   C  CD1   . LEU A 1 7   ? 6.453   -0.042  -5.226  1.00 9.77  ? 6   LEU A CD1   1 
ATOM   53   C  CD2   . LEU A 1 7   ? 7.604   -1.833  -3.801  1.00 13.49 ? 6   LEU A CD2   1 
ATOM   54   N  N     . VAL A 1 8   ? 3.707   -4.657  -3.604  1.00 11.00 ? 7   VAL A N     1 
ATOM   55   C  CA    . VAL A 1 8   ? 2.401   -5.250  -3.431  1.00 11.39 ? 7   VAL A CA    1 
ATOM   56   C  C     . VAL A 1 8   ? 1.571   -4.315  -2.583  1.00 12.09 ? 7   VAL A C     1 
ATOM   57   O  O     . VAL A 1 8   ? 2.031   -3.898  -1.522  1.00 12.65 ? 7   VAL A O     1 
ATOM   58   C  CB    . VAL A 1 8   ? 2.551   -6.660  -2.713  1.00 11.68 ? 7   VAL A CB    1 
ATOM   59   C  CG1   . VAL A 1 8   ? 1.237   -7.166  -2.367  1.00 9.46  ? 7   VAL A CG1   1 
ATOM   60   C  CG2   . VAL A 1 8   ? 3.203   -7.658  -3.643  1.00 13.30 ? 7   VAL A CG2   1 
ATOM   61   N  N     . VAL A 1 9   ? 0.345   -3.998  -3.059  1.00 10.83 ? 8   VAL A N     1 
ATOM   62   C  CA    . VAL A 1 9   ? -0.558  -3.103  -2.375  1.00 10.15 ? 8   VAL A CA    1 
ATOM   63   C  C     . VAL A 1 9   ? -1.631  -3.955  -1.685  1.00 9.50  ? 8   VAL A C     1 
ATOM   64   O  O     . VAL A 1 9   ? -2.383  -4.706  -2.348  1.00 7.26  ? 8   VAL A O     1 
ATOM   65   C  CB    . VAL A 1 9   ? -1.214  -2.066  -3.361  1.00 9.51  ? 8   VAL A CB    1 
ATOM   66   C  CG1   . VAL A 1 9   ? -2.214  -1.182  -2.622  1.00 7.01  ? 8   VAL A CG1   1 
ATOM   67   C  CG2   . VAL A 1 9   ? -0.083  -1.213  -4.056  1.00 8.49  ? 8   VAL A CG2   1 
ATOM   68   N  N     . VAL A 1 10  ? -1.611  -3.895  -0.372  1.00 8.61  ? 9   VAL A N     1 
ATOM   69   C  CA    . VAL A 1 10  ? -2.524  -4.737  0.440   1.00 11.14 ? 9   VAL A CA    1 
ATOM   70   C  C     . VAL A 1 10  ? -3.505  -3.916  1.249   1.00 11.52 ? 9   VAL A C     1 
ATOM   71   O  O     . VAL A 1 10  ? -3.220  -2.737  1.520   1.00 12.26 ? 9   VAL A O     1 
ATOM   72   C  CB    . VAL A 1 10  ? -1.725  -5.767  1.354   1.00 11.68 ? 9   VAL A CB    1 
ATOM   73   C  CG1   . VAL A 1 10  ? -0.810  -6.662  0.435   1.00 10.68 ? 9   VAL A CG1   1 
ATOM   74   C  CG2   . VAL A 1 10  ? -0.884  -5.046  2.431   1.00 9.78  ? 9   VAL A CG2   1 
ATOM   75   N  N     . GLY A 1 11  ? -4.639  -4.534  1.657   1.00 11.57 ? 10  GLY A N     1 
ATOM   76   C  CA    . GLY A 1 11  ? -5.598  -3.836  2.517   1.00 10.18 ? 10  GLY A CA    1 
ATOM   77   C  C     . GLY A 1 11  ? -7.047  -4.216  2.243   1.00 10.70 ? 10  GLY A C     1 
ATOM   78   O  O     . GLY A 1 11  ? -7.336  -4.833  1.218   1.00 9.20  ? 10  GLY A O     1 
ATOM   79   N  N     . ALA A 1 12  ? -7.988  -3.902  3.153   1.00 10.91 ? 11  ALA A N     1 
ATOM   80   C  CA    . ALA A 1 12  ? -9.374  -4.417  2.918   1.00 10.20 ? 11  ALA A CA    1 
ATOM   81   C  C     . ALA A 1 12  ? -9.908  -3.946  1.542   1.00 10.85 ? 11  ALA A C     1 
ATOM   82   O  O     . ALA A 1 12  ? -9.551  -2.851  1.056   1.00 9.62  ? 11  ALA A O     1 
ATOM   83   C  CB    . ALA A 1 12  ? -10.391 -3.972  4.051   1.00 8.99  ? 11  ALA A CB    1 
ATOM   84   N  N     . GLY A 1 13  ? -10.877 -4.688  0.999   1.00 9.53  ? 12  GLY A N     1 
ATOM   85   C  CA    . GLY A 1 13  ? -11.653 -4.212  -0.137  1.00 7.68  ? 12  GLY A CA    1 
ATOM   86   C  C     . GLY A 1 13  ? -12.303 -2.846  0.149   1.00 9.17  ? 12  GLY A C     1 
ATOM   87   O  O     . GLY A 1 13  ? -12.816 -2.653  1.241   1.00 8.76  ? 12  GLY A O     1 
ATOM   88   N  N     . GLY A 1 14  ? -12.239 -1.904  -0.790  1.00 7.17  ? 13  GLY A N     1 
ATOM   89   C  CA    . GLY A 1 14  ? -12.934 -0.584  -0.627  1.00 9.72  ? 13  GLY A CA    1 
ATOM   90   C  C     . GLY A 1 14  ? -12.084 0.550   -0.025  1.00 10.32 ? 13  GLY A C     1 
ATOM   91   O  O     . GLY A 1 14  ? -12.562 1.671   0.045   1.00 11.01 ? 13  GLY A O     1 
ATOM   92   N  N     . VAL A 1 15  ? -10.815 0.268   0.373   1.00 9.05  ? 14  VAL A N     1 
ATOM   93   C  CA    . VAL A 1 15  ? -9.943  1.302   0.987   1.00 8.77  ? 14  VAL A CA    1 
ATOM   94   C  C     . VAL A 1 15  ? -9.337  2.236   -0.025  1.00 8.33  ? 14  VAL A C     1 
ATOM   95   O  O     . VAL A 1 15  ? -8.895  3.258   0.343   1.00 9.36  ? 14  VAL A O     1 
ATOM   96   C  CB    . VAL A 1 15  ? -8.780  0.714   1.881   1.00 7.33  ? 14  VAL A CB    1 
ATOM   97   C  CG1   . VAL A 1 15  ? -9.392  -0.147  2.977   1.00 6.44  ? 14  VAL A CG1   1 
ATOM   98   C  CG2   . VAL A 1 15  ? -7.754  -0.129  1.076   1.00 6.17  ? 14  VAL A CG2   1 
ATOM   99   N  N     . GLY A 1 16  ? -9.288  1.828   -1.284  1.00 8.87  ? 15  GLY A N     1 
ATOM   100  C  CA    . GLY A 1 16  ? -8.685  2.615   -2.336  1.00 7.97  ? 15  GLY A CA    1 
ATOM   101  C  C     . GLY A 1 16  ? -7.394  2.085   -2.947  1.00 7.33  ? 15  GLY A C     1 
ATOM   102  O  O     . GLY A 1 16  ? -6.652  2.867   -3.467  1.00 6.11  ? 15  GLY A O     1 
ATOM   103  N  N     . LYS A 1 17  ? -7.106  0.795   -2.840  1.00 7.79  ? 16  LYS A N     1 
ATOM   104  C  CA    . LYS A 1 17  ? -5.859  0.251   -3.426  1.00 8.33  ? 16  LYS A CA    1 
ATOM   105  C  C     . LYS A 1 17  ? -5.778  0.501   -4.979  1.00 9.75  ? 16  LYS A C     1 
ATOM   106  O  O     . LYS A 1 17  ? -4.721  0.912   -5.497  1.00 9.98  ? 16  LYS A O     1 
ATOM   107  C  CB    . LYS A 1 17  ? -5.704  -1.253  -3.136  1.00 10.04 ? 16  LYS A CB    1 
ATOM   108  C  CG    . LYS A 1 17  ? -5.719  -1.654  -1.623  1.00 6.14  ? 16  LYS A CG    1 
ATOM   109  C  CD    . LYS A 1 17  ? -5.707  -3.229  -1.463  1.00 7.30  ? 16  LYS A CD    1 
ATOM   110  C  CE    . LYS A 1 17  ? -6.834  -3.902  -2.256  1.00 8.30  ? 16  LYS A CE    1 
ATOM   111  N  NZ    . LYS A 1 17  ? -8.079  -3.628  -1.454  1.00 4.48  ? 16  LYS A NZ    1 
ATOM   112  N  N     . SER A 1 18  ? -6.870  0.239   -5.686  1.00 8.96  ? 17  SER A N     1 
ATOM   113  C  CA    . SER A 1 18  ? -6.910  0.443   -7.125  1.00 8.59  ? 17  SER A CA    1 
ATOM   114  C  C     . SER A 1 18  ? -6.906  1.982   -7.472  1.00 9.79  ? 17  SER A C     1 
ATOM   115  O  O     . SER A 1 18  ? -6.173  2.385   -8.384  1.00 9.76  ? 17  SER A O     1 
ATOM   116  C  CB    . SER A 1 18  ? -8.130  -0.240  -7.777  1.00 6.85  ? 17  SER A CB    1 
ATOM   117  O  OG    . SER A 1 18  ? -8.154  -1.633  -7.490  1.00 9.41  ? 17  SER A OG    1 
ATOM   118  N  N     . ALA A 1 19  ? -7.634  2.819   -6.719  1.00 9.34  ? 18  ALA A N     1 
ATOM   119  C  CA    . ALA A 1 19  ? -7.596  4.249   -6.973  1.00 8.93  ? 18  ALA A CA    1 
ATOM   120  C  C     . ALA A 1 19  ? -6.171  4.820   -6.767  1.00 8.36  ? 18  ALA A C     1 
ATOM   121  O  O     . ALA A 1 19  ? -5.765  5.615   -7.579  1.00 8.01  ? 18  ALA A O     1 
ATOM   122  C  CB    . ALA A 1 19  ? -8.672  5.008   -6.166  1.00 7.64  ? 18  ALA A CB    1 
ATOM   123  N  N     . LEU A 1 20  ? -5.416  4.358   -5.752  1.00 6.27  ? 19  LEU A N     1 
ATOM   124  C  CA    . LEU A 1 20  ? -4.029  4.816   -5.517  1.00 7.94  ? 19  LEU A CA    1 
ATOM   125  C  C     . LEU A 1 20  ? -3.112  4.447   -6.660  1.00 9.71  ? 19  LEU A C     1 
ATOM   126  O  O     . LEU A 1 20  ? -2.342  5.296   -7.152  1.00 13.49 ? 19  LEU A O     1 
ATOM   127  C  CB    . LEU A 1 20  ? -3.453  4.333   -4.170  1.00 5.78  ? 19  LEU A CB    1 
ATOM   128  C  CG    . LEU A 1 20  ? -4.079  5.005   -2.945  1.00 8.55  ? 19  LEU A CG    1 
ATOM   129  C  CD1   . LEU A 1 20  ? -3.776  4.181   -1.551  1.00 8.28  ? 19  LEU A CD1   1 
ATOM   130  C  CD2   . LEU A 1 20  ? -3.608  6.500   -2.868  1.00 6.17  ? 19  LEU A CD2   1 
ATOM   131  N  N     . THR A 1 21  ? -3.214  3.184   -7.065  1.00 10.59 ? 20  THR A N     1 
ATOM   132  C  CA    . THR A 1 21  ? -2.360  2.565   -8.065  1.00 10.65 ? 20  THR A CA    1 
ATOM   133  C  C     . THR A 1 21  ? -2.604  3.231   -9.397  1.00 12.31 ? 20  THR A C     1 
ATOM   134  O  O     . THR A 1 21  ? -1.630  3.551   -10.080 1.00 12.03 ? 20  THR A O     1 
ATOM   135  C  CB    . THR A 1 21  ? -2.614  1.054   -8.128  1.00 10.88 ? 20  THR A CB    1 
ATOM   136  O  OG1   . THR A 1 21  ? -2.291  0.513   -6.852  1.00 9.43  ? 20  THR A OG1   1 
ATOM   137  C  CG2   . THR A 1 21  ? -1.685  0.334   -9.166  1.00 7.86  ? 20  THR A CG2   1 
ATOM   138  N  N     . ILE A 1 22  ? -3.881  3.407   -9.759  1.00 12.48 ? 21  ILE A N     1 
ATOM   139  C  CA    . ILE A 1 22  ? -4.276  4.106   -10.980 1.00 13.42 ? 21  ILE A CA    1 
ATOM   140  C  C     . ILE A 1 22  ? -3.862  5.564   -10.969 1.00 13.57 ? 21  ILE A C     1 
ATOM   141  O  O     . ILE A 1 22  ? -3.441  6.131   -12.008 1.00 15.36 ? 21  ILE A O     1 
ATOM   142  C  CB    . ILE A 1 22  ? -5.822  4.034   -11.278 1.00 14.15 ? 21  ILE A CB    1 
ATOM   143  C  CG1   . ILE A 1 22  ? -6.378  2.603   -11.196 1.00 15.26 ? 21  ILE A CG1   1 
ATOM   144  C  CG2   . ILE A 1 22  ? -6.139  4.611   -12.670 1.00 16.31 ? 21  ILE A CG2   1 
ATOM   145  C  CD1   . ILE A 1 22  ? -5.599  1.659   -11.961 1.00 21.51 ? 21  ILE A CD1   1 
ATOM   146  N  N     . GLN A 1 23  ? -4.003  6.208   -9.829  1.00 13.64 ? 22  GLN A N     1 
ATOM   147  C  CA    . GLN A 1 23  ? -3.600  7.602   -9.720  1.00 14.74 ? 22  GLN A CA    1 
ATOM   148  C  C     . GLN A 1 23  ? -2.097  7.705   -9.997  1.00 15.95 ? 22  GLN A C     1 
ATOM   149  O  O     . GLN A 1 23  ? -1.650  8.531   -10.804 1.00 17.63 ? 22  GLN A O     1 
ATOM   150  C  CB    . GLN A 1 23  ? -4.018  8.185   -8.345  1.00 14.51 ? 22  GLN A CB    1 
ATOM   151  C  CG    . GLN A 1 23  ? -3.586  9.600   -8.079  1.00 15.97 ? 22  GLN A CG    1 
ATOM   152  C  CD    . GLN A 1 23  ? -4.328  10.601  -8.958  1.00 16.13 ? 22  GLN A CD    1 
ATOM   153  O  OE1   . GLN A 1 23  ? -3.822  10.987  -9.996  1.00 15.73 ? 22  GLN A OE1   1 
ATOM   154  N  NE2   . GLN A 1 23  ? -5.512  11.026  -8.530  1.00 15.21 ? 22  GLN A NE2   1 
ATOM   155  N  N     . LEU A 1 24  ? -1.314  6.821   -9.408  1.00 14.98 ? 23  LEU A N     1 
ATOM   156  C  CA    . LEU A 1 24  ? 0.099   6.820   -9.635  1.00 15.66 ? 23  LEU A CA    1 
ATOM   157  C  C     . LEU A 1 24  ? 0.504   6.567   -11.097 1.00 17.21 ? 23  LEU A C     1 
ATOM   158  O  O     . LEU A 1 24  ? 1.346   7.311   -11.628 1.00 15.62 ? 23  LEU A O     1 
ATOM   159  C  CB    . LEU A 1 24  ? 0.786   5.753   -8.759  1.00 15.43 ? 23  LEU A CB    1 
ATOM   160  C  CG    . LEU A 1 24  ? 2.307   5.818   -8.893  1.00 15.30 ? 23  LEU A CG    1 
ATOM   161  C  CD1   . LEU A 1 24  ? 2.958   6.761   -7.892  1.00 13.77 ? 23  LEU A CD1   1 
ATOM   162  C  CD2   . LEU A 1 24  ? 2.818   4.477   -8.707  1.00 8.93  ? 23  LEU A CD2   1 
ATOM   163  N  N     . ILE A 1 25  ? -0.033  5.485   -11.687 1.00 16.52 ? 24  ILE A N     1 
ATOM   164  C  CA    . ILE A 1 25  ? 0.252   5.088   -13.040 1.00 17.38 ? 24  ILE A CA    1 
ATOM   165  C  C     . ILE A 1 25  ? -0.299  6.098   -14.086 1.00 19.45 ? 24  ILE A C     1 
ATOM   166  O  O     . ILE A 1 25  ? 0.450   6.571   -14.946 1.00 19.78 ? 24  ILE A O     1 
ATOM   167  C  CB    . ILE A 1 25  ? -0.396  3.749   -13.352 1.00 18.44 ? 24  ILE A CB    1 
ATOM   168  C  CG1   . ILE A 1 25  ? 0.078   2.610   -12.402 1.00 14.63 ? 24  ILE A CG1   1 
ATOM   169  C  CG2   . ILE A 1 25  ? -0.135  3.356   -14.848 1.00 16.76 ? 24  ILE A CG2   1 
ATOM   170  C  CD1   . ILE A 1 25  ? 1.570   2.374   -12.474 1.00 15.78 ? 24  ILE A CD1   1 
ATOM   171  N  N     . GLN A 1 26  ? -1.606  6.383   -14.025 1.00 20.15 ? 25  GLN A N     1 
ATOM   172  C  CA    . GLN A 1 26  ? -2.312  7.090   -15.087 1.00 21.41 ? 25  GLN A CA    1 
ATOM   173  C  C     . GLN A 1 26  ? -2.669  8.543   -14.773 1.00 21.81 ? 25  GLN A C     1 
ATOM   174  O  O     . GLN A 1 26  ? -3.174  9.295   -15.644 1.00 20.58 ? 25  GLN A O     1 
ATOM   175  C  CB    . GLN A 1 26  ? -3.571  6.297   -15.525 1.00 22.00 ? 25  GLN A CB    1 
ATOM   176  C  CG    . GLN A 1 26  ? -3.242  4.868   -15.893 1.00 20.02 ? 25  GLN A CG    1 
ATOM   177  C  CD    . GLN A 1 26  ? -4.476  3.970   -16.177 1.00 24.52 ? 25  GLN A CD    1 
ATOM   178  O  OE1   . GLN A 1 26  ? -4.370  2.735   -16.273 1.00 25.79 ? 25  GLN A OE1   1 
ATOM   179  N  NE2   . GLN A 1 26  ? -5.611  4.582   -16.343 1.00 26.09 ? 25  GLN A NE2   1 
ATOM   180  N  N     . ASN A 1 27  ? -2.415  8.956   -13.527 1.00 22.30 ? 26  ASN A N     1 
ATOM   181  C  CA    . ASN A 1 27  ? -2.599  10.323  -13.190 1.00 23.69 ? 26  ASN A CA    1 
ATOM   182  C  C     . ASN A 1 27  ? -4.041  10.870  -13.110 1.00 22.87 ? 26  ASN A C     1 
ATOM   183  O  O     . ASN A 1 27  ? -4.264  12.101  -13.207 1.00 22.49 ? 26  ASN A O     1 
ATOM   184  C  CB    . ASN A 1 27  ? -1.793  11.182  -14.194 1.00 26.01 ? 26  ASN A CB    1 
ATOM   185  C  CG    . ASN A 1 27  ? -0.869  12.078  -13.513 1.00 31.10 ? 26  ASN A CG    1 
ATOM   186  O  OD1   . ASN A 1 27  ? 0.146   11.617  -12.973 1.00 39.35 ? 26  ASN A OD1   1 
ATOM   187  N  ND2   . ASN A 1 27  ? -1.177  13.381  -13.512 1.00 34.68 ? 26  ASN A ND2   1 
ATOM   188  N  N     . HIS A 1 28  ? -5.014  9.999   -12.875 1.00 21.80 ? 27  HIS A N     1 
ATOM   189  C  CA    . HIS A 1 28  ? -6.341  10.500  -12.514 1.00 21.44 ? 27  HIS A CA    1 
ATOM   190  C  C     . HIS A 1 28  ? -7.053  9.518   -11.573 1.00 20.58 ? 27  HIS A C     1 
ATOM   191  O  O     . HIS A 1 28  ? -6.630  8.362   -11.394 1.00 18.66 ? 27  HIS A O     1 
ATOM   192  C  CB    . HIS A 1 28  ? -7.203  10.784  -13.794 1.00 22.86 ? 27  HIS A CB    1 
ATOM   193  C  CG    . HIS A 1 28  ? -7.582  9.537   -14.531 1.00 20.84 ? 27  HIS A CG    1 
ATOM   194  N  ND1   . HIS A 1 28  ? -6.643  8.702   -15.107 1.00 25.46 ? 27  HIS A ND1   1 
ATOM   195  C  CD2   . HIS A 1 28  ? -8.777  8.922   -14.682 1.00 26.37 ? 27  HIS A CD2   1 
ATOM   196  C  CE1   . HIS A 1 28  ? -7.248  7.641   -15.610 1.00 27.33 ? 27  HIS A CE1   1 
ATOM   197  N  NE2   . HIS A 1 28  ? -8.541  7.737   -15.340 1.00 26.68 ? 27  HIS A NE2   1 
ATOM   198  N  N     . PHE A 1 29  ? -8.149  10.024  -10.997 1.00 18.97 ? 28  PHE A N     1 
ATOM   199  C  CA    . PHE A 1 29  ? -8.926  9.350   -9.994  1.00 18.22 ? 28  PHE A CA    1 
ATOM   200  C  C     . PHE A 1 29  ? -10.088 8.632   -10.663 1.00 18.38 ? 28  PHE A C     1 
ATOM   201  O  O     . PHE A 1 29  ? -10.917 9.275   -11.318 1.00 18.19 ? 28  PHE A O     1 
ATOM   202  C  CB    . PHE A 1 29  ? -9.446  10.361  -8.925  1.00 16.47 ? 28  PHE A CB    1 
ATOM   203  C  CG    . PHE A 1 29  ? -10.418 9.750   -7.950  1.00 17.85 ? 28  PHE A CG    1 
ATOM   204  C  CD1   . PHE A 1 29  ? -10.053 8.593   -7.189  1.00 13.05 ? 28  PHE A CD1   1 
ATOM   205  C  CD2   . PHE A 1 29  ? -11.707 10.294  -7.786  1.00 16.69 ? 28  PHE A CD2   1 
ATOM   206  C  CE1   . PHE A 1 29  ? -10.919 8.027   -6.339  1.00 7.85  ? 28  PHE A CE1   1 
ATOM   207  C  CE2   . PHE A 1 29  ? -12.635 9.680   -6.918  1.00 16.30 ? 28  PHE A CE2   1 
ATOM   208  C  CZ    . PHE A 1 29  ? -12.240 8.553   -6.195  1.00 13.69 ? 28  PHE A CZ    1 
ATOM   209  N  N     . VAL A 1 30  ? -10.141 7.315   -10.506 1.00 18.34 ? 29  VAL A N     1 
ATOM   210  C  CA    . VAL A 1 30  ? -11.286 6.552   -11.024 1.00 20.19 ? 29  VAL A CA    1 
ATOM   211  C  C     . VAL A 1 30  ? -12.165 6.260   -9.858  1.00 20.18 ? 29  VAL A C     1 
ATOM   212  O  O     . VAL A 1 30  ? -11.719 5.635   -8.880  1.00 21.30 ? 29  VAL A O     1 
ATOM   213  C  CB    . VAL A 1 30  ? -10.891 5.214   -11.657 1.00 20.08 ? 29  VAL A CB    1 
ATOM   214  C  CG1   . VAL A 1 30  ? -12.135 4.516   -12.228 1.00 21.54 ? 29  VAL A CG1   1 
ATOM   215  C  CG2   . VAL A 1 30  ? -9.858  5.454   -12.723 1.00 21.86 ? 29  VAL A CG2   1 
ATOM   216  N  N     . ASP A 1 31  ? -13.398 6.726   -9.957  1.00 19.57 ? 30  ASP A N     1 
ATOM   217  C  CA    . ASP A 1 31  ? -14.406 6.541   -8.953  1.00 20.14 ? 30  ASP A CA    1 
ATOM   218  C  C     . ASP A 1 31  ? -14.898 5.110   -9.188  1.00 19.82 ? 30  ASP A C     1 
ATOM   219  O  O     . ASP A 1 31  ? -15.008 4.662   -10.338 1.00 19.68 ? 30  ASP A O     1 
ATOM   220  C  CB    . ASP A 1 31  ? -15.478 7.611   -9.244  1.00 21.49 ? 30  ASP A CB    1 
ATOM   221  C  CG    . ASP A 1 31  ? -16.816 7.372   -8.536  1.00 29.05 ? 30  ASP A CG    1 
ATOM   222  O  OD1   . ASP A 1 31  ? -16.854 6.984   -7.311  1.00 37.23 ? 30  ASP A OD1   1 
ATOM   223  O  OD2   . ASP A 1 31  ? -17.857 7.612   -9.211  1.00 33.03 ? 30  ASP A OD2   1 
ATOM   224  N  N     . GLU A 1 32  ? -15.139 4.354   -8.127  1.00 17.21 ? 31  GLU A N     1 
ATOM   225  C  CA    . GLU A 1 32  ? -15.745 3.040   -8.281  1.00 15.70 ? 31  GLU A CA    1 
ATOM   226  C  C     . GLU A 1 32  ? -15.068 2.085   -9.274  1.00 15.24 ? 31  GLU A C     1 
ATOM   227  O  O     . GLU A 1 32  ? -15.745 1.356   -10.075 1.00 13.88 ? 31  GLU A O     1 
ATOM   228  C  CB    . GLU A 1 32  ? -17.249 3.162   -8.534  1.00 17.02 ? 31  GLU A CB    1 
ATOM   229  C  CG    . GLU A 1 32  ? -17.938 3.933   -7.387  1.00 22.71 ? 31  GLU A CG    1 
ATOM   230  C  CD    . GLU A 1 32  ? -19.512 3.942   -7.503  1.00 28.86 ? 31  GLU A CD    1 
ATOM   231  O  OE1   . GLU A 1 32  ? -20.074 3.501   -8.521  1.00 30.20 ? 31  GLU A OE1   1 
ATOM   232  O  OE2   . GLU A 1 32  ? -20.172 4.391   -6.565  1.00 27.70 ? 31  GLU A OE2   1 
ATOM   233  N  N     . TYR A 1 33  ? -13.746 2.027   -9.216  1.00 12.02 ? 32  TYR A N     1 
ATOM   234  C  CA    . TYR A 1 33  ? -13.050 1.050   -10.059 1.00 12.98 ? 32  TYR A CA    1 
ATOM   235  C  C     . TYR A 1 33  ? -13.486 -0.420  -9.707  1.00 13.19 ? 32  TYR A C     1 
ATOM   236  O  O     . TYR A 1 33  ? -13.700 -0.774  -8.494  1.00 14.11 ? 32  TYR A O     1 
ATOM   237  C  CB    . TYR A 1 33  ? -11.525 1.213   -9.946  1.00 10.61 ? 32  TYR A CB    1 
ATOM   238  C  CG    . TYR A 1 33  ? -10.803 0.341   -10.899 1.00 11.47 ? 32  TYR A CG    1 
ATOM   239  C  CD1   . TYR A 1 33  ? -10.829 0.621   -12.280 1.00 9.42  ? 32  TYR A CD1   1 
ATOM   240  C  CD2   . TYR A 1 33  ? -10.123 -0.800  -10.451 1.00 10.42 ? 32  TYR A CD2   1 
ATOM   241  C  CE1   . TYR A 1 33  ? -10.155 -0.185  -13.187 1.00 13.49 ? 32  TYR A CE1   1 
ATOM   242  C  CE2   . TYR A 1 33  ? -9.403  -1.595  -11.327 1.00 11.54 ? 32  TYR A CE2   1 
ATOM   243  C  CZ    . TYR A 1 33  ? -9.449  -1.305  -12.719 1.00 13.84 ? 32  TYR A CZ    1 
ATOM   244  O  OH    . TYR A 1 33  ? -8.756  -2.133  -13.603 1.00 13.37 ? 32  TYR A OH    1 
ATOM   245  N  N     . ASP A 1 34  ? -13.679 -1.225  -10.762 1.00 11.56 ? 33  ASP A N     1 
ATOM   246  C  CA    . ASP A 1 34  ? -13.987 -2.656  -10.624 1.00 12.18 ? 33  ASP A CA    1 
ATOM   247  C  C     . ASP A 1 34  ? -13.330 -3.156  -9.315  1.00 12.94 ? 33  ASP A C     1 
ATOM   248  O  O     . ASP A 1 34  ? -12.113 -3.215  -9.244  1.00 14.57 ? 33  ASP A O     1 
ATOM   249  C  CB    . ASP A 1 34  ? -13.439 -3.427  -11.857 1.00 10.38 ? 33  ASP A CB    1 
ATOM   250  C  CG    . ASP A 1 34  ? -13.781 -4.917  -11.829 1.00 13.00 ? 33  ASP A CG    1 
ATOM   251  O  OD1   . ASP A 1 34  ? -14.143 -5.472  -10.759 1.00 14.08 ? 33  ASP A OD1   1 
ATOM   252  O  OD2   . ASP A 1 34  ? -13.668 -5.586  -12.885 1.00 10.41 ? 33  ASP A OD2   1 
ATOM   253  N  N     . PRO A 1 35  ? -14.128 -3.538  -8.295  1.00 12.83 ? 34  PRO A N     1 
ATOM   254  C  CA    . PRO A 1 35  ? -13.687 -4.097  -6.999  1.00 12.84 ? 34  PRO A CA    1 
ATOM   255  C  C     . PRO A 1 35  ? -12.981 -5.447  -7.074  1.00 12.34 ? 34  PRO A C     1 
ATOM   256  O  O     . PRO A 1 35  ? -12.216 -5.857  -6.131  1.00 10.76 ? 34  PRO A O     1 
ATOM   257  C  CB    . PRO A 1 35  ? -15.050 -4.344  -6.256  1.00 12.14 ? 34  PRO A CB    1 
ATOM   258  C  CG    . PRO A 1 35  ? -15.965 -3.522  -6.849  1.00 11.75 ? 34  PRO A CG    1 
ATOM   259  C  CD    . PRO A 1 35  ? -15.602 -3.384  -8.315  1.00 12.52 ? 34  PRO A CD    1 
ATOM   260  N  N     . THR A 1 36  ? -13.282 -6.148  -8.177  1.00 12.50 ? 35  THR A N     1 
ATOM   261  C  CA    . THR A 1 36  ? -13.063 -7.587  -8.290  1.00 13.06 ? 35  THR A CA    1 
ATOM   262  C  C     . THR A 1 36  ? -11.764 -7.879  -9.100  1.00 13.00 ? 35  THR A C     1 
ATOM   263  O  O     . THR A 1 36  ? -11.237 -8.982  -9.033  1.00 14.12 ? 35  THR A O     1 
ATOM   264  C  CB    . THR A 1 36  ? -14.310 -8.302  -8.963  1.00 13.32 ? 35  THR A CB    1 
ATOM   265  O  OG1   . THR A 1 36  ? -14.353 -7.976  -10.360 1.00 13.81 ? 35  THR A OG1   1 
ATOM   266  C  CG2   . THR A 1 36  ? -15.648 -7.915  -8.294  1.00 12.87 ? 35  THR A CG2   1 
ATOM   267  N  N     . ILE A 1 37  ? -11.189 -6.872  -9.796  1.00 11.39 ? 36  ILE A N     1 
ATOM   268  C  CA    . ILE A 1 37  ? -9.991  -7.172  -10.632 1.00 9.51  ? 36  ILE A CA    1 
ATOM   269  C  C     . ILE A 1 37  ? -8.684  -6.978  -9.862  1.00 8.91  ? 36  ILE A C     1 
ATOM   270  O  O     . ILE A 1 37  ? -8.475  -5.933  -9.161  1.00 7.01  ? 36  ILE A O     1 
ATOM   271  C  CB    . ILE A 1 37  ? -10.000 -6.398  -11.973 1.00 8.89  ? 36  ILE A CB    1 
ATOM   272  C  CG1   . ILE A 1 37  ? -8.964  -6.989  -12.952 1.00 11.11 ? 36  ILE A CG1   1 
ATOM   273  C  CG2   . ILE A 1 37  ? -9.848  -4.923  -11.691 1.00 9.31  ? 36  ILE A CG2   1 
ATOM   274  C  CD1   . ILE A 1 37  ? -9.094  -6.532  -14.423 1.00 12.27 ? 36  ILE A CD1   1 
ATOM   275  N  N     . GLU A 1 38  ? -7.841  -8.005  -9.992  1.00 9.12  ? 37  GLU A N     1 
ATOM   276  C  CA    . GLU A 1 38  ? -6.449  -8.087  -9.521  1.00 9.76  ? 37  GLU A CA    1 
ATOM   277  C  C     . GLU A 1 38  ? -5.465  -8.064  -10.713 1.00 10.59 ? 37  GLU A C     1 
ATOM   278  O  O     . GLU A 1 38  ? -5.527  -8.909  -11.603 1.00 10.15 ? 37  GLU A O     1 
ATOM   279  C  CB    . GLU A 1 38  ? -6.235  -9.395  -8.762  1.00 11.00 ? 37  GLU A CB    1 
ATOM   280  C  CG    . GLU A 1 38  ? -4.757  -9.545  -8.158  1.00 13.73 ? 37  GLU A CG    1 
ATOM   281  C  CD    . GLU A 1 38  ? -4.699  -10.549 -7.037  1.00 15.73 ? 37  GLU A CD    1 
ATOM   282  O  OE1   . GLU A 1 38  ? -4.354  -11.753 -7.250  1.00 16.21 ? 37  GLU A OE1   1 
ATOM   283  O  OE2   . GLU A 1 38  ? -5.074  -10.158 -5.927  1.00 15.86 ? 37  GLU A OE2   1 
ATOM   284  N  N     . ASP A 1 39  ? -4.524  -7.130  -10.709 1.00 11.28 ? 38  ASP A N     1 
ATOM   285  C  CA    . ASP A 1 39  ? -3.527  -7.067  -11.773 1.00 12.77 ? 38  ASP A CA    1 
ATOM   286  C  C     . ASP A 1 39  ? -2.285  -6.323  -11.236 1.00 12.79 ? 38  ASP A C     1 
ATOM   287  O  O     . ASP A 1 39  ? -2.362  -5.696  -10.163 1.00 12.05 ? 38  ASP A O     1 
ATOM   288  C  CB    . ASP A 1 39  ? -4.096  -6.316  -12.985 1.00 13.23 ? 38  ASP A CB    1 
ATOM   289  C  CG    . ASP A 1 39  ? -3.474  -6.814  -14.342 1.00 18.53 ? 38  ASP A CG    1 
ATOM   290  O  OD1   . ASP A 1 39  ? -2.536  -7.690  -14.381 1.00 13.97 ? 38  ASP A OD1   1 
ATOM   291  O  OD2   . ASP A 1 39  ? -3.959  -6.281  -15.366 1.00 22.48 ? 38  ASP A OD2   1 
ATOM   292  N  N     . SER A 1 40  ? -1.179  -6.442  -11.978 1.00 13.31 ? 39  SER A N     1 
ATOM   293  C  CA    . SER A 1 40  ? 0.044   -5.688  -11.752 1.00 14.48 ? 39  SER A CA    1 
ATOM   294  C  C     . SER A 1 40  ? 0.184   -4.567  -12.779 1.00 15.00 ? 39  SER A C     1 
ATOM   295  O  O     . SER A 1 40  ? -0.319  -4.654  -13.895 1.00 13.94 ? 39  SER A O     1 
ATOM   296  C  CB    . SER A 1 40  ? 1.261   -6.611  -11.840 1.00 14.63 ? 39  SER A CB    1 
ATOM   297  O  OG    . SER A 1 40  ? 1.332   -7.162  -13.143 1.00 15.48 ? 39  SER A OG    1 
ATOM   298  N  N     . TYR A 1 41  ? 0.896   -3.529  -12.401 1.00 15.19 ? 40  TYR A N     1 
ATOM   299  C  CA    . TYR A 1 41  ? 1.078   -2.406  -13.286 1.00 17.66 ? 40  TYR A CA    1 
ATOM   300  C  C     . TYR A 1 41  ? 2.480   -2.012  -13.208 1.00 17.69 ? 40  TYR A C     1 
ATOM   301  O  O     . TYR A 1 41  ? 3.061   -1.955  -12.103 1.00 17.82 ? 40  TYR A O     1 
ATOM   302  C  CB    . TYR A 1 41  ? 0.319   -1.218  -12.814 1.00 16.58 ? 40  TYR A CB    1 
ATOM   303  C  CG    . TYR A 1 41  ? -1.143  -1.321  -12.893 1.00 21.40 ? 40  TYR A CG    1 
ATOM   304  C  CD1   . TYR A 1 41  ? -1.805  -0.687  -13.932 1.00 24.71 ? 40  TYR A CD1   1 
ATOM   305  C  CD2   . TYR A 1 41  ? -1.900  -1.980  -11.906 1.00 20.83 ? 40  TYR A CD2   1 
ATOM   306  C  CE1   . TYR A 1 41  ? -3.163  -0.700  -14.031 1.00 25.67 ? 40  TYR A CE1   1 
ATOM   307  C  CE2   . TYR A 1 41  ? -3.310  -2.008  -12.005 1.00 27.31 ? 40  TYR A CE2   1 
ATOM   308  C  CZ    . TYR A 1 41  ? -3.916  -1.308  -13.098 1.00 28.75 ? 40  TYR A CZ    1 
ATOM   309  O  OH    . TYR A 1 41  ? -5.281  -1.218  -13.345 1.00 31.38 ? 40  TYR A OH    1 
ATOM   310  N  N     . ARG A 1 42  ? 3.054   -1.750  -14.378 1.00 18.35 ? 41  ARG A N     1 
ATOM   311  C  CA    . ARG A 1 42  ? 4.462   -1.340  -14.414 1.00 18.37 ? 41  ARG A CA    1 
ATOM   312  C  C     . ARG A 1 42  ? 4.599   0.133   -14.679 1.00 18.30 ? 41  ARG A C     1 
ATOM   313  O  O     . ARG A 1 42  ? 3.796   0.685   -15.412 1.00 16.68 ? 41  ARG A O     1 
ATOM   314  C  CB    . ARG A 1 42  ? 5.235   -2.188  -15.423 1.00 18.11 ? 41  ARG A CB    1 
ATOM   315  C  CG    . ARG A 1 42  ? 5.464   -3.593  -14.830 1.00 22.18 ? 41  ARG A CG    1 
ATOM   316  C  CD    . ARG A 1 42  ? 6.182   -4.553  -15.768 1.00 29.93 ? 41  ARG A CD    1 
ATOM   317  N  NE    . ARG A 1 42  ? 5.710   -5.925  -15.526 1.00 37.47 ? 41  ARG A NE    1 
ATOM   318  C  CZ    . ARG A 1 42  ? 6.436   -6.924  -15.014 1.00 39.64 ? 41  ARG A CZ    1 
ATOM   319  N  NH1   . ARG A 1 42  ? 7.726   -6.765  -14.698 1.00 42.77 ? 41  ARG A NH1   1 
ATOM   320  N  NH2   . ARG A 1 42  ? 5.868   -8.104  -14.833 1.00 40.07 ? 41  ARG A NH2   1 
ATOM   321  N  N     . LYS A 1 43  ? 5.586   0.769   -14.054 1.00 19.06 ? 42  LYS A N     1 
ATOM   322  C  CA    . LYS A 1 43  ? 5.835   2.205   -14.282 1.00 22.18 ? 42  LYS A CA    1 
ATOM   323  C  C     . LYS A 1 43  ? 7.295   2.490   -14.095 1.00 23.06 ? 42  LYS A C     1 
ATOM   324  O  O     . LYS A 1 43  ? 7.913   1.984   -13.148 1.00 24.59 ? 42  LYS A O     1 
ATOM   325  C  CB    . LYS A 1 43  ? 5.069   3.081   -13.300 1.00 21.84 ? 42  LYS A CB    1 
ATOM   326  C  CG    . LYS A 1 43  ? 5.221   4.592   -13.516 1.00 23.16 ? 42  LYS A CG    1 
ATOM   327  C  CD    . LYS A 1 43  ? 4.143   5.365   -12.774 1.00 26.55 ? 42  LYS A CD    1 
ATOM   328  C  CE    . LYS A 1 43  ? 4.359   6.872   -12.761 1.00 26.09 ? 42  LYS A CE    1 
ATOM   329  N  NZ    . LYS A 1 43  ? 4.379   7.361   -14.172 1.00 27.14 ? 42  LYS A NZ    1 
ATOM   330  N  N     . GLN A 1 44  ? 7.838   3.308   -14.982 1.00 24.39 ? 43  GLN A N     1 
ATOM   331  C  CA    . GLN A 1 44  ? 9.190   3.794   -14.827 1.00 25.36 ? 43  GLN A CA    1 
ATOM   332  C  C     . GLN A 1 44  ? 9.183   5.192   -14.167 1.00 24.47 ? 43  GLN A C     1 
ATOM   333  O  O     . GLN A 1 44  ? 8.534   6.117   -14.653 1.00 25.09 ? 43  GLN A O     1 
ATOM   334  C  CB    . GLN A 1 44  ? 9.896   3.835   -16.200 1.00 25.70 ? 43  GLN A CB    1 
ATOM   335  C  CG    . GLN A 1 44  ? 11.312  4.294   -16.099 1.00 26.69 ? 43  GLN A CG    1 
ATOM   336  C  CD    . GLN A 1 44  ? 12.052  4.155   -17.408 1.00 29.99 ? 43  GLN A CD    1 
ATOM   337  O  OE1   . GLN A 1 44  ? 12.244  3.041   -17.935 1.00 29.17 ? 43  GLN A OE1   1 
ATOM   338  N  NE2   . GLN A 1 44  ? 12.509  5.279   -17.921 1.00 29.75 ? 43  GLN A NE2   1 
ATOM   339  N  N     . VAL A 1 45  ? 9.909   5.339   -13.056 1.00 23.25 ? 44  VAL A N     1 
ATOM   340  C  CA    . VAL A 1 45  ? 9.897   6.593   -12.285 1.00 21.48 ? 44  VAL A CA    1 
ATOM   341  C  C     . VAL A 1 45  ? 11.346  6.894   -11.887 1.00 21.75 ? 44  VAL A C     1 
ATOM   342  O  O     . VAL A 1 45  ? 12.226  5.988   -11.878 1.00 23.36 ? 44  VAL A O     1 
ATOM   343  C  CB    . VAL A 1 45  ? 9.042   6.536   -10.957 1.00 20.56 ? 44  VAL A CB    1 
ATOM   344  C  CG1   . VAL A 1 45  ? 7.550   6.359   -11.257 1.00 20.21 ? 44  VAL A CG1   1 
ATOM   345  C  CG2   . VAL A 1 45  ? 9.533   5.410   -10.044 1.00 18.86 ? 44  VAL A CG2   1 
ATOM   346  N  N     . VAL A 1 46  ? 11.566  8.150   -11.526 1.00 20.75 ? 45  VAL A N     1 
ATOM   347  C  CA    . VAL A 1 46  ? 12.846  8.602   -11.023 1.00 20.32 ? 45  VAL A CA    1 
ATOM   348  C  C     . VAL A 1 46  ? 12.587  9.081   -9.573  1.00 20.30 ? 45  VAL A C     1 
ATOM   349  O  O     . VAL A 1 46  ? 11.737  9.961   -9.341  1.00 20.66 ? 45  VAL A O     1 
ATOM   350  C  CB    . VAL A 1 46  ? 13.387  9.774   -11.880 1.00 20.31 ? 45  VAL A CB    1 
ATOM   351  C  CG1   . VAL A 1 46  ? 14.741  10.225  -11.334 1.00 19.34 ? 45  VAL A CG1   1 
ATOM   352  C  CG2   . VAL A 1 46  ? 13.472  9.371   -13.408 1.00 20.46 ? 45  VAL A CG2   1 
ATOM   353  N  N     . ILE A 1 47  ? 13.290  8.476   -8.620  1.00 19.72 ? 46  ILE A N     1 
ATOM   354  C  CA    . ILE A 1 47  ? 13.092  8.793   -7.220  1.00 20.34 ? 46  ILE A CA    1 
ATOM   355  C  C     . ILE A 1 47  ? 14.447  9.165   -6.601  1.00 20.46 ? 46  ILE A C     1 
ATOM   356  O  O     . ILE A 1 47  ? 15.415  8.340   -6.572  1.00 21.01 ? 46  ILE A O     1 
ATOM   357  C  CB    . ILE A 1 47  ? 12.508  7.592   -6.449  1.00 19.23 ? 46  ILE A CB    1 
ATOM   358  C  CG1   . ILE A 1 47  ? 11.102  7.232   -6.925  1.00 19.05 ? 46  ILE A CG1   1 
ATOM   359  C  CG2   . ILE A 1 47  ? 12.502  7.844   -4.943  1.00 19.09 ? 46  ILE A CG2   1 
ATOM   360  C  CD1   . ILE A 1 47  ? 10.825  5.749   -6.684  1.00 18.99 ? 46  ILE A CD1   1 
ATOM   361  N  N     . ASP A 1 48  ? 14.469  10.365  -6.032  1.00 21.59 ? 47  ASP A N     1 
ATOM   362  C  CA    . ASP A 1 48  ? 15.700  10.966  -5.475  1.00 22.81 ? 47  ASP A CA    1 
ATOM   363  C  C     . ASP A 1 48  ? 16.763  10.968  -6.578  1.00 23.92 ? 47  ASP A C     1 
ATOM   364  O  O     . ASP A 1 48  ? 17.927  10.746  -6.316  1.00 24.40 ? 47  ASP A O     1 
ATOM   365  C  CB    . ASP A 1 48  ? 16.203  10.206  -4.230  1.00 22.37 ? 47  ASP A CB    1 
ATOM   366  C  CG    . ASP A 1 48  ? 15.212  10.263  -3.061  1.00 21.69 ? 47  ASP A CG    1 
ATOM   367  O  OD1   . ASP A 1 48  ? 14.444  11.238  -2.984  1.00 23.42 ? 47  ASP A OD1   1 
ATOM   368  O  OD2   . ASP A 1 48  ? 15.178  9.323   -2.247  1.00 21.96 ? 47  ASP A OD2   1 
ATOM   369  N  N     . GLY A 1 49  ? 16.321  11.174  -7.826  1.00 26.16 ? 48  GLY A N     1 
ATOM   370  C  CA    . GLY A 1 49  ? 17.213  11.149  -8.967  1.00 27.89 ? 48  GLY A CA    1 
ATOM   371  C  C     . GLY A 1 49  ? 17.714  9.824   -9.504  1.00 29.68 ? 48  GLY A C     1 
ATOM   372  O  O     . GLY A 1 49  ? 18.343  9.847   -10.577 1.00 31.06 ? 48  GLY A O     1 
ATOM   373  N  N     . GLU A 1 50  ? 17.459  8.691   -8.810  1.00 29.20 ? 49  GLU A N     1 
ATOM   374  C  CA    . GLU A 1 50  ? 17.761  7.327   -9.333  1.00 28.17 ? 49  GLU A CA    1 
ATOM   375  C  C     . GLU A 1 50  ? 16.572  6.583   -10.019 1.00 28.53 ? 49  GLU A C     1 
ATOM   376  O  O     . GLU A 1 50  ? 15.687  6.027   -9.357  1.00 27.84 ? 49  GLU A O     1 
ATOM   377  C  CB    . GLU A 1 50  ? 18.303  6.452   -8.220  1.00 27.45 ? 49  GLU A CB    1 
ATOM   378  C  CG    . GLU A 1 50  ? 18.708  5.052   -8.656  1.00 28.62 ? 49  GLU A CG    1 
ATOM   379  C  CD    . GLU A 1 50  ? 18.975  4.106   -7.440  1.00 30.50 ? 49  GLU A CD    1 
ATOM   380  O  OE1   . GLU A 1 50  ? 19.026  4.575   -6.278  1.00 33.21 ? 49  GLU A OE1   1 
ATOM   381  O  OE2   . GLU A 1 50  ? 19.106  2.893   -7.627  1.00 29.32 ? 49  GLU A OE2   1 
ATOM   382  N  N     . THR A 1 51  ? 16.577  6.542   -11.352 1.00 28.47 ? 50  THR A N     1 
ATOM   383  C  CA    . THR A 1 51  ? 15.551  5.830   -12.137 1.00 27.30 ? 50  THR A CA    1 
ATOM   384  C  C     . THR A 1 51  ? 15.286  4.405   -11.668 1.00 26.66 ? 50  THR A C     1 
ATOM   385  O  O     . THR A 1 51  ? 16.222  3.659   -11.335 1.00 27.67 ? 50  THR A O     1 
ATOM   386  C  CB    . THR A 1 51  ? 15.929  5.836   -13.612 1.00 26.95 ? 50  THR A CB    1 
ATOM   387  O  OG1   . THR A 1 51  ? 16.110  7.212   -13.994 1.00 32.87 ? 50  THR A OG1   1 
ATOM   388  C  CG2   . THR A 1 51  ? 14.858  5.220   -14.493 1.00 23.96 ? 50  THR A CG2   1 
ATOM   389  N  N     . CYS A 1 52  ? 14.015  3.991   -11.663 1.00 23.60 ? 51  CYS A N     1 
ATOM   390  C  CA    . CYS A 1 52  ? 13.820  2.566   -11.457 1.00 22.38 ? 51  CYS A CA    1 
ATOM   391  C  C     . CYS A 1 52  ? 12.519  2.169   -12.097 1.00 21.44 ? 51  CYS A C     1 
ATOM   392  O  O     . CYS A 1 52  ? 11.708  3.039   -12.424 1.00 22.26 ? 51  CYS A O     1 
ATOM   393  C  CB    . CYS A 1 52  ? 13.802  2.221   -9.955  1.00 21.14 ? 51  CYS A CB    1 
ATOM   394  S  SG    . CYS A 1 52  ? 12.513  3.101   -9.080  1.00 23.77 ? 51  CYS A SG    1 
ATOM   395  N  N     . LEU A 1 53  ? 12.321  0.861   -12.237 1.00 21.13 ? 52  LEU A N     1 
ATOM   396  C  CA    . LEU A 1 53  ? 11.071  0.284   -12.675 1.00 20.67 ? 52  LEU A CA    1 
ATOM   397  C  C     . LEU A 1 53  ? 10.218  -0.234  -11.490 1.00 19.49 ? 52  LEU A C     1 
ATOM   398  O  O     . LEU A 1 53  ? 10.675  -1.071  -10.714 1.00 18.99 ? 52  LEU A O     1 
ATOM   399  C  CB    . LEU A 1 53  ? 11.335  -0.910  -13.593 1.00 21.30 ? 52  LEU A CB    1 
ATOM   400  C  CG    . LEU A 1 53  ? 10.055  -1.271  -14.377 1.00 26.75 ? 52  LEU A CG    1 
ATOM   401  C  CD1   . LEU A 1 53  ? 9.736   -0.136  -15.462 1.00 27.70 ? 52  LEU A CD1   1 
ATOM   402  C  CD2   . LEU A 1 53  ? 10.213  -2.617  -15.071 1.00 32.53 ? 52  LEU A CD2   1 
ATOM   403  N  N     . LEU A 1 54  ? 8.967   0.218   -11.419 1.00 18.07 ? 53  LEU A N     1 
ATOM   404  C  CA    . LEU A 1 54  ? 8.004   -0.312  -10.458 1.00 16.28 ? 53  LEU A CA    1 
ATOM   405  C  C     . LEU A 1 54  ? 7.103   -1.347  -11.117 1.00 15.60 ? 53  LEU A C     1 
ATOM   406  O  O     . LEU A 1 54  ? 6.560   -1.079  -12.192 1.00 15.06 ? 53  LEU A O     1 
ATOM   407  C  CB    . LEU A 1 54  ? 7.155   0.782   -9.864  1.00 15.16 ? 53  LEU A CB    1 
ATOM   408  C  CG    . LEU A 1 54  ? 7.895   2.011   -9.348  1.00 13.04 ? 53  LEU A CG    1 
ATOM   409  C  CD1   . LEU A 1 54  ? 6.953   3.075   -8.873  1.00 11.01 ? 53  LEU A CD1   1 
ATOM   410  C  CD2   . LEU A 1 54  ? 8.770   1.531   -8.209  1.00 14.83 ? 53  LEU A CD2   1 
ATOM   411  N  N     . ASP A 1 55  ? 6.976   -2.507  -10.457 1.00 14.34 ? 54  ASP A N     1 
ATOM   412  C  CA    . ASP A 1 55  ? 6.075   -3.595  -10.815 1.00 14.17 ? 54  ASP A CA    1 
ATOM   413  C  C     . ASP A 1 55  ? 5.114   -3.799  -9.615  1.00 12.94 ? 54  ASP A C     1 
ATOM   414  O  O     . ASP A 1 55  ? 5.467   -4.386  -8.596  1.00 13.48 ? 54  ASP A O     1 
ATOM   415  C  CB    . ASP A 1 55  ? 6.856   -4.896  -11.146 1.00 15.62 ? 54  ASP A CB    1 
ATOM   416  C  CG    . ASP A 1 55  ? 5.933   -6.070  -11.519 1.00 17.00 ? 54  ASP A CG    1 
ATOM   417  O  OD1   . ASP A 1 55  ? 4.712   -5.975  -11.404 1.00 21.07 ? 54  ASP A OD1   1 
ATOM   418  O  OD2   . ASP A 1 55  ? 6.436   -7.146  -11.852 1.00 25.71 ? 54  ASP A OD2   1 
ATOM   419  N  N     . ILE A 1 56  ? 3.927   -3.237  -9.758  1.00 12.25 ? 55  ILE A N     1 
ATOM   420  C  CA    . ILE A 1 56  ? 3.007   -3.004  -8.626  1.00 12.25 ? 55  ILE A CA    1 
ATOM   421  C  C     . ILE A 1 56  ? 1.796   -3.923  -8.710  1.00 9.95  ? 55  ILE A C     1 
ATOM   422  O  O     . ILE A 1 56  ? 1.051   -3.830  -9.643  1.00 12.02 ? 55  ILE A O     1 
ATOM   423  C  CB    . ILE A 1 56  ? 2.522   -1.537  -8.591  1.00 11.16 ? 55  ILE A CB    1 
ATOM   424  C  CG1   . ILE A 1 56  ? 3.750   -0.611  -8.399  1.00 12.52 ? 55  ILE A CG1   1 
ATOM   425  C  CG2   . ILE A 1 56  ? 1.385   -1.342  -7.465  1.00 10.24 ? 55  ILE A CG2   1 
ATOM   426  C  CD1   . ILE A 1 56  ? 3.385   0.920   -8.630  1.00 14.62 ? 55  ILE A CD1   1 
ATOM   427  N  N     . LEU A 1 57  ? 1.620   -4.813  -7.756  1.00 9.63  ? 56  LEU A N     1 
ATOM   428  C  CA    . LEU A 1 57  ? 0.431   -5.655  -7.682  1.00 9.33  ? 56  LEU A CA    1 
ATOM   429  C  C     . LEU A 1 57  ? -0.642  -5.002  -6.849  1.00 9.31  ? 56  LEU A C     1 
ATOM   430  O  O     . LEU A 1 57  ? -0.409  -4.642  -5.680  1.00 10.40 ? 56  LEU A O     1 
ATOM   431  C  CB    . LEU A 1 57  ? 0.723   -6.999  -7.057  1.00 9.36  ? 56  LEU A CB    1 
ATOM   432  C  CG    . LEU A 1 57  ? -0.447  -7.963  -6.897  1.00 7.03  ? 56  LEU A CG    1 
ATOM   433  C  CD1   . LEU A 1 57  ? -1.044  -8.326  -8.164  1.00 5.67  ? 56  LEU A CD1   1 
ATOM   434  C  CD2   . LEU A 1 57  ? 0.011   -9.199  -6.235  1.00 8.00  ? 56  LEU A CD2   1 
ATOM   435  N  N     . ASP A 1 58  ? -1.801  -4.851  -7.457  1.00 9.43  ? 57  ASP A N     1 
ATOM   436  C  CA    . ASP A 1 58  ? -2.980  -4.237  -6.809  1.00 9.46  ? 57  ASP A CA    1 
ATOM   437  C  C     . ASP A 1 58  ? -3.859  -5.427  -6.500  1.00 8.78  ? 57  ASP A C     1 
ATOM   438  O  O     . ASP A 1 58  ? -4.494  -5.981  -7.387  1.00 8.60  ? 57  ASP A O     1 
ATOM   439  C  CB    . ASP A 1 58  ? -3.651  -3.314  -7.846  1.00 10.11 ? 57  ASP A CB    1 
ATOM   440  C  CG    . ASP A 1 58  ? -5.022  -2.816  -7.421  1.00 9.21  ? 57  ASP A CG    1 
ATOM   441  O  OD1   . ASP A 1 58  ? -5.196  -2.620  -6.207  1.00 7.40  ? 57  ASP A OD1   1 
ATOM   442  O  OD2   . ASP A 1 58  ? -5.870  -2.566  -8.303  1.00 5.44  ? 57  ASP A OD2   1 
ATOM   443  N  N     . THR A 1 59  ? -3.874  -5.837  -5.238  1.00 9.74  ? 58  THR A N     1 
ATOM   444  C  CA    . THR A 1 59  ? -4.583  -7.027  -4.801  1.00 10.25 ? 58  THR A CA    1 
ATOM   445  C  C     . THR A 1 59  ? -6.092  -6.872  -4.767  1.00 13.58 ? 58  THR A C     1 
ATOM   446  O  O     . THR A 1 59  ? -6.649  -5.778  -4.492  1.00 14.90 ? 58  THR A O     1 
ATOM   447  C  CB    . THR A 1 59  ? -4.010  -7.593  -3.480  1.00 10.30 ? 58  THR A CB    1 
ATOM   448  O  OG1   . THR A 1 59  ? -4.219  -6.659  -2.426  1.00 8.79  ? 58  THR A OG1   1 
ATOM   449  C  CG2   . THR A 1 59  ? -2.453  -7.841  -3.605  1.00 9.62  ? 58  THR A CG2   1 
ATOM   450  N  N     . ALA A 1 60  ? -6.780  -7.937  -5.149  1.00 15.07 ? 59  ALA A N     1 
ATOM   451  C  CA    . ALA A 1 60  ? -8.243  -7.976  -5.012  1.00 19.45 ? 59  ALA A CA    1 
ATOM   452  C  C     . ALA A 1 60  ? -8.695  -9.380  -4.680  1.00 22.81 ? 59  ALA A C     1 
ATOM   453  O  O     . ALA A 1 60  ? -7.958  -10.361 -4.850  1.00 23.85 ? 59  ALA A O     1 
ATOM   454  C  CB    . ALA A 1 60  ? -8.949  -7.510  -6.250  1.00 16.11 ? 59  ALA A CB    1 
ATOM   455  N  N     . GLY A 1 61  ? -9.943  -9.473  -4.255  1.00 28.14 ? 60  GLY A N     1 
ATOM   456  C  CA    . GLY A 1 61  ? -10.588 -10.770 -4.074  1.00 32.55 ? 60  GLY A CA    1 
ATOM   457  C  C     . GLY A 1 61  ? -10.677 -11.078 -2.599  1.00 35.59 ? 60  GLY A C     1 
ATOM   458  O  O     . GLY A 1 61  ? -9.956  -10.495 -1.762  1.00 35.37 ? 60  GLY A O     1 
ATOM   459  N  N     . GLN A 1 62  ? -11.591 -11.985 -2.280  1.00 39.80 ? 61  GLN A N     1 
ATOM   460  C  CA    . GLN A 1 62  ? -11.730 -12.443 -0.909  1.00 43.83 ? 61  GLN A CA    1 
ATOM   461  C  C     . GLN A 1 62  ? -10.867 -13.666 -0.789  1.00 45.21 ? 61  GLN A C     1 
ATOM   462  O  O     . GLN A 1 62  ? -10.808 -14.512 -1.695  1.00 46.09 ? 61  GLN A O     1 
ATOM   463  C  CB    . GLN A 1 62  ? -13.185 -12.732 -0.511  1.00 44.13 ? 61  GLN A CB    1 
ATOM   464  C  CG    . GLN A 1 62  ? -13.344 -13.657 0.743   1.00 48.24 ? 61  GLN A CG    1 
ATOM   465  C  CD    . GLN A 1 62  ? -12.656 -13.179 2.068   1.00 51.33 ? 61  GLN A CD    1 
ATOM   466  O  OE1   . GLN A 1 62  ? -11.849 -12.236 2.098   1.00 55.05 ? 61  GLN A OE1   1 
ATOM   467  N  NE2   . GLN A 1 62  ? -12.979 -13.867 3.160   1.00 51.72 ? 61  GLN A NE2   1 
ATOM   468  N  N     . GLU A 1 63  ? -10.142 -13.737 0.308   1.00 46.68 ? 62  GLU A N     1 
ATOM   469  C  CA    . GLU A 1 63  ? -9.209  -14.810 0.421   1.00 47.72 ? 62  GLU A CA    1 
ATOM   470  C  C     . GLU A 1 63  ? -9.061  -15.222 1.863   1.00 47.73 ? 62  GLU A C     1 
ATOM   471  O  O     . GLU A 1 63  ? -8.646  -14.433 2.713   1.00 47.80 ? 62  GLU A O     1 
ATOM   472  C  CB    . GLU A 1 63  ? -7.872  -14.489 -0.314  1.00 47.92 ? 62  GLU A CB    1 
ATOM   473  C  CG    . GLU A 1 63  ? -7.753  -15.263 -1.673  1.00 48.83 ? 62  GLU A CG    1 
ATOM   474  C  CD    . GLU A 1 63  ? -7.465  -14.390 -2.924  1.00 49.47 ? 62  GLU A CD    1 
ATOM   475  O  OE1   . GLU A 1 63  ? -6.411  -14.628 -3.596  1.00 47.97 ? 62  GLU A OE1   1 
ATOM   476  O  OE2   . GLU A 1 63  ? -8.317  -13.517 -3.283  1.00 47.93 ? 62  GLU A OE2   1 
ATOM   477  N  N     . GLU A 1 64  ? -9.502  -16.450 2.128   1.00 48.05 ? 63  GLU A N     1 
ATOM   478  C  CA    . GLU A 1 64  ? -8.859  -17.254 3.129   1.00 47.86 ? 63  GLU A CA    1 
ATOM   479  C  C     . GLU A 1 64  ? -7.569  -17.645 2.381   1.00 46.70 ? 63  GLU A C     1 
ATOM   480  O  O     . GLU A 1 64  ? -7.616  -18.270 1.289   1.00 47.57 ? 63  GLU A O     1 
ATOM   481  C  CB    . GLU A 1 64  ? -9.708  -18.467 3.552   1.00 48.82 ? 63  GLU A CB    1 
ATOM   482  C  CG    . GLU A 1 64  ? -9.409  -18.975 4.989   1.00 50.53 ? 63  GLU A CG    1 
ATOM   483  C  CD    . GLU A 1 64  ? -10.419 -20.016 5.466   1.00 54.18 ? 63  GLU A CD    1 
ATOM   484  O  OE1   . GLU A 1 64  ? -10.300 -21.206 5.087   1.00 55.17 ? 63  GLU A OE1   1 
ATOM   485  O  OE2   . GLU A 1 64  ? -11.332 -19.650 6.243   1.00 55.26 ? 63  GLU A OE2   1 
ATOM   486  N  N     . TYR A 1 65  ? -6.457  -17.213 2.984   1.00 43.66 ? 64  TYR A N     1 
ATOM   487  C  CA    . TYR A 1 65  ? -5.078  -17.210 2.491   1.00 40.84 ? 64  TYR A CA    1 
ATOM   488  C  C     . TYR A 1 65  ? -4.676  -18.187 1.345   1.00 37.59 ? 64  TYR A C     1 
ATOM   489  O  O     . TYR A 1 65  ? -4.081  -19.234 1.600   1.00 38.56 ? 64  TYR A O     1 
ATOM   490  C  CB    . TYR A 1 65  ? -4.138  -17.388 3.700   1.00 42.09 ? 64  TYR A CB    1 
ATOM   491  C  CG    . TYR A 1 65  ? -4.626  -16.798 5.035   1.00 46.21 ? 64  TYR A CG    1 
ATOM   492  C  CD1   . TYR A 1 65  ? -5.844  -16.061 5.145   1.00 52.31 ? 64  TYR A CD1   1 
ATOM   493  C  CD2   . TYR A 1 65  ? -3.854  -16.935 6.177   1.00 48.61 ? 64  TYR A CD2   1 
ATOM   494  C  CE1   . TYR A 1 65  ? -6.270  -15.521 6.394   1.00 52.13 ? 64  TYR A CE1   1 
ATOM   495  C  CE2   . TYR A 1 65  ? -4.262  -16.397 7.403   1.00 51.54 ? 64  TYR A CE2   1 
ATOM   496  C  CZ    . TYR A 1 65  ? -5.457  -15.706 7.516   1.00 52.20 ? 64  TYR A CZ    1 
ATOM   497  O  OH    . TYR A 1 65  ? -5.786  -15.208 8.760   1.00 54.09 ? 64  TYR A OH    1 
ATOM   498  N  N     . SER A 1 66  ? -4.981  -17.822 0.101   1.00 32.24 ? 65  SER A N     1 
ATOM   499  C  CA    . SER A 1 66  ? -4.703  -18.654 -1.050  1.00 27.26 ? 65  SER A CA    1 
ATOM   500  C  C     . SER A 1 66  ? -3.187  -18.825 -1.303  1.00 23.65 ? 65  SER A C     1 
ATOM   501  O  O     . SER A 1 66  ? -2.374  -17.992 -0.952  1.00 21.21 ? 65  SER A O     1 
ATOM   502  C  CB    . SER A 1 66  ? -5.379  -18.059 -2.293  1.00 27.02 ? 65  SER A CB    1 
ATOM   503  O  OG    . SER A 1 66  ? -4.484  -17.178 -2.960  1.00 26.93 ? 65  SER A OG    1 
ATOM   504  N  N     . ALA A 1 67  ? -2.851  -19.917 -1.953  1.00 20.06 ? 66  ALA A N     1 
ATOM   505  C  CA    . ALA A 1 67  ? -1.511  -20.169 -2.332  1.00 18.69 ? 66  ALA A CA    1 
ATOM   506  C  C     . ALA A 1 67  ? -0.992  -19.061 -3.290  1.00 17.41 ? 66  ALA A C     1 
ATOM   507  O  O     . ALA A 1 67  ? 0.158   -18.622 -3.192  1.00 17.96 ? 66  ALA A O     1 
ATOM   508  C  CB    . ALA A 1 67  ? -1.439  -21.595 -3.004  1.00 18.38 ? 66  ALA A CB    1 
ATOM   509  N  N     . MET A 1 68  ? -1.827  -18.645 -4.236  1.00 16.52 ? 67  MET A N     1 
ATOM   510  C  CA    . MET A 1 68  ? -1.385  -17.677 -5.250  1.00 16.46 ? 67  MET A CA    1 
ATOM   511  C  C     . MET A 1 68  ? -1.027  -16.355 -4.563  1.00 16.27 ? 67  MET A C     1 
ATOM   512  O  O     . MET A 1 68  ? 0.001   -15.760 -4.844  1.00 16.48 ? 67  MET A O     1 
ATOM   513  C  CB    . MET A 1 68  ? -2.429  -17.498 -6.385  1.00 16.25 ? 67  MET A CB    1 
ATOM   514  C  CG    . MET A 1 68  ? -1.933  -16.644 -7.579  1.00 14.92 ? 67  MET A CG    1 
ATOM   515  S  SD    . MET A 1 68  ? -3.186  -16.571 -8.889  1.00 20.95 ? 67  MET A SD    1 
ATOM   516  C  CE    . MET A 1 68  ? -4.549  -15.828 -7.966  1.00 18.23 ? 67  MET A CE    1 
ATOM   517  N  N     . ARG A 1 69  ? -1.847  -15.926 -3.610  1.00 17.23 ? 68  ARG A N     1 
ATOM   518  C  CA    . ARG A 1 69  ? -1.513  -14.761 -2.768  1.00 16.63 ? 68  ARG A CA    1 
ATOM   519  C  C     . ARG A 1 69  ? -0.189  -14.891 -1.984  1.00 17.09 ? 68  ARG A C     1 
ATOM   520  O  O     . ARG A 1 69  ? 0.580   -13.966 -1.921  1.00 16.06 ? 68  ARG A O     1 
ATOM   521  C  CB    . ARG A 1 69  ? -2.654  -14.462 -1.760  1.00 17.85 ? 68  ARG A CB    1 
ATOM   522  C  CG    . ARG A 1 69  ? -2.577  -13.121 -1.038  1.00 16.03 ? 68  ARG A CG    1 
ATOM   523  C  CD    . ARG A 1 69  ? -2.356  -11.891 -2.019  1.00 16.17 ? 68  ARG A CD    1 
ATOM   524  N  NE    . ARG A 1 69  ? -3.508  -11.635 -2.907  1.00 16.09 ? 68  ARG A NE    1 
ATOM   525  C  CZ    . ARG A 1 69  ? -4.650  -11.067 -2.538  1.00 15.49 ? 68  ARG A CZ    1 
ATOM   526  N  NH1   . ARG A 1 69  ? -4.787  -10.638 -1.276  1.00 14.45 ? 68  ARG A NH1   1 
ATOM   527  N  NH2   . ARG A 1 69  ? -5.637  -10.899 -3.451  1.00 11.50 ? 68  ARG A NH2   1 
ATOM   528  N  N     . ASP A 1 70  ? 0.057   -16.044 -1.389  1.00 17.72 ? 69  ASP A N     1 
ATOM   529  C  CA    . ASP A 1 70  ? 1.294   -16.284 -0.676  1.00 18.62 ? 69  ASP A CA    1 
ATOM   530  C  C     . ASP A 1 70  ? 2.511   -16.216 -1.650  1.00 17.97 ? 69  ASP A C     1 
ATOM   531  O  O     . ASP A 1 70  ? 3.544   -15.656 -1.321  1.00 17.82 ? 69  ASP A O     1 
ATOM   532  C  CB    . ASP A 1 70  ? 1.147   -17.658 0.004   1.00 21.01 ? 69  ASP A CB    1 
ATOM   533  C  CG    . ASP A 1 70  ? 2.406   -18.096 0.749   1.00 23.62 ? 69  ASP A CG    1 
ATOM   534  O  OD1   . ASP A 1 70  ? 3.354   -18.677 0.119   1.00 30.83 ? 69  ASP A OD1   1 
ATOM   535  O  OD2   . ASP A 1 70  ? 2.395   -17.894 1.974   1.00 29.16 ? 69  ASP A OD2   1 
ATOM   536  N  N     . GLN A 1 71  ? 2.356   -16.722 -2.871  1.00 16.86 ? 70  GLN A N     1 
ATOM   537  C  CA    . GLN A 1 71  ? 3.385   -16.632 -3.881  1.00 15.72 ? 70  GLN A CA    1 
ATOM   538  C  C     . GLN A 1 71  ? 3.696   -15.175 -4.254  1.00 15.46 ? 70  GLN A C     1 
ATOM   539  O  O     . GLN A 1 71  ? 4.840   -14.785 -4.384  1.00 14.26 ? 70  GLN A O     1 
ATOM   540  C  CB    . GLN A 1 71  ? 2.894   -17.367 -5.097  1.00 17.22 ? 70  GLN A CB    1 
ATOM   541  C  CG    . GLN A 1 71  ? 3.662   -17.153 -6.395  1.00 17.27 ? 70  GLN A CG    1 
ATOM   542  C  CD    . GLN A 1 71  ? 2.900   -17.716 -7.603  1.00 23.10 ? 70  GLN A CD    1 
ATOM   543  O  OE1   . GLN A 1 71  ? 2.300   -18.802 -7.526  1.00 24.94 ? 70  GLN A OE1   1 
ATOM   544  N  NE2   . GLN A 1 71  ? 2.926   -16.980 -8.741  1.00 27.61 ? 70  GLN A NE2   1 
ATOM   545  N  N     . TYR A 1 72  ? 2.661   -14.376 -4.449  1.00 14.87 ? 71  TYR A N     1 
ATOM   546  C  CA    . TYR A 1 72  ? 2.848   -12.960 -4.695  1.00 15.71 ? 71  TYR A CA    1 
ATOM   547  C  C     . TYR A 1 72  ? 3.494   -12.235 -3.497  1.00 16.83 ? 71  TYR A C     1 
ATOM   548  O  O     . TYR A 1 72  ? 4.378   -11.412 -3.714  1.00 16.93 ? 71  TYR A O     1 
ATOM   549  C  CB    . TYR A 1 72  ? 1.491   -12.306 -5.040  1.00 16.59 ? 71  TYR A CB    1 
ATOM   550  C  CG    . TYR A 1 72  ? 0.871   -12.780 -6.332  1.00 16.27 ? 71  TYR A CG    1 
ATOM   551  C  CD1   . TYR A 1 72  ? 1.667   -13.279 -7.385  1.00 20.45 ? 71  TYR A CD1   1 
ATOM   552  C  CD2   . TYR A 1 72  ? -0.500  -12.689 -6.525  1.00 15.78 ? 71  TYR A CD2   1 
ATOM   553  C  CE1   . TYR A 1 72  ? 1.086   -13.716 -8.580  1.00 20.82 ? 71  TYR A CE1   1 
ATOM   554  C  CE2   . TYR A 1 72  ? -1.072  -13.085 -7.721  1.00 20.55 ? 71  TYR A CE2   1 
ATOM   555  C  CZ    . TYR A 1 72  ? -0.287  -13.592 -8.742  1.00 21.49 ? 71  TYR A CZ    1 
ATOM   556  O  OH    . TYR A 1 72  ? -0.914  -14.003 -9.907  1.00 25.33 ? 71  TYR A OH    1 
ATOM   557  N  N     . MET A 1 73  ? 3.044   -12.508 -2.262  1.00 17.50 ? 72  MET A N     1 
ATOM   558  C  CA    . MET A 1 73  ? 3.737   -11.994 -1.043  1.00 19.00 ? 72  MET A CA    1 
ATOM   559  C  C     . MET A 1 73  ? 5.215   -12.406 -0.967  1.00 19.12 ? 72  MET A C     1 
ATOM   560  O  O     . MET A 1 73  ? 6.066   -11.595 -0.589  1.00 17.86 ? 72  MET A O     1 
ATOM   561  C  CB    . MET A 1 73  ? 3.129   -12.538 0.231   1.00 18.47 ? 72  MET A CB    1 
ATOM   562  C  CG    . MET A 1 73  ? 1.639   -12.495 0.357   1.00 22.66 ? 72  MET A CG    1 
ATOM   563  S  SD    . MET A 1 73  ? 1.186   -11.345 1.651   1.00 37.28 ? 72  MET A SD    1 
ATOM   564  C  CE    . MET A 1 73  ? 0.963   -10.053 0.363   1.00 15.87 ? 72  MET A CE    1 
ATOM   565  N  N     . ARG A 1 74  ? 5.532   -13.656 -1.311  1.00 19.00 ? 73  ARG A N     1 
ATOM   566  C  CA    . ARG A 1 74  ? 6.955   -14.030 -1.417  1.00 21.22 ? 73  ARG A CA    1 
ATOM   567  C  C     . ARG A 1 74  ? 7.749   -13.140 -2.361  1.00 20.71 ? 73  ARG A C     1 
ATOM   568  O  O     . ARG A 1 74  ? 8.932   -12.837 -2.120  1.00 20.39 ? 73  ARG A O     1 
ATOM   569  C  CB    . ARG A 1 74  ? 7.123   -15.468 -1.895  1.00 22.28 ? 73  ARG A CB    1 
ATOM   570  C  CG    . ARG A 1 74  ? 7.265   -16.409 -0.769  1.00 27.58 ? 73  ARG A CG    1 
ATOM   571  C  CD    . ARG A 1 74  ? 7.335   -17.858 -1.207  1.00 34.54 ? 73  ARG A CD    1 
ATOM   572  N  NE    . ARG A 1 74  ? 6.478   -18.636 -0.313  1.00 37.66 ? 73  ARG A NE    1 
ATOM   573  C  CZ    . ARG A 1 74  ? 6.568   -18.612 1.012   1.00 42.17 ? 73  ARG A CZ    1 
ATOM   574  N  NH1   . ARG A 1 74  ? 7.471   -17.838 1.615   1.00 45.20 ? 73  ARG A NH1   1 
ATOM   575  N  NH2   . ARG A 1 74  ? 5.759   -19.366 1.739   1.00 44.43 ? 73  ARG A NH2   1 
ATOM   576  N  N     . THR A 1 75  ? 7.126   -12.783 -3.469  1.00 19.04 ? 74  THR A N     1 
ATOM   577  C  CA    . THR A 1 75  ? 7.838   -12.059 -4.512  1.00 20.08 ? 74  THR A CA    1 
ATOM   578  C  C     . THR A 1 75  ? 7.960   -10.615 -4.119  1.00 18.09 ? 74  THR A C     1 
ATOM   579  O  O     . THR A 1 75  ? 8.892   -9.970  -4.536  1.00 18.63 ? 74  THR A O     1 
ATOM   580  C  CB    . THR A 1 75  ? 7.119   -12.128 -5.901  1.00 18.71 ? 74  THR A CB    1 
ATOM   581  O  OG1   . THR A 1 75  ? 6.953   -13.494 -6.271  1.00 23.41 ? 74  THR A OG1   1 
ATOM   582  C  CG2   . THR A 1 75  ? 7.979   -11.485 -6.981  1.00 22.69 ? 74  THR A CG2   1 
ATOM   583  N  N     . GLY A 1 76  ? 6.986   -10.099 -3.358  1.00 16.52 ? 75  GLY A N     1 
ATOM   584  C  CA    . GLY A 1 76  ? 6.933   -8.663  -3.060  1.00 15.97 ? 75  GLY A CA    1 
ATOM   585  C  C     . GLY A 1 76  ? 8.228   -8.252  -2.402  1.00 16.17 ? 75  GLY A C     1 
ATOM   586  O  O     . GLY A 1 76  ? 8.759   -9.003  -1.614  1.00 15.76 ? 75  GLY A O     1 
ATOM   587  N  N     . GLU A 1 77  ? 8.736   -7.074  -2.723  1.00 15.02 ? 76  GLU A N     1 
ATOM   588  C  CA    . GLU A 1 77  ? 9.885   -6.517  -2.006  1.00 16.64 ? 76  GLU A CA    1 
ATOM   589  C  C     . GLU A 1 77  ? 9.467   -5.451  -1.002  1.00 16.70 ? 76  GLU A C     1 
ATOM   590  O  O     . GLU A 1 77  ? 10.207  -5.129  -0.053  1.00 15.89 ? 76  GLU A O     1 
ATOM   591  C  CB    . GLU A 1 77  ? 10.911  -5.899  -2.990  1.00 16.65 ? 76  GLU A CB    1 
ATOM   592  C  CG    . GLU A 1 77  ? 11.779  -7.024  -3.649  1.00 19.45 ? 76  GLU A CG    1 
ATOM   593  C  CD    . GLU A 1 77  ? 12.500  -6.521  -4.897  1.00 24.67 ? 76  GLU A CD    1 
ATOM   594  O  OE1   . GLU A 1 77  ? 13.740  -6.339  -4.844  1.00 25.72 ? 76  GLU A OE1   1 
ATOM   595  O  OE2   . GLU A 1 77  ? 11.811  -6.298  -5.900  1.00 21.23 ? 76  GLU A OE2   1 
ATOM   596  N  N     . GLY A 1 78  ? 8.292   -4.864  -1.228  1.00 15.14 ? 77  GLY A N     1 
ATOM   597  C  CA    . GLY A 1 78  ? 7.789   -3.784  -0.329  1.00 14.81 ? 77  GLY A CA    1 
ATOM   598  C  C     . GLY A 1 78  ? 6.283   -3.914  -0.338  1.00 14.58 ? 77  GLY A C     1 
ATOM   599  O  O     . GLY A 1 78  ? 5.713   -4.390  -1.355  1.00 14.39 ? 77  GLY A O     1 
ATOM   600  N  N     . PHE A 1 79  ? 5.654   -3.511  0.768   1.00 12.60 ? 78  PHE A N     1 
ATOM   601  C  CA    . PHE A 1 79  ? 4.213   -3.592  0.938   1.00 12.29 ? 78  PHE A CA    1 
ATOM   602  C  C     . PHE A 1 79  ? 3.624   -2.228  1.288   1.00 11.96 ? 78  PHE A C     1 
ATOM   603  O  O     . PHE A 1 79  ? 4.096   -1.546  2.170   1.00 12.90 ? 78  PHE A O     1 
ATOM   604  C  CB    . PHE A 1 79  ? 3.912   -4.688  1.978   1.00 12.08 ? 78  PHE A CB    1 
ATOM   605  C  CG    . PHE A 1 79  ? 4.439   -6.012  1.543   1.00 12.93 ? 78  PHE A CG    1 
ATOM   606  C  CD1   . PHE A 1 79  ? 3.663   -6.823  0.722   1.00 8.98  ? 78  PHE A CD1   1 
ATOM   607  C  CD2   . PHE A 1 79  ? 5.773   -6.393  1.828   1.00 12.17 ? 78  PHE A CD2   1 
ATOM   608  C  CE1   . PHE A 1 79  ? 4.141   -8.039  0.244   1.00 9.98  ? 78  PHE A CE1   1 
ATOM   609  C  CE2   . PHE A 1 79  ? 6.310   -7.597  1.321   1.00 13.53 ? 78  PHE A CE2   1 
ATOM   610  C  CZ    . PHE A 1 79  ? 5.503   -8.454  0.557   1.00 12.46 ? 78  PHE A CZ    1 
ATOM   611  N  N     . LEU A 1 80  ? 2.651   -1.800  0.523   1.00 9.72  ? 79  LEU A N     1 
ATOM   612  C  CA    . LEU A 1 80  ? 1.906   -0.649  0.867   1.00 11.54 ? 79  LEU A CA    1 
ATOM   613  C  C     . LEU A 1 80  ? 0.639   -1.182  1.572   1.00 9.37  ? 79  LEU A C     1 
ATOM   614  O  O     . LEU A 1 80  ? -0.147  -1.837  0.954   1.00 9.08  ? 79  LEU A O     1 
ATOM   615  C  CB    . LEU A 1 80  ? 1.645   0.164   -0.432  1.00 10.76 ? 79  LEU A CB    1 
ATOM   616  C  CG    . LEU A 1 80  ? 1.387   1.654   -0.300  1.00 18.42 ? 79  LEU A CG    1 
ATOM   617  C  CD1   . LEU A 1 80  ? 2.638   2.487   0.133   1.00 12.98 ? 79  LEU A CD1   1 
ATOM   618  C  CD2   . LEU A 1 80  ? 0.839   2.178   -1.644  1.00 17.68 ? 79  LEU A CD2   1 
ATOM   619  N  N     . CYS A 1 81  ? 0.532   -0.994  2.886   1.00 9.50  ? 80  CYS A N     1 
ATOM   620  C  CA    . CYS A 1 81  ? -0.633  -1.455  3.697   1.00 10.01 ? 80  CYS A CA    1 
ATOM   621  C  C     . CYS A 1 81  ? -1.595  -0.292  3.898   1.00 8.76  ? 80  CYS A C     1 
ATOM   622  O  O     . CYS A 1 81  ? -1.308  0.633   4.631   1.00 9.20  ? 80  CYS A O     1 
ATOM   623  C  CB    . CYS A 1 81  ? -0.156  -2.006  5.024   1.00 11.09 ? 80  CYS A CB    1 
ATOM   624  S  SG    . CYS A 1 81  ? 1.033   -3.310  4.866   1.00 17.77 ? 80  CYS A SG    1 
ATOM   625  N  N     . VAL A 1 82  ? -2.714  -0.352  3.187   1.00 8.21  ? 81  VAL A N     1 
ATOM   626  C  CA    . VAL A 1 82  ? -3.672  0.680   3.092   1.00 9.14  ? 81  VAL A CA    1 
ATOM   627  C  C     . VAL A 1 82  ? -4.907  0.347   3.898   1.00 8.47  ? 81  VAL A C     1 
ATOM   628  O  O     . VAL A 1 82  ? -5.486  -0.730  3.749   1.00 7.52  ? 81  VAL A O     1 
ATOM   629  C  CB    . VAL A 1 82  ? -4.143  0.876   1.608   1.00 8.44  ? 81  VAL A CB    1 
ATOM   630  C  CG1   . VAL A 1 82  ? -4.943  2.152   1.504   1.00 8.22  ? 81  VAL A CG1   1 
ATOM   631  C  CG2   . VAL A 1 82  ? -2.896  0.834   0.616   1.00 9.38  ? 81  VAL A CG2   1 
ATOM   632  N  N     . PHE A 1 83  ? -5.267  1.306   4.762   1.00 7.61  ? 82  PHE A N     1 
ATOM   633  C  CA    . PHE A 1 83  ? -6.586  1.436   5.310   1.00 8.29  ? 82  PHE A CA    1 
ATOM   634  C  C     . PHE A 1 83  ? -7.205  2.793   4.876   1.00 7.60  ? 82  PHE A C     1 
ATOM   635  O  O     . PHE A 1 83  ? -6.492  3.668   4.305   1.00 8.25  ? 82  PHE A O     1 
ATOM   636  C  CB    . PHE A 1 83  ? -6.525  1.317   6.845   1.00 9.26  ? 82  PHE A CB    1 
ATOM   637  C  CG    . PHE A 1 83  ? -5.854  2.521   7.527   1.00 8.91  ? 82  PHE A CG    1 
ATOM   638  C  CD1   . PHE A 1 83  ? -4.469  2.578   7.699   1.00 11.00 ? 82  PHE A CD1   1 
ATOM   639  C  CD2   . PHE A 1 83  ? -6.635  3.609   7.991   1.00 7.71  ? 82  PHE A CD2   1 
ATOM   640  C  CE1   . PHE A 1 83  ? -3.838  3.725   8.372   1.00 9.78  ? 82  PHE A CE1   1 
ATOM   641  C  CE2   . PHE A 1 83  ? -6.044  4.745   8.636   1.00 10.45 ? 82  PHE A CE2   1 
ATOM   642  C  CZ    . PHE A 1 83  ? -4.633  4.814   8.820   1.00 11.68 ? 82  PHE A CZ    1 
ATOM   643  N  N     . ALA A 1 84  ? -8.506  2.961   5.151   1.00 6.92  ? 83  ALA A N     1 
ATOM   644  C  CA    . ALA A 1 84  ? -9.277  4.195   4.855   1.00 8.18  ? 83  ALA A CA    1 
ATOM   645  C  C     . ALA A 1 84  ? -9.590  4.876   6.212   1.00 9.71  ? 83  ALA A C     1 
ATOM   646  O  O     . ALA A 1 84  ? -9.963  4.213   7.194   1.00 10.96 ? 83  ALA A O     1 
ATOM   647  C  CB    . ALA A 1 84  ? -10.610 3.903   4.055   1.00 7.55  ? 83  ALA A CB    1 
ATOM   648  N  N     . ILE A 1 85  ? -9.391  6.188   6.295   1.00 9.63  ? 84  ILE A N     1 
ATOM   649  C  CA    . ILE A 1 85  ? -9.513  6.854   7.578   1.00 9.45  ? 84  ILE A CA    1 
ATOM   650  C  C     . ILE A 1 85  ? -10.964 6.898   8.060   1.00 10.04 ? 84  ILE A C     1 
ATOM   651  O  O     . ILE A 1 85  ? -11.209 7.253   9.212   1.00 10.43 ? 84  ILE A O     1 
ATOM   652  C  CB    . ILE A 1 85  ? -8.896  8.279   7.521   1.00 10.83 ? 84  ILE A CB    1 
ATOM   653  C  CG1   . ILE A 1 85  ? -9.683  9.186   6.546   1.00 9.30  ? 84  ILE A CG1   1 
ATOM   654  C  CG2   . ILE A 1 85  ? -7.351  8.154   7.191   1.00 12.05 ? 84  ILE A CG2   1 
ATOM   655  C  CD1   . ILE A 1 85  ? -9.409  10.668  6.911   1.00 20.08 ? 84  ILE A CD1   1 
ATOM   656  N  N     . ASN A 1 86  ? -11.925 6.642   7.163   1.00 8.91  ? 85  ASN A N     1 
ATOM   657  C  CA    . ASN A 1 86  ? -13.294 6.532   7.577   1.00 9.62  ? 85  ASN A CA    1 
ATOM   658  C  C     . ASN A 1 86  ? -13.740 5.072   7.765   1.00 9.18  ? 85  ASN A C     1 
ATOM   659  O  O     . ASN A 1 86  ? -14.914 4.782   7.573   1.00 9.98  ? 85  ASN A O     1 
ATOM   660  C  CB    . ASN A 1 86  ? -14.233 7.244   6.609   1.00 10.17 ? 85  ASN A CB    1 
ATOM   661  C  CG    . ASN A 1 86  ? -14.224 6.613   5.249   1.00 11.34 ? 85  ASN A CG    1 
ATOM   662  O  OD1   . ASN A 1 86  ? -13.269 5.891   4.907   1.00 8.25  ? 85  ASN A OD1   1 
ATOM   663  N  ND2   . ASN A 1 86  ? -15.229 6.913   4.442   1.00 10.15 ? 85  ASN A ND2   1 
ATOM   664  N  N     . ASN A 1 87  ? -12.837 4.135   8.049   1.00 9.23  ? 86  ASN A N     1 
ATOM   665  C  CA    . ASN A 1 87  ? -13.258 2.712   8.084   1.00 8.44  ? 86  ASN A CA    1 
ATOM   666  C  C     . ASN A 1 87  ? -12.484 1.946   9.136   1.00 9.34  ? 86  ASN A C     1 
ATOM   667  O  O     . ASN A 1 87  ? -11.370 1.480   8.913   1.00 10.30 ? 86  ASN A O     1 
ATOM   668  C  CB    . ASN A 1 87  ? -13.159 2.010   6.690   1.00 8.02  ? 86  ASN A CB    1 
ATOM   669  C  CG    . ASN A 1 87  ? -13.902 0.691   6.666   1.00 10.51 ? 86  ASN A CG    1 
ATOM   670  O  OD1   . ASN A 1 87  ? -13.422 -0.325  7.248   1.00 11.40 ? 86  ASN A OD1   1 
ATOM   671  N  ND2   . ASN A 1 87  ? -15.111 0.671   6.002   1.00 7.32  ? 86  ASN A ND2   1 
ATOM   672  N  N     . THR A 1 88  ? -13.112 1.754   10.261  1.00 8.69  ? 87  THR A N     1 
ATOM   673  C  CA    . THR A 1 88  ? -12.432 1.233   11.448  1.00 11.79 ? 87  THR A CA    1 
ATOM   674  C  C     . THR A 1 88  ? -11.991 -0.190  11.238  1.00 11.19 ? 87  THR A C     1 
ATOM   675  O  O     . THR A 1 88  ? -10.891 -0.535  11.642  1.00 9.97  ? 87  THR A O     1 
ATOM   676  C  CB    . THR A 1 88  ? -13.449 1.289   12.688  1.00 10.97 ? 87  THR A CB    1 
ATOM   677  O  OG1   . THR A 1 88  ? -13.444 2.634   13.149  1.00 20.45 ? 87  THR A OG1   1 
ATOM   678  C  CG2   . THR A 1 88  ? -13.034 0.427   13.827  1.00 20.28 ? 87  THR A CG2   1 
ATOM   679  N  N     . LYS A 1 89  ? -12.843 -0.989  10.577  1.00 11.19 ? 88  LYS A N     1 
ATOM   680  C  CA    . LYS A 1 89  ? -12.493 -2.389  10.236  1.00 11.87 ? 88  LYS A CA    1 
ATOM   681  C  C     . LYS A 1 89  ? -11.220 -2.520  9.390   1.00 9.91  ? 88  LYS A C     1 
ATOM   682  O  O     . LYS A 1 89  ? -10.415 -3.443  9.583   1.00 8.72  ? 88  LYS A O     1 
ATOM   683  C  CB    . LYS A 1 89  ? -13.690 -3.067  9.510   1.00 10.82 ? 88  LYS A CB    1 
ATOM   684  C  CG    . LYS A 1 89  ? -13.510 -4.563  9.206   1.00 16.99 ? 88  LYS A CG    1 
ATOM   685  C  CD    . LYS A 1 89  ? -12.992 -5.307  10.459  1.00 17.58 ? 88  LYS A CD    1 
ATOM   686  C  CE    . LYS A 1 89  ? -13.173 -6.855  10.332  1.00 21.56 ? 88  LYS A CE    1 
ATOM   687  N  NZ    . LYS A 1 89  ? -12.393 -7.437  9.181   1.00 24.41 ? 88  LYS A NZ    1 
ATOM   688  N  N     . SER A 1 90  ? -11.037 -1.571  8.468   1.00 11.70 ? 89  SER A N     1 
ATOM   689  C  CA    . SER A 1 90  ? -9.922  -1.613  7.511   1.00 10.26 ? 89  SER A CA    1 
ATOM   690  C  C     . SER A 1 90  ? -8.643  -1.344  8.285   1.00 10.60 ? 89  SER A C     1 
ATOM   691  O  O     . SER A 1 90  ? -7.612  -1.931  7.987   1.00 10.20 ? 89  SER A O     1 
ATOM   692  C  CB    . SER A 1 90  ? -10.110 -0.617  6.370   1.00 11.04 ? 89  SER A CB    1 
ATOM   693  O  OG    . SER A 1 90  ? -9.765  0.744   6.704   1.00 9.80  ? 89  SER A OG    1 
ATOM   694  N  N     . PHE A 1 91  ? -8.740  -0.436  9.260   1.00 11.50 ? 90  PHE A N     1 
ATOM   695  C  CA    . PHE A 1 91  ? -7.642  -0.162  10.157  1.00 13.22 ? 90  PHE A CA    1 
ATOM   696  C  C     . PHE A 1 91  ? -7.378  -1.389  11.051  1.00 14.47 ? 90  PHE A C     1 
ATOM   697  O  O     . PHE A 1 91  ? -6.245  -1.752  11.307  1.00 12.38 ? 90  PHE A O     1 
ATOM   698  C  CB    . PHE A 1 91  ? -7.862  1.083   11.023  1.00 12.76 ? 90  PHE A CB    1 
ATOM   699  C  CG    . PHE A 1 91  ? -6.647  1.411   11.857  1.00 15.20 ? 90  PHE A CG    1 
ATOM   700  C  CD1   . PHE A 1 91  ? -6.573  1.003   13.194  1.00 16.95 ? 90  PHE A CD1   1 
ATOM   701  C  CD2   . PHE A 1 91  ? -5.531  2.013   11.264  1.00 14.88 ? 90  PHE A CD2   1 
ATOM   702  C  CE1   . PHE A 1 91  ? -5.433  1.280   13.940  1.00 21.12 ? 90  PHE A CE1   1 
ATOM   703  C  CE2   . PHE A 1 91  ? -4.415  2.282   11.969  1.00 16.39 ? 90  PHE A CE2   1 
ATOM   704  C  CZ    . PHE A 1 91  ? -4.346  1.917   13.325  1.00 19.86 ? 90  PHE A CZ    1 
ATOM   705  N  N     . GLU A 1 92  ? -8.447  -2.032  11.524  1.00 15.47 ? 91  GLU A N     1 
ATOM   706  C  CA    . GLU A 1 92  ? -8.252  -3.186  12.356  1.00 16.41 ? 91  GLU A CA    1 
ATOM   707  C  C     . GLU A 1 92  ? -7.508  -4.296  11.565  1.00 16.01 ? 91  GLU A C     1 
ATOM   708  O  O     . GLU A 1 92  ? -6.781  -5.082  12.162  1.00 16.42 ? 91  GLU A O     1 
ATOM   709  C  CB    . GLU A 1 92  ? -9.616  -3.713  12.854  1.00 16.34 ? 91  GLU A CB    1 
ATOM   710  C  CG    . GLU A 1 92  ? -9.559  -5.261  13.037  1.00 21.65 ? 91  GLU A CG    1 
ATOM   711  C  CD    . GLU A 1 92  ? -10.879 -5.956  13.428  1.00 23.73 ? 91  GLU A CD    1 
ATOM   712  O  OE1   . GLU A 1 92  ? -11.961 -5.348  13.359  1.00 25.88 ? 91  GLU A OE1   1 
ATOM   713  O  OE2   . GLU A 1 92  ? -10.806 -7.124  13.799  1.00 26.69 ? 91  GLU A OE2   1 
ATOM   714  N  N     . ASP A 1 93  ? -7.747  -4.389  10.242  1.00 15.43 ? 92  ASP A N     1 
ATOM   715  C  CA    . ASP A 1 93  ? -7.128  -5.416  9.394   1.00 14.10 ? 92  ASP A CA    1 
ATOM   716  C  C     . ASP A 1 93  ? -5.622  -5.252  9.224   1.00 13.57 ? 92  ASP A C     1 
ATOM   717  O  O     . ASP A 1 93  ? -4.961  -6.176  8.785   1.00 14.19 ? 92  ASP A O     1 
ATOM   718  C  CB    . ASP A 1 93  ? -7.734  -5.374  8.004   1.00 14.04 ? 92  ASP A CB    1 
ATOM   719  C  CG    . ASP A 1 93  ? -9.112  -5.948  7.930   1.00 17.72 ? 92  ASP A CG    1 
ATOM   720  O  OD1   . ASP A 1 93  ? -9.593  -6.595  8.913   1.00 18.15 ? 92  ASP A OD1   1 
ATOM   721  O  OD2   . ASP A 1 93  ? -9.743  -5.703  6.884   1.00 16.79 ? 92  ASP A OD2   1 
ATOM   722  N  N     . ILE A 1 94  ? -5.062  -4.089  9.532   1.00 13.36 ? 93  ILE A N     1 
ATOM   723  C  CA    . ILE A 1 94  ? -3.638  -3.858  9.242   1.00 12.79 ? 93  ILE A CA    1 
ATOM   724  C  C     . ILE A 1 94  ? -2.779  -4.845  10.033  1.00 15.42 ? 93  ILE A C     1 
ATOM   725  O  O     . ILE A 1 94  ? -1.742  -5.334  9.526   1.00 15.10 ? 93  ILE A O     1 
ATOM   726  C  CB    . ILE A 1 94  ? -3.175  -2.451  9.644   1.00 13.02 ? 93  ILE A CB    1 
ATOM   727  C  CG1   . ILE A 1 94  ? -3.920  -1.343  8.847   1.00 12.65 ? 93  ILE A CG1   1 
ATOM   728  C  CG2   . ILE A 1 94  ? -1.685  -2.340  9.481   1.00 12.22 ? 93  ILE A CG2   1 
ATOM   729  C  CD1   . ILE A 1 94  ? -3.824  -1.590  7.352   1.00 6.99  ? 93  ILE A CD1   1 
ATOM   730  N  N     . HIS A 1 95  ? -3.165  -5.053  11.296  1.00 15.60 ? 94  HIS A N     1 
ATOM   731  C  CA    . HIS A 1 95  ? -2.505  -6.051  12.172  1.00 18.95 ? 94  HIS A CA    1 
ATOM   732  C  C     . HIS A 1 95  ? -2.288  -7.367  11.401  1.00 18.67 ? 94  HIS A C     1 
ATOM   733  O  O     . HIS A 1 95  ? -1.151  -7.865  11.341  1.00 18.43 ? 94  HIS A O     1 
ATOM   734  C  CB    . HIS A 1 95  ? -3.353  -6.331  13.450  1.00 18.31 ? 94  HIS A CB    1 
ATOM   735  C  CG    . HIS A 1 95  ? -2.829  -7.484  14.238  1.00 22.47 ? 94  HIS A CG    1 
ATOM   736  N  ND1   . HIS A 1 95  ? -1.672  -7.390  15.002  1.00 22.72 ? 94  HIS A ND1   1 
ATOM   737  C  CD2   . HIS A 1 95  ? -3.225  -8.781  14.298  1.00 21.22 ? 94  HIS A CD2   1 
ATOM   738  C  CE1   . HIS A 1 95  ? -1.398  -8.574  15.513  1.00 19.32 ? 94  HIS A CE1   1 
ATOM   739  N  NE2   . HIS A 1 95  ? -2.316  -9.435  15.094  1.00 19.80 ? 94  HIS A NE2   1 
ATOM   740  N  N     . HIS A 1 96  ? -3.376  -7.883  10.796  1.00 18.77 ? 95  HIS A N     1 
ATOM   741  C  CA    . HIS A 1 96  ? -3.412  -9.154  10.100  1.00 20.93 ? 95  HIS A CA    1 
ATOM   742  C  C     . HIS A 1 96  ? -2.483  -9.214  8.853   1.00 20.87 ? 95  HIS A C     1 
ATOM   743  O  O     . HIS A 1 96  ? -1.791  -10.228 8.610   1.00 20.33 ? 95  HIS A O     1 
ATOM   744  C  CB    . HIS A 1 96  ? -4.886  -9.504  9.773   1.00 23.60 ? 95  HIS A CB    1 
ATOM   745  C  CG    . HIS A 1 96  ? -5.057  -10.387 8.567   1.00 29.36 ? 95  HIS A CG    1 
ATOM   746  N  ND1   . HIS A 1 96  ? -4.917  -11.769 8.623   1.00 37.43 ? 95  HIS A ND1   1 
ATOM   747  C  CD2   . HIS A 1 96  ? -5.324  -10.086 7.271   1.00 33.88 ? 95  HIS A CD2   1 
ATOM   748  C  CE1   . HIS A 1 96  ? -5.092  -12.278 7.409   1.00 39.01 ? 95  HIS A CE1   1 
ATOM   749  N  NE2   . HIS A 1 96  ? -5.324  -11.278 6.566   1.00 39.13 ? 95  HIS A NE2   1 
ATOM   750  N  N     . TYR A 1 97  ? -2.458  -8.121  8.074   1.00 18.35 ? 96  TYR A N     1 
ATOM   751  C  CA    . TYR A 1 97  ? -1.541  -8.027  6.947   1.00 18.17 ? 96  TYR A CA    1 
ATOM   752  C  C     . TYR A 1 97  ? -0.088  -8.046  7.356   1.00 17.90 ? 96  TYR A C     1 
ATOM   753  O  O     . TYR A 1 97  ? 0.727   -8.723  6.753   1.00 17.93 ? 96  TYR A O     1 
ATOM   754  C  CB    . TYR A 1 97  ? -1.808  -6.749  6.143   1.00 17.52 ? 96  TYR A CB    1 
ATOM   755  C  CG    . TYR A 1 97  ? -3.094  -6.885  5.384   1.00 13.40 ? 96  TYR A CG    1 
ATOM   756  C  CD1   . TYR A 1 97  ? -3.233  -7.841  4.359   1.00 13.19 ? 96  TYR A CD1   1 
ATOM   757  C  CD2   . TYR A 1 97  ? -4.184  -6.123  5.745   1.00 11.39 ? 96  TYR A CD2   1 
ATOM   758  C  CE1   . TYR A 1 97  ? -4.467  -7.968  3.635   1.00 15.09 ? 96  TYR A CE1   1 
ATOM   759  C  CE2   . TYR A 1 97  ? -5.393  -6.234  5.096   1.00 14.07 ? 96  TYR A CE2   1 
ATOM   760  C  CZ    . TYR A 1 97  ? -5.535  -7.130  4.023   1.00 17.03 ? 96  TYR A CZ    1 
ATOM   761  O  OH    . TYR A 1 97  ? -6.790  -7.185  3.438   1.00 18.61 ? 96  TYR A OH    1 
ATOM   762  N  N     . ARG A 1 98  ? 0.223   -7.239  8.339   1.00 18.20 ? 97  ARG A N     1 
ATOM   763  C  CA    . ARG A 1 98  ? 1.525   -7.209  8.917   1.00 19.74 ? 97  ARG A CA    1 
ATOM   764  C  C     . ARG A 1 98  ? 1.942   -8.583  9.508   1.00 19.75 ? 97  ARG A C     1 
ATOM   765  O  O     . ARG A 1 98  ? 3.092   -8.948  9.435   1.00 19.81 ? 97  ARG A O     1 
ATOM   766  C  CB    . ARG A 1 98  ? 1.530   -6.116  9.970   1.00 18.94 ? 97  ARG A CB    1 
ATOM   767  C  CG    . ARG A 1 98  ? 2.639   -6.186  10.955  1.00 20.88 ? 97  ARG A CG    1 
ATOM   768  C  CD    . ARG A 1 98  ? 3.783   -5.379  10.432  1.00 23.81 ? 97  ARG A CD    1 
ATOM   769  N  NE    . ARG A 1 98  ? 4.945   -5.345  11.336  1.00 26.65 ? 97  ARG A NE    1 
ATOM   770  C  CZ    . ARG A 1 98  ? 6.171   -4.971  10.937  1.00 30.06 ? 97  ARG A CZ    1 
ATOM   771  N  NH1   . ARG A 1 98  ? 6.397   -4.620  9.650   1.00 29.25 ? 97  ARG A NH1   1 
ATOM   772  N  NH2   . ARG A 1 98  ? 7.178   -4.959  11.817  1.00 28.73 ? 97  ARG A NH2   1 
ATOM   773  N  N     . GLU A 1 99  ? 1.025   -9.347  10.064  1.00 20.78 ? 98  GLU A N     1 
ATOM   774  C  CA    . GLU A 1 99  ? 1.392   -10.741 10.491  1.00 22.91 ? 98  GLU A CA    1 
ATOM   775  C  C     . GLU A 1 99  ? 1.751   -11.667 9.307   1.00 22.34 ? 98  GLU A C     1 
ATOM   776  O  O     . GLU A 1 99  ? 2.735   -12.397 9.376   1.00 22.49 ? 98  GLU A O     1 
ATOM   777  C  CB    . GLU A 1 99  ? 0.304   -11.388 11.373  1.00 22.49 ? 98  GLU A CB    1 
ATOM   778  C  CG    . GLU A 1 99  ? 0.241   -10.815 12.803  1.00 27.96 ? 98  GLU A CG    1 
ATOM   779  C  CD    . GLU A 1 99  ? 1.421   -11.256 13.660  1.00 34.15 ? 98  GLU A CD    1 
ATOM   780  O  OE1   . GLU A 1 99  ? 1.675   -12.487 13.773  1.00 36.76 ? 98  GLU A OE1   1 
ATOM   781  O  OE2   . GLU A 1 99  ? 2.093   -10.376 14.221  1.00 35.06 ? 98  GLU A OE2   1 
ATOM   782  N  N     . GLN A 1 100 ? 0.927   -11.648 8.260   1.00 22.20 ? 99  GLN A N     1 
ATOM   783  C  CA    . GLN A 1 100 ? 1.176   -12.444 7.056   1.00 24.46 ? 99  GLN A CA    1 
ATOM   784  C  C     . GLN A 1 100 ? 2.496   -12.048 6.370   1.00 23.18 ? 99  GLN A C     1 
ATOM   785  O  O     . GLN A 1 100 ? 3.308   -12.925 6.003   1.00 23.16 ? 99  GLN A O     1 
ATOM   786  C  CB    . GLN A 1 100 ? 0.033   -12.319 6.043   1.00 25.24 ? 99  GLN A CB    1 
ATOM   787  C  CG    . GLN A 1 100 ? -1.343  -12.700 6.558   1.00 32.52 ? 99  GLN A CG    1 
ATOM   788  C  CD    . GLN A 1 100 ? -1.445  -14.154 7.023   1.00 40.50 ? 99  GLN A CD    1 
ATOM   789  O  OE1   . GLN A 1 100 ? -1.722  -14.427 8.218   1.00 45.04 ? 99  GLN A OE1   1 
ATOM   790  N  NE2   . GLN A 1 100 ? -1.225  -15.098 6.094   1.00 42.70 ? 99  GLN A NE2   1 
ATOM   791  N  N     . ILE A 1 101 ? 2.707   -10.742 6.249   1.00 21.09 ? 100 ILE A N     1 
ATOM   792  C  CA    . ILE A 1 101 ? 3.927   -10.250 5.617   1.00 21.03 ? 100 ILE A CA    1 
ATOM   793  C  C     . ILE A 1 101 ? 5.201   -10.768 6.334   1.00 20.93 ? 100 ILE A C     1 
ATOM   794  O  O     . ILE A 1 101 ? 6.030   -11.400 5.701   1.00 19.97 ? 100 ILE A O     1 
ATOM   795  C  CB    . ILE A 1 101 ? 3.883   -8.719  5.408   1.00 20.40 ? 100 ILE A CB    1 
ATOM   796  C  CG1   . ILE A 1 101 ? 2.745   -8.423  4.419   1.00 19.99 ? 100 ILE A CG1   1 
ATOM   797  C  CG2   . ILE A 1 101 ? 5.209   -8.220  4.824   1.00 18.43 ? 100 ILE A CG2   1 
ATOM   798  C  CD1   . ILE A 1 101 ? 2.359   -6.990  4.198   1.00 15.04 ? 100 ILE A CD1   1 
ATOM   799  N  N     . LYS A 1 102 ? 5.285   -10.538 7.639   1.00 20.36 ? 101 LYS A N     1 
ATOM   800  C  CA    . LYS A 1 102 ? 6.316   -11.058 8.514   1.00 22.67 ? 101 LYS A CA    1 
ATOM   801  C  C     . LYS A 1 102 ? 6.442   -12.584 8.572   1.00 23.00 ? 101 LYS A C     1 
ATOM   802  O  O     . LYS A 1 102 ? 7.535   -13.126 8.696   1.00 22.57 ? 101 LYS A O     1 
ATOM   803  C  CB    . LYS A 1 102 ? 6.088   -10.547 9.907   1.00 22.87 ? 101 LYS A CB    1 
ATOM   804  C  CG    . LYS A 1 102 ? 6.293   -9.050  10.022  1.00 23.62 ? 101 LYS A CG    1 
ATOM   805  C  CD    . LYS A 1 102 ? 6.395   -8.643  11.503  1.00 29.05 ? 101 LYS A CD    1 
ATOM   806  C  CE    . LYS A 1 102 ? 5.580   -9.598  12.401  1.00 30.18 ? 101 LYS A CE    1 
ATOM   807  N  NZ    . LYS A 1 102 ? 5.098   -8.949  13.688  1.00 32.17 ? 101 LYS A NZ    1 
ATOM   808  N  N     . ARG A 1 103 ? 5.336   -13.287 8.461   1.00 23.84 ? 102 ARG A N     1 
ATOM   809  C  CA    . ARG A 1 103 ? 5.443   -14.741 8.290   1.00 25.77 ? 102 ARG A CA    1 
ATOM   810  C  C     . ARG A 1 103 ? 6.060   -15.153 6.908   1.00 26.25 ? 102 ARG A C     1 
ATOM   811  O  O     . ARG A 1 103 ? 7.092   -15.801 6.871   1.00 25.23 ? 102 ARG A O     1 
ATOM   812  C  CB    . ARG A 1 103 ? 4.095   -15.383 8.545   1.00 25.45 ? 102 ARG A CB    1 
ATOM   813  C  CG    . ARG A 1 103 ? 4.070   -16.863 8.287   1.00 30.54 ? 102 ARG A CG    1 
ATOM   814  C  CD    . ARG A 1 103 ? 2.744   -17.507 8.759   1.00 35.09 ? 102 ARG A CD    1 
ATOM   815  N  NE    . ARG A 1 103 ? 2.282   -17.054 10.089  1.00 36.97 ? 102 ARG A NE    1 
ATOM   816  C  CZ    . ARG A 1 103 ? 1.121   -16.415 10.287  1.00 40.87 ? 102 ARG A CZ    1 
ATOM   817  N  NH1   . ARG A 1 103 ? 0.342   -16.110 9.246   1.00 38.75 ? 102 ARG A NH1   1 
ATOM   818  N  NH2   . ARG A 1 103 ? 0.740   -16.058 11.518  1.00 39.34 ? 102 ARG A NH2   1 
ATOM   819  N  N     . VAL A 1 104 ? 5.437   -14.766 5.789   1.00 27.49 ? 103 VAL A N     1 
ATOM   820  C  CA    . VAL A 1 104 ? 5.955   -15.105 4.442   1.00 28.23 ? 103 VAL A CA    1 
ATOM   821  C  C     . VAL A 1 104 ? 7.435   -14.738 4.243   1.00 28.93 ? 103 VAL A C     1 
ATOM   822  O  O     . VAL A 1 104 ? 8.186   -15.515 3.693   1.00 30.11 ? 103 VAL A O     1 
ATOM   823  C  CB    . VAL A 1 104 ? 5.081   -14.505 3.283   1.00 28.35 ? 103 VAL A CB    1 
ATOM   824  C  CG1   . VAL A 1 104 ? 5.852   -14.491 1.941   1.00 28.54 ? 103 VAL A CG1   1 
ATOM   825  C  CG2   . VAL A 1 104 ? 3.807   -15.333 3.092   1.00 25.95 ? 103 VAL A CG2   1 
ATOM   826  N  N     . LYS A 1 105 ? 7.850   -13.564 4.682   1.00 29.07 ? 104 LYS A N     1 
ATOM   827  C  CA    . LYS A 1 105 ? 9.216   -13.126 4.443   1.00 29.58 ? 104 LYS A CA    1 
ATOM   828  C  C     . LYS A 1 105 ? 10.139  -13.656 5.484   1.00 29.94 ? 104 LYS A C     1 
ATOM   829  O  O     . LYS A 1 105 ? 11.368  -13.468 5.358   1.00 30.15 ? 104 LYS A O     1 
ATOM   830  C  CB    . LYS A 1 105 ? 9.355   -11.587 4.423   1.00 28.29 ? 104 LYS A CB    1 
ATOM   831  C  CG    . LYS A 1 105 ? 8.493   -10.860 3.424   1.00 27.92 ? 104 LYS A CG    1 
ATOM   832  C  CD    . LYS A 1 105 ? 8.578   -11.348 1.977   1.00 25.86 ? 104 LYS A CD    1 
ATOM   833  C  CE    . LYS A 1 105 ? 9.841   -10.934 1.322   1.00 24.52 ? 104 LYS A CE    1 
ATOM   834  N  NZ    . LYS A 1 105 ? 9.641   -10.945 -0.126  1.00 26.26 ? 104 LYS A NZ    1 
ATOM   835  N  N     . ASP A 1 106 ? 9.551   -14.284 6.514   1.00 29.89 ? 105 ASP A N     1 
ATOM   836  C  CA    . ASP A 1 106 ? 10.296  -14.771 7.693   1.00 30.01 ? 105 ASP A CA    1 
ATOM   837  C  C     . ASP A 1 106 ? 11.143  -13.676 8.372   1.00 29.78 ? 105 ASP A C     1 
ATOM   838  O  O     . ASP A 1 106 ? 12.307  -13.895 8.722   1.00 31.04 ? 105 ASP A O     1 
ATOM   839  C  CB    . ASP A 1 106 ? 11.182  -15.970 7.262   1.00 30.25 ? 105 ASP A CB    1 
ATOM   840  C  CG    . ASP A 1 106 ? 11.692  -16.813 8.447   1.00 31.54 ? 105 ASP A CG    1 
ATOM   841  O  OD1   . ASP A 1 106 ? 11.308  -16.622 9.629   1.00 27.63 ? 105 ASP A OD1   1 
ATOM   842  O  OD2   . ASP A 1 106 ? 12.524  -17.685 8.173   1.00 36.78 ? 105 ASP A OD2   1 
ATOM   843  N  N     . SER A 1 107 ? 10.606  -12.481 8.534   1.00 28.91 ? 106 SER A N     1 
ATOM   844  C  CA    . SER A 1 107 ? 11.440  -11.336 8.996   1.00 28.51 ? 106 SER A CA    1 
ATOM   845  C  C     . SER A 1 107 ? 10.631  -10.274 9.715   1.00 28.08 ? 106 SER A C     1 
ATOM   846  O  O     . SER A 1 107 ? 9.514   -9.988  9.317   1.00 27.00 ? 106 SER A O     1 
ATOM   847  C  CB    . SER A 1 107 ? 12.165  -10.637 7.826   1.00 28.62 ? 106 SER A CB    1 
ATOM   848  O  OG    . SER A 1 107 ? 13.011  -9.598  8.321   1.00 30.29 ? 106 SER A OG    1 
ATOM   849  N  N     . GLU A 1 108 ? 11.232  -9.654  10.727  1.00 27.87 ? 107 GLU A N     1 
ATOM   850  C  CA    . GLU A 1 108 ? 10.647  -8.482  11.405  1.00 28.03 ? 107 GLU A CA    1 
ATOM   851  C  C     . GLU A 1 108 ? 10.865  -7.173  10.670  1.00 26.81 ? 107 GLU A C     1 
ATOM   852  O  O     . GLU A 1 108 ? 10.272  -6.117  11.040  1.00 26.92 ? 107 GLU A O     1 
ATOM   853  C  CB    . GLU A 1 108 ? 11.217  -8.308  12.842  1.00 29.87 ? 107 GLU A CB    1 
ATOM   854  C  CG    . GLU A 1 108 ? 11.122  -9.552  13.717  1.00 32.68 ? 107 GLU A CG    1 
ATOM   855  C  CD    . GLU A 1 108 ? 9.668   -9.912  14.015  1.00 36.52 ? 107 GLU A CD    1 
ATOM   856  O  OE1   . GLU A 1 108 ? 9.020   -9.191  14.804  1.00 37.82 ? 107 GLU A OE1   1 
ATOM   857  O  OE2   . GLU A 1 108 ? 9.176   -10.905 13.427  1.00 38.00 ? 107 GLU A OE2   1 
ATOM   858  N  N     . ASP A 1 109 ? 11.725  -7.209  9.658   1.00 24.54 ? 108 ASP A N     1 
ATOM   859  C  CA    . ASP A 1 109 ? 12.203  -5.973  9.023   1.00 22.90 ? 108 ASP A CA    1 
ATOM   860  C  C     . ASP A 1 109 ? 11.944  -6.003  7.523   1.00 20.20 ? 108 ASP A C     1 
ATOM   861  O  O     . ASP A 1 109 ? 12.862  -6.180  6.711   1.00 19.55 ? 108 ASP A O     1 
ATOM   862  C  CB    . ASP A 1 109 ? 13.696  -5.799  9.287   1.00 23.49 ? 108 ASP A CB    1 
ATOM   863  C  CG    . ASP A 1 109 ? 14.176  -4.405  8.947   1.00 30.82 ? 108 ASP A CG    1 
ATOM   864  O  OD1   . ASP A 1 109 ? 13.366  -3.429  9.129   1.00 34.60 ? 108 ASP A OD1   1 
ATOM   865  O  OD2   . ASP A 1 109 ? 15.355  -4.295  8.490   1.00 35.03 ? 108 ASP A OD2   1 
ATOM   866  N  N     . VAL A 1 110 ? 10.679  -5.882  7.169   1.00 18.45 ? 109 VAL A N     1 
ATOM   867  C  CA    . VAL A 1 110 ? 10.254  -6.003  5.758   1.00 17.34 ? 109 VAL A CA    1 
ATOM   868  C  C     . VAL A 1 110 ? 9.902   -4.574  5.336   1.00 15.61 ? 109 VAL A C     1 
ATOM   869  O  O     . VAL A 1 110 ? 9.138   -3.903  6.024   1.00 15.61 ? 109 VAL A O     1 
ATOM   870  C  CB    . VAL A 1 110 ? 9.008   -6.908  5.612   1.00 17.24 ? 109 VAL A CB    1 
ATOM   871  C  CG1   . VAL A 1 110 ? 8.615   -7.102  4.165   1.00 14.72 ? 109 VAL A CG1   1 
ATOM   872  C  CG2   . VAL A 1 110 ? 9.203   -8.250  6.269   1.00 16.63 ? 109 VAL A CG2   1 
ATOM   873  N  N     . PRO A 1 111 ? 10.491  -4.091  4.234   1.00 15.00 ? 110 PRO A N     1 
ATOM   874  C  CA    . PRO A 1 111 ? 10.087  -2.745  3.819   1.00 14.30 ? 110 PRO A CA    1 
ATOM   875  C  C     . PRO A 1 111 ? 8.513   -2.651  3.647   1.00 14.70 ? 110 PRO A C     1 
ATOM   876  O  O     . PRO A 1 111 ? 7.926   -3.451  2.906   1.00 11.11 ? 110 PRO A O     1 
ATOM   877  C  CB    . PRO A 1 111 ? 10.786  -2.593  2.477   1.00 14.41 ? 110 PRO A CB    1 
ATOM   878  C  CG    . PRO A 1 111 ? 11.939  -3.586  2.527   1.00 16.03 ? 110 PRO A CG    1 
ATOM   879  C  CD    . PRO A 1 111 ? 11.371  -4.747  3.243   1.00 13.64 ? 110 PRO A CD    1 
ATOM   880  N  N     . MET A 1 112 ? 7.886   -1.651  4.302   1.00 14.79 ? 111 MET A N     1 
ATOM   881  C  CA    . MET A 1 112 ? 6.434   -1.514  4.380   1.00 14.66 ? 111 MET A CA    1 
ATOM   882  C  C     . MET A 1 112 ? 6.221   -0.051  4.652   1.00 14.56 ? 111 MET A C     1 
ATOM   883  O  O     . MET A 1 112 ? 7.093   0.583   5.229   1.00 14.25 ? 111 MET A O     1 
ATOM   884  C  CB    . MET A 1 112 ? 5.894   -2.204  5.628   1.00 16.47 ? 111 MET A CB    1 
ATOM   885  C  CG    . MET A 1 112 ? 5.794   -3.679  5.693   1.00 21.11 ? 111 MET A CG    1 
ATOM   886  S  SD    . MET A 1 112 ? 4.519   -4.150  6.928   1.00 21.91 ? 111 MET A SD    1 
ATOM   887  C  CE    . MET A 1 112 ? 3.499   -2.742  6.978   1.00 25.29 ? 111 MET A CE    1 
ATOM   888  N  N     . VAL A 1 113 ? 5.071   0.486   4.237   1.00 12.49 ? 112 VAL A N     1 
ATOM   889  C  CA    . VAL A 1 113 ? 4.613   1.849   4.580   1.00 10.73 ? 112 VAL A CA    1 
ATOM   890  C  C     . VAL A 1 113 ? 3.142   1.722   4.862   1.00 10.90 ? 112 VAL A C     1 
ATOM   891  O  O     . VAL A 1 113 ? 2.465   1.069   4.086   1.00 9.24  ? 112 VAL A O     1 
ATOM   892  C  CB    . VAL A 1 113 ? 4.744   2.795   3.319   1.00 10.83 ? 112 VAL A CB    1 
ATOM   893  C  CG1   . VAL A 1 113 ? 4.070   4.163   3.534   1.00 11.00 ? 112 VAL A CG1   1 
ATOM   894  C  CG2   . VAL A 1 113 ? 6.232   3.001   2.935   1.00 7.54  ? 112 VAL A CG2   1 
ATOM   895  N  N     . LEU A 1 114 ? 2.637   2.420   5.900   1.00 10.24 ? 113 LEU A N     1 
ATOM   896  C  CA    . LEU A 1 114 ? 1.247   2.349   6.302   1.00 10.10 ? 113 LEU A CA    1 
ATOM   897  C  C     . LEU A 1 114 ? 0.620   3.566   5.687   1.00 11.90 ? 113 LEU A C     1 
ATOM   898  O  O     . LEU A 1 114 ? 1.172   4.683   5.804   1.00 11.17 ? 113 LEU A O     1 
ATOM   899  C  CB    . LEU A 1 114 ? 1.093   2.441   7.844   1.00 9.60  ? 113 LEU A CB    1 
ATOM   900  C  CG    . LEU A 1 114 ? -0.341  2.437   8.394   1.00 12.06 ? 113 LEU A CG    1 
ATOM   901  C  CD1   . LEU A 1 114 ? -1.051  1.081   8.147   1.00 8.00  ? 113 LEU A CD1   1 
ATOM   902  C  CD2   . LEU A 1 114 ? -0.337  2.705   9.919   1.00 13.59 ? 113 LEU A CD2   1 
ATOM   903  N  N     . VAL A 1 115 ? -0.517  3.357   5.025   1.00 10.95 ? 114 VAL A N     1 
ATOM   904  C  CA    . VAL A 1 115 ? -1.124  4.399   4.231   1.00 10.62 ? 114 VAL A CA    1 
ATOM   905  C  C     . VAL A 1 115 ? -2.563  4.595   4.708   1.00 10.31 ? 114 VAL A C     1 
ATOM   906  O  O     . VAL A 1 115 ? -3.338  3.654   4.660   1.00 10.64 ? 114 VAL A O     1 
ATOM   907  C  CB    . VAL A 1 115 ? -1.114  3.996   2.746   1.00 8.89  ? 114 VAL A CB    1 
ATOM   908  C  CG1   . VAL A 1 115 ? -1.929  5.013   1.943   1.00 13.13 ? 114 VAL A CG1   1 
ATOM   909  C  CG2   . VAL A 1 115 ? 0.348   3.928   2.219   1.00 10.67 ? 114 VAL A CG2   1 
ATOM   910  N  N     . GLY A 1 116 ? -2.931  5.831   5.110   1.00 10.47 ? 115 GLY A N     1 
ATOM   911  C  CA    . GLY A 1 116 ? -4.283  6.124   5.533   1.00 8.96  ? 115 GLY A CA    1 
ATOM   912  C  C     . GLY A 1 116 ? -4.901  6.905   4.390   1.00 9.37  ? 115 GLY A C     1 
ATOM   913  O  O     . GLY A 1 116 ? -4.627  8.123   4.238   1.00 8.21  ? 115 GLY A O     1 
ATOM   914  N  N     . ASN A 1 117 ? -5.762  6.236   3.617   1.00 8.38  ? 116 ASN A N     1 
ATOM   915  C  CA    . ASN A 1 117 ? -6.329  6.811   2.406   1.00 7.86  ? 116 ASN A CA    1 
ATOM   916  C  C     . ASN A 1 117 ? -7.673  7.466   2.592   1.00 9.49  ? 116 ASN A C     1 
ATOM   917  O  O     . ASN A 1 117 ? -8.326  7.197   3.590   1.00 9.63  ? 116 ASN A O     1 
ATOM   918  C  CB    . ASN A 1 117 ? -6.391  5.736   1.292   1.00 5.48  ? 116 ASN A CB    1 
ATOM   919  C  CG    . ASN A 1 117 ? -6.777  6.312   -0.044  1.00 8.57  ? 116 ASN A CG    1 
ATOM   920  O  OD1   . ASN A 1 117 ? -6.173  7.314   -0.488  1.00 9.36  ? 116 ASN A OD1   1 
ATOM   921  N  ND2   . ASN A 1 117 ? -7.747  5.697   -0.722  1.00 5.91  ? 116 ASN A ND2   1 
ATOM   922  N  N     . LYS A 1 118 ? -8.079  8.344   1.636   1.00 10.14 ? 117 LYS A N     1 
ATOM   923  C  CA    . LYS A 1 118 ? -9.406  9.058   1.618   1.00 11.25 ? 117 LYS A CA    1 
ATOM   924  C  C     . LYS A 1 118 ? -9.341  10.235  2.590   1.00 13.62 ? 117 LYS A C     1 
ATOM   925  O  O     . LYS A 1 118 ? -10.349 10.556  3.297   1.00 11.35 ? 117 LYS A O     1 
ATOM   926  C  CB    . LYS A 1 118 ? -10.593 8.152   2.024   1.00 11.26 ? 117 LYS A CB    1 
ATOM   927  C  CG    . LYS A 1 118 ? -10.672 6.772   1.310   1.00 10.34 ? 117 LYS A CG    1 
ATOM   928  C  CD    . LYS A 1 118 ? -12.080 6.237   1.340   1.00 8.74  ? 117 LYS A CD    1 
ATOM   929  C  CE    . LYS A 1 118 ? -12.114 4.872   0.551   1.00 13.65 ? 117 LYS A CE    1 
ATOM   930  N  NZ    . LYS A 1 118 ? -13.493 4.289   0.504   1.00 6.85  ? 117 LYS A NZ    1 
ATOM   931  N  N     . SER A 1 119 ? -8.143  10.820  2.670   1.00 13.20 ? 118 SER A N     1 
ATOM   932  C  CA    . SER A 1 119 ? -7.858  11.930  3.601   1.00 16.97 ? 118 SER A CA    1 
ATOM   933  C  C     . SER A 1 119 ? -8.717  13.196  3.298   1.00 17.66 ? 118 SER A C     1 
ATOM   934  O  O     . SER A 1 119 ? -8.771  14.126  4.120   1.00 18.67 ? 118 SER A O     1 
ATOM   935  C  CB    . SER A 1 119 ? -6.344  12.307  3.583   1.00 16.18 ? 118 SER A CB    1 
ATOM   936  O  OG    . SER A 1 119 ? -6.045  12.916  2.296   1.00 16.18 ? 118 SER A OG    1 
ATOM   937  N  N     . ASP A 1 120 ? -9.331  13.224  2.106   1.00 18.34 ? 119 ASP A N     1 
ATOM   938  C  CA    . ASP A 1 120 ? -10.230 14.288  1.653   1.00 18.73 ? 119 ASP A CA    1 
ATOM   939  C  C     . ASP A 1 120 ? -11.597 14.227  2.350   1.00 19.75 ? 119 ASP A C     1 
ATOM   940  O  O     . ASP A 1 120 ? -12.375 15.159  2.240   1.00 19.16 ? 119 ASP A O     1 
ATOM   941  C  CB    . ASP A 1 120 ? -10.528 14.142  0.160   1.00 18.52 ? 119 ASP A CB    1 
ATOM   942  C  CG    . ASP A 1 120 ? -10.972 12.749  -0.222  1.00 18.59 ? 119 ASP A CG    1 
ATOM   943  O  OD1   . ASP A 1 120 ? -10.137 11.830  -0.326  1.00 15.25 ? 119 ASP A OD1   1 
ATOM   944  O  OD2   . ASP A 1 120 ? -12.152 12.575  -0.497  1.00 18.11 ? 119 ASP A OD2   1 
ATOM   945  N  N     . LEU A 1 121 ? -11.892 13.111  3.018   1.00 18.09 ? 120 LEU A N     1 
ATOM   946  C  CA    . LEU A 1 121 ? -13.260 12.852  3.470   1.00 20.26 ? 120 LEU A CA    1 
ATOM   947  C  C     . LEU A 1 121 ? -13.505 13.524  4.819   1.00 20.63 ? 120 LEU A C     1 
ATOM   948  O  O     . LEU A 1 121 ? -12.572 13.627  5.624   1.00 20.02 ? 120 LEU A O     1 
ATOM   949  C  CB    . LEU A 1 121 ? -13.564 11.338  3.504   1.00 19.79 ? 120 LEU A CB    1 
ATOM   950  C  CG    . LEU A 1 121 ? -13.952 10.772  2.110   1.00 22.66 ? 120 LEU A CG    1 
ATOM   951  C  CD1   . LEU A 1 121 ? -14.252 9.279   2.151   1.00 20.78 ? 120 LEU A CD1   1 
ATOM   952  C  CD2   . LEU A 1 121 ? -15.146 11.493  1.491   1.00 24.28 ? 120 LEU A CD2   1 
ATOM   953  N  N     . PRO A 1 122 ? -14.749 14.007  5.046   1.00 22.29 ? 121 PRO A N     1 
ATOM   954  C  CA    . PRO A 1 122 ? -15.059 14.705  6.286   1.00 22.74 ? 121 PRO A CA    1 
ATOM   955  C  C     . PRO A 1 122 ? -15.238 13.824  7.508   1.00 24.80 ? 121 PRO A C     1 
ATOM   956  O  O     . PRO A 1 122 ? -14.976 14.263  8.647   1.00 25.92 ? 121 PRO A O     1 
ATOM   957  C  CB    . PRO A 1 122 ? -16.385 15.430  5.980   1.00 21.74 ? 121 PRO A CB    1 
ATOM   958  C  CG    . PRO A 1 122 ? -17.031 14.624  4.894   1.00 23.10 ? 121 PRO A CG    1 
ATOM   959  C  CD    . PRO A 1 122 ? -15.841 14.142  4.054   1.00 21.58 ? 121 PRO A CD    1 
ATOM   960  N  N     . SER A 1 123 ? -15.705 12.613  7.381   1.00 25.33 ? 122 SER A N     1 
ATOM   961  C  CA    . SER A 1 123 ? -16.024 12.046  8.710   1.00 27.16 ? 122 SER A CA    1 
ATOM   962  C  C     . SER A 1 123 ? -15.001 10.990  9.081   1.00 26.20 ? 122 SER A C     1 
ATOM   963  O  O     . SER A 1 123 ? -15.229 9.787   8.926   1.00 26.66 ? 122 SER A O     1 
ATOM   964  C  CB    . SER A 1 123 ? -17.486 11.570  8.845   1.00 27.68 ? 122 SER A CB    1 
ATOM   965  O  OG    . SER A 1 123 ? -18.322 12.695  9.157   1.00 33.18 ? 122 SER A OG    1 
ATOM   966  N  N     . ARG A 1 124 ? -13.868 11.482  9.527   1.00 23.42 ? 123 ARG A N     1 
ATOM   967  C  CA    . ARG A 1 124 ? -12.808 10.654  10.033  1.00 22.38 ? 123 ARG A CA    1 
ATOM   968  C  C     . ARG A 1 124 ? -13.179 9.792   11.278  1.00 19.73 ? 123 ARG A C     1 
ATOM   969  O  O     . ARG A 1 124 ? -13.697 10.280  12.293  1.00 18.62 ? 123 ARG A O     1 
ATOM   970  C  CB    . ARG A 1 124 ? -11.637 11.581  10.384  1.00 22.78 ? 123 ARG A CB    1 
ATOM   971  C  CG    . ARG A 1 124 ? -10.453 10.823  10.690  1.00 26.46 ? 123 ARG A CG    1 
ATOM   972  C  CD    . ARG A 1 124 ? -9.519  11.596  11.473  1.00 28.18 ? 123 ARG A CD    1 
ATOM   973  N  NE    . ARG A 1 124 ? -8.527  12.044  10.562  1.00 29.35 ? 123 ARG A NE    1 
ATOM   974  C  CZ    . ARG A 1 124 ? -7.568  11.299  10.050  1.00 25.17 ? 123 ARG A CZ    1 
ATOM   975  N  NH1   . ARG A 1 124 ? -7.426  10.035  10.380  1.00 24.49 ? 123 ARG A NH1   1 
ATOM   976  N  NH2   . ARG A 1 124 ? -6.732  11.865  9.214   1.00 25.32 ? 123 ARG A NH2   1 
ATOM   977  N  N     . THR A 1 125 ? -12.852 8.520   11.217  1.00 17.23 ? 124 THR A N     1 
ATOM   978  C  CA    . THR A 1 125 ? -13.216 7.568   12.265  1.00 17.88 ? 124 THR A CA    1 
ATOM   979  C  C     . THR A 1 125 ? -11.990 6.881   12.870  1.00 18.28 ? 124 THR A C     1 
ATOM   980  O  O     . THR A 1 125 ? -12.069 6.311   13.955  1.00 19.00 ? 124 THR A O     1 
ATOM   981  C  CB    . THR A 1 125 ? -14.242 6.637   11.669  1.00 17.52 ? 124 THR A CB    1 
ATOM   982  O  OG1   . THR A 1 125 ? -15.575 6.990   12.145  1.00 18.41 ? 124 THR A OG1   1 
ATOM   983  C  CG2   . THR A 1 125 ? -13.906 5.290   11.789  1.00 19.03 ? 124 THR A CG2   1 
ATOM   984  N  N     . VAL A 1 126 ? -10.867 6.939   12.151  1.00 18.66 ? 125 VAL A N     1 
ATOM   985  C  CA    . VAL A 1 126 ? -9.574  6.437   12.637  1.00 18.69 ? 125 VAL A CA    1 
ATOM   986  C  C     . VAL A 1 126 ? -8.676  7.633   12.895  1.00 20.01 ? 125 VAL A C     1 
ATOM   987  O  O     . VAL A 1 126 ? -8.298  8.396   11.972  1.00 18.13 ? 125 VAL A O     1 
ATOM   988  C  CB    . VAL A 1 126 ? -8.877  5.550   11.603  1.00 19.19 ? 125 VAL A CB    1 
ATOM   989  C  CG1   . VAL A 1 126 ? -7.460  5.136   12.126  1.00 18.34 ? 125 VAL A CG1   1 
ATOM   990  C  CG2   . VAL A 1 126 ? -9.780  4.387   11.266  1.00 17.69 ? 125 VAL A CG2   1 
ATOM   991  N  N     . ASP A 1 127 ? -8.349  7.800   14.166  1.00 21.91 ? 126 ASP A N     1 
ATOM   992  C  CA    . ASP A 1 127 ? -7.473  8.875   14.630  1.00 25.07 ? 126 ASP A CA    1 
ATOM   993  C  C     . ASP A 1 127 ? -6.035  8.794   14.041  1.00 24.46 ? 126 ASP A C     1 
ATOM   994  O  O     . ASP A 1 127 ? -5.374  7.726   14.065  1.00 24.91 ? 126 ASP A O     1 
ATOM   995  C  CB    . ASP A 1 127 ? -7.484  8.817   16.165  1.00 26.66 ? 126 ASP A CB    1 
ATOM   996  C  CG    . ASP A 1 127 ? -6.383  9.593   16.791  1.00 31.84 ? 126 ASP A CG    1 
ATOM   997  O  OD1   . ASP A 1 127 ? -6.090  10.696  16.256  1.00 38.23 ? 126 ASP A OD1   1 
ATOM   998  O  OD2   . ASP A 1 127 ? -5.850  9.120   17.861  1.00 37.28 ? 126 ASP A OD2   1 
ATOM   999  N  N     . THR A 1 128 ? -5.570  9.913   13.485  1.00 23.65 ? 127 THR A N     1 
ATOM   1000 C  CA    . THR A 1 128 ? -4.219  9.996   12.968  1.00 23.77 ? 127 THR A CA    1 
ATOM   1001 C  C     . THR A 1 128 ? -3.172  9.504   13.964  1.00 23.03 ? 127 THR A C     1 
ATOM   1002 O  O     . THR A 1 128 ? -2.223  8.855   13.567  1.00 22.65 ? 127 THR A O     1 
ATOM   1003 C  CB    . THR A 1 128 ? -3.816  11.428  12.563  1.00 25.07 ? 127 THR A CB    1 
ATOM   1004 O  OG1   . THR A 1 128 ? -4.830  11.983  11.737  1.00 27.45 ? 127 THR A OG1   1 
ATOM   1005 C  CG2   . THR A 1 128 ? -2.533  11.399  11.771  1.00 24.40 ? 127 THR A CG2   1 
ATOM   1006 N  N     . LYS A 1 129 ? -3.359  9.826   15.243  1.00 22.41 ? 128 LYS A N     1 
ATOM   1007 C  CA    . LYS A 1 129 ? -2.405  9.480   16.285  1.00 22.81 ? 128 LYS A CA    1 
ATOM   1008 C  C     . LYS A 1 129 ? -2.343  7.970   16.497  1.00 21.44 ? 128 LYS A C     1 
ATOM   1009 O  O     . LYS A 1 129 ? -1.286  7.406   16.775  1.00 22.79 ? 128 LYS A O     1 
ATOM   1010 C  CB    . LYS A 1 129 ? -2.757  10.232  17.575  1.00 23.39 ? 128 LYS A CB    1 
ATOM   1011 C  CG    . LYS A 1 129 ? -2.203  9.633   18.867  1.00 27.17 ? 128 LYS A CG    1 
ATOM   1012 C  CD    . LYS A 1 129 ? -0.730  9.997   19.117  1.00 29.89 ? 128 LYS A CD    1 
ATOM   1013 C  CE    . LYS A 1 129 ? -0.391  9.821   20.636  1.00 34.06 ? 128 LYS A CE    1 
ATOM   1014 N  NZ    . LYS A 1 129 ? -1.627  9.335   21.362  1.00 35.66 ? 128 LYS A NZ    1 
ATOM   1015 N  N     . GLN A 1 130 ? -3.475  7.300   16.373  1.00 20.80 ? 129 GLN A N     1 
ATOM   1016 C  CA    . GLN A 1 130 ? -3.482  5.852   16.472  1.00 20.18 ? 129 GLN A CA    1 
ATOM   1017 C  C     . GLN A 1 130 ? -2.699  5.151   15.299  1.00 19.54 ? 129 GLN A C     1 
ATOM   1018 O  O     . GLN A 1 130 ? -2.008  4.099   15.495  1.00 18.87 ? 129 GLN A O     1 
ATOM   1019 C  CB    . GLN A 1 130 ? -4.932  5.391   16.537  1.00 21.04 ? 129 GLN A CB    1 
ATOM   1020 C  CG    . GLN A 1 130 ? -5.114  3.864   16.469  1.00 24.36 ? 129 GLN A CG    1 
ATOM   1021 C  CD    . GLN A 1 130 ? -6.581  3.415   16.736  1.00 30.74 ? 129 GLN A CD    1 
ATOM   1022 O  OE1   . GLN A 1 130 ? -7.516  3.734   15.963  1.00 27.68 ? 129 GLN A OE1   1 
ATOM   1023 N  NE2   . GLN A 1 130 ? -6.779  2.686   17.858  1.00 31.24 ? 129 GLN A NE2   1 
ATOM   1024 N  N     . ALA A 1 131 ? -2.853  5.683   14.078  1.00 19.24 ? 130 ALA A N     1 
ATOM   1025 C  CA    . ALA A 1 131 ? -2.085  5.189   12.923  1.00 19.16 ? 130 ALA A CA    1 
ATOM   1026 C  C     . ALA A 1 131 ? -0.592  5.507   13.083  1.00 20.49 ? 130 ALA A C     1 
ATOM   1027 O  O     . ALA A 1 131 ? 0.239   4.643   12.779  1.00 20.31 ? 130 ALA A O     1 
ATOM   1028 C  CB    . ALA A 1 131 ? -2.568  5.830   11.672  1.00 18.95 ? 130 ALA A CB    1 
ATOM   1029 N  N     . GLN A 1 132 ? -0.274  6.754   13.480  1.00 20.24 ? 131 GLN A N     1 
ATOM   1030 C  CA    . GLN A 1 132 ? 1.133   7.195   13.705  1.00 23.30 ? 131 GLN A CA    1 
ATOM   1031 C  C     . GLN A 1 132 ? 1.759   6.278   14.737  1.00 21.97 ? 131 GLN A C     1 
ATOM   1032 O  O     . GLN A 1 132 ? 2.891   5.873   14.589  1.00 21.95 ? 131 GLN A O     1 
ATOM   1033 C  CB    . GLN A 1 132 ? 1.225   8.627   14.230  1.00 23.77 ? 131 GLN A CB    1 
ATOM   1034 C  CG    . GLN A 1 132 ? 0.961   9.740   13.236  1.00 30.89 ? 131 GLN A CG    1 
ATOM   1035 C  CD    . GLN A 1 132 ? 0.758   11.131  13.945  1.00 40.06 ? 131 GLN A CD    1 
ATOM   1036 O  OE1   . GLN A 1 132 ? 0.599   11.223  15.188  1.00 40.23 ? 131 GLN A OE1   1 
ATOM   1037 N  NE2   . GLN A 1 132 ? 0.747   12.207  13.137  1.00 40.76 ? 131 GLN A NE2   1 
ATOM   1038 N  N     . ASP A 1 133 ? 0.994   5.919   15.765  1.00 22.06 ? 132 ASP A N     1 
ATOM   1039 C  CA    . ASP A 1 133 ? 1.566   5.113   16.830  1.00 22.46 ? 132 ASP A CA    1 
ATOM   1040 C  C     . ASP A 1 133 ? 1.782   3.710   16.338  1.00 22.00 ? 132 ASP A C     1 
ATOM   1041 O  O     . ASP A 1 133 ? 2.769   3.101   16.671  1.00 21.43 ? 132 ASP A O     1 
ATOM   1042 C  CB    . ASP A 1 133 ? 0.748   5.097   18.108  1.00 22.08 ? 132 ASP A CB    1 
ATOM   1043 C  CG    . ASP A 1 133 ? 0.700   6.484   18.826  1.00 24.90 ? 132 ASP A CG    1 
ATOM   1044 O  OD1   . ASP A 1 133 ? 1.422   7.469   18.505  1.00 22.03 ? 132 ASP A OD1   1 
ATOM   1045 O  OD2   . ASP A 1 133 ? -0.114  6.583   19.742  1.00 28.82 ? 132 ASP A OD2   1 
ATOM   1046 N  N     . LEU A 1 134 ? 0.878   3.215   15.507  1.00 20.56 ? 133 LEU A N     1 
ATOM   1047 C  CA    . LEU A 1 134 ? 1.000   1.856   15.043  1.00 20.10 ? 133 LEU A CA    1 
ATOM   1048 C  C     . LEU A 1 134 ? 2.211   1.798   14.163  1.00 20.04 ? 133 LEU A C     1 
ATOM   1049 O  O     . LEU A 1 134 ? 3.048   0.868   14.295  1.00 20.00 ? 133 LEU A O     1 
ATOM   1050 C  CB    . LEU A 1 134 ? -0.243  1.453   14.256  1.00 19.55 ? 133 LEU A CB    1 
ATOM   1051 C  CG    . LEU A 1 134 ? -0.383  0.003   13.829  1.00 18.01 ? 133 LEU A CG    1 
ATOM   1052 C  CD1   . LEU A 1 134 ? -0.300  -1.030  15.063  1.00 20.72 ? 133 LEU A CD1   1 
ATOM   1053 C  CD2   . LEU A 1 134 ? -1.676  -0.087  13.009  1.00 18.39 ? 133 LEU A CD2   1 
ATOM   1054 N  N     . ALA A 1 135 ? 2.341   2.807   13.287  1.00 19.83 ? 134 ALA A N     1 
ATOM   1055 C  CA    . ALA A 1 135 ? 3.410   2.805   12.321  1.00 21.33 ? 134 ALA A CA    1 
ATOM   1056 C  C     . ALA A 1 135 ? 4.716   2.842   13.111  1.00 22.39 ? 134 ALA A C     1 
ATOM   1057 O  O     . ALA A 1 135 ? 5.644   2.070   12.852  1.00 21.14 ? 134 ALA A O     1 
ATOM   1058 C  CB    . ALA A 1 135 ? 3.282   3.977   11.324  1.00 19.38 ? 134 ALA A CB    1 
ATOM   1059 N  N     . ARG A 1 136 ? 4.745   3.686   14.127  1.00 24.75 ? 135 ARG A N     1 
ATOM   1060 C  CA    . ARG A 1 136 ? 6.012   3.862   14.877  1.00 27.43 ? 135 ARG A CA    1 
ATOM   1061 C  C     . ARG A 1 136 ? 6.399   2.597   15.599  1.00 27.15 ? 135 ARG A C     1 
ATOM   1062 O  O     . ARG A 1 136 ? 7.575   2.230   15.612  1.00 27.39 ? 135 ARG A O     1 
ATOM   1063 C  CB    . ARG A 1 136 ? 5.929   5.006   15.851  1.00 28.04 ? 135 ARG A CB    1 
ATOM   1064 C  CG    . ARG A 1 136 ? 7.306   5.489   16.365  1.00 32.71 ? 135 ARG A CG    1 
ATOM   1065 C  CD    . ARG A 1 136 ? 7.088   6.671   17.348  1.00 39.90 ? 135 ARG A CD    1 
ATOM   1066 N  NE    . ARG A 1 136 ? 6.040   6.308   18.304  1.00 42.07 ? 135 ARG A NE    1 
ATOM   1067 C  CZ    . ARG A 1 136 ? 4.828   6.858   18.364  1.00 43.40 ? 135 ARG A CZ    1 
ATOM   1068 N  NH1   . ARG A 1 136 ? 4.476   7.842   17.532  1.00 42.01 ? 135 ARG A NH1   1 
ATOM   1069 N  NH2   . ARG A 1 136 ? 3.973   6.402   19.274  1.00 45.16 ? 135 ARG A NH2   1 
ATOM   1070 N  N     . SER A 1 137 ? 5.408   1.913   16.174  1.00 26.81 ? 136 SER A N     1 
ATOM   1071 C  CA    . SER A 1 137 ? 5.669   0.612   16.800  1.00 26.47 ? 136 SER A CA    1 
ATOM   1072 C  C     . SER A 1 137 ? 6.175   -0.438  15.831  1.00 26.48 ? 136 SER A C     1 
ATOM   1073 O  O     . SER A 1 137 ? 6.786   -1.419  16.260  1.00 26.89 ? 136 SER A O     1 
ATOM   1074 C  CB    . SER A 1 137 ? 4.411   0.063   17.491  1.00 27.02 ? 136 SER A CB    1 
ATOM   1075 O  OG    . SER A 1 137 ? 3.743   -0.839  16.641  1.00 24.89 ? 136 SER A OG    1 
ATOM   1076 N  N     . TYR A 1 138 ? 5.870   -0.291  14.534  1.00 25.22 ? 137 TYR A N     1 
ATOM   1077 C  CA    . TYR A 1 138 ? 6.352   -1.249  13.560  1.00 23.77 ? 137 TYR A CA    1 
ATOM   1078 C  C     . TYR A 1 138 ? 7.696   -0.802  13.099  1.00 23.60 ? 137 TYR A C     1 
ATOM   1079 O  O     . TYR A 1 138 ? 8.391   -1.570  12.477  1.00 24.43 ? 137 TYR A O     1 
ATOM   1080 C  CB    . TYR A 1 138 ? 5.437   -1.354  12.323  1.00 22.62 ? 137 TYR A CB    1 
ATOM   1081 C  CG    . TYR A 1 138 ? 4.089   -1.963  12.520  1.00 21.71 ? 137 TYR A CG    1 
ATOM   1082 C  CD1   . TYR A 1 138 ? 3.794   -2.826  13.624  1.00 23.25 ? 137 TYR A CD1   1 
ATOM   1083 C  CD2   . TYR A 1 138 ? 3.081   -1.739  11.562  1.00 22.77 ? 137 TYR A CD2   1 
ATOM   1084 C  CE1   . TYR A 1 138 ? 2.502   -3.375  13.777  1.00 20.09 ? 137 TYR A CE1   1 
ATOM   1085 C  CE2   . TYR A 1 138 ? 1.810   -2.298  11.677  1.00 20.31 ? 137 TYR A CE2   1 
ATOM   1086 C  CZ    . TYR A 1 138 ? 1.508   -3.100  12.780  1.00 22.41 ? 137 TYR A CZ    1 
ATOM   1087 O  OH    . TYR A 1 138 ? 0.233   -3.623  12.826  1.00 16.96 ? 137 TYR A OH    1 
ATOM   1088 N  N     . GLY A 1 139 ? 8.046   0.463   13.346  1.00 23.68 ? 138 GLY A N     1 
ATOM   1089 C  CA    . GLY A 1 139 ? 9.229   1.105   12.739  1.00 21.51 ? 138 GLY A CA    1 
ATOM   1090 C  C     . GLY A 1 139 ? 9.080   1.323   11.234  1.00 21.48 ? 138 GLY A C     1 
ATOM   1091 O  O     . GLY A 1 139 ? 10.002  1.009   10.465  1.00 21.88 ? 138 GLY A O     1 
ATOM   1092 N  N     . ILE A 1 140 ? 7.921   1.818   10.799  1.00 18.63 ? 139 ILE A N     1 
ATOM   1093 C  CA    . ILE A 1 140 ? 7.737   2.033   9.386   1.00 17.21 ? 139 ILE A CA    1 
ATOM   1094 C  C     . ILE A 1 140 ? 7.103   3.399   9.184   1.00 15.82 ? 139 ILE A C     1 
ATOM   1095 O  O     . ILE A 1 140 ? 6.487   3.967   10.105  1.00 14.94 ? 139 ILE A O     1 
ATOM   1096 C  CB    . ILE A 1 140 ? 6.819   0.963   8.723   1.00 17.44 ? 139 ILE A CB    1 
ATOM   1097 C  CG1   . ILE A 1 140 ? 5.393   1.014   9.347   1.00 15.27 ? 139 ILE A CG1   1 
ATOM   1098 C  CG2   . ILE A 1 140 ? 7.416   -0.449  8.853   1.00 16.62 ? 139 ILE A CG2   1 
ATOM   1099 C  CD1   . ILE A 1 140 ? 4.423   0.071   8.563   1.00 14.98 ? 139 ILE A CD1   1 
ATOM   1100 N  N     . PRO A 1 141 ? 7.246   3.933   7.975   1.00 15.22 ? 140 PRO A N     1 
ATOM   1101 C  CA    . PRO A 1 141 ? 6.660   5.250   7.703   1.00 15.08 ? 140 PRO A CA    1 
ATOM   1102 C  C     . PRO A 1 141 ? 5.131   5.172   7.661   1.00 15.68 ? 140 PRO A C     1 
ATOM   1103 O  O     . PRO A 1 141 ? 4.592   4.070   7.432   1.00 17.62 ? 140 PRO A O     1 
ATOM   1104 C  CB    . PRO A 1 141 ? 7.246   5.622   6.340   1.00 13.28 ? 140 PRO A CB    1 
ATOM   1105 C  CG    . PRO A 1 141 ? 8.570   4.889   6.289   1.00 14.31 ? 140 PRO A CG    1 
ATOM   1106 C  CD    . PRO A 1 141 ? 8.298   3.556   6.997   1.00 14.97 ? 140 PRO A CD    1 
ATOM   1107 N  N     . PHE A 1 142 ? 4.451   6.290   7.937   1.00 14.94 ? 141 PHE A N     1 
ATOM   1108 C  CA    . PHE A 1 142 ? 3.004   6.406   7.801   1.00 15.20 ? 141 PHE A CA    1 
ATOM   1109 C  C     . PHE A 1 142 ? 2.752   7.647   7.019   1.00 16.21 ? 141 PHE A C     1 
ATOM   1110 O  O     . PHE A 1 142 ? 3.385   8.666   7.288   1.00 15.04 ? 141 PHE A O     1 
ATOM   1111 C  CB    . PHE A 1 142 ? 2.309   6.557   9.141   1.00 16.71 ? 141 PHE A CB    1 
ATOM   1112 C  CG    . PHE A 1 142 ? 0.861   7.016   9.051   1.00 17.97 ? 141 PHE A CG    1 
ATOM   1113 C  CD1   . PHE A 1 142 ? -0.090  6.287   8.320   1.00 12.53 ? 141 PHE A CD1   1 
ATOM   1114 C  CD2   . PHE A 1 142 ? 0.448   8.139   9.762   1.00 20.62 ? 141 PHE A CD2   1 
ATOM   1115 C  CE1   . PHE A 1 142 ? -1.442  6.684   8.262   1.00 9.77  ? 141 PHE A CE1   1 
ATOM   1116 C  CE2   . PHE A 1 142 ? -0.906  8.563   9.734   1.00 23.08 ? 141 PHE A CE2   1 
ATOM   1117 C  CZ    . PHE A 1 142 ? -1.859  7.807   8.954   1.00 19.96 ? 141 PHE A CZ    1 
ATOM   1118 N  N     . ILE A 1 143 ? 1.909   7.542   5.986   1.00 15.80 ? 142 ILE A N     1 
ATOM   1119 C  CA    . ILE A 1 143 ? 1.626   8.672   5.079   1.00 16.92 ? 142 ILE A CA    1 
ATOM   1120 C  C     . ILE A 1 143 ? 0.090   8.693   4.875   1.00 17.31 ? 142 ILE A C     1 
ATOM   1121 O  O     . ILE A 1 143 ? -0.525  7.644   4.682   1.00 16.47 ? 142 ILE A O     1 
ATOM   1122 C  CB    . ILE A 1 143 ? 2.382   8.451   3.767   1.00 18.43 ? 142 ILE A CB    1 
ATOM   1123 C  CG1   . ILE A 1 143 ? 3.899   8.635   4.029   1.00 21.85 ? 142 ILE A CG1   1 
ATOM   1124 C  CG2   . ILE A 1 143 ? 1.959   9.457   2.587   1.00 16.87 ? 142 ILE A CG2   1 
ATOM   1125 C  CD1   . ILE A 1 143 ? 4.762   7.814   3.127   1.00 26.41 ? 142 ILE A CD1   1 
ATOM   1126 N  N     . GLU A 1 144 ? -0.536  9.866   5.012   1.00 17.62 ? 143 GLU A N     1 
ATOM   1127 C  CA    . GLU A 1 144 ? -1.967  9.964   4.718   1.00 17.53 ? 143 GLU A CA    1 
ATOM   1128 C  C     . GLU A 1 144 ? -2.053  10.347  3.244   1.00 16.16 ? 143 GLU A C     1 
ATOM   1129 O  O     . GLU A 1 144 ? -1.209  11.116  2.749   1.00 15.30 ? 143 GLU A O     1 
ATOM   1130 C  CB    . GLU A 1 144 ? -2.667  10.973  5.636   1.00 18.09 ? 143 GLU A CB    1 
ATOM   1131 C  CG    . GLU A 1 144 ? -2.663  10.570  7.181   1.00 25.81 ? 143 GLU A CG    1 
ATOM   1132 C  CD    . GLU A 1 144 ? -4.010  10.858  7.967   1.00 31.97 ? 143 GLU A CD    1 
ATOM   1133 O  OE1   . GLU A 1 144 ? -4.848  11.672  7.491   1.00 29.01 ? 143 GLU A OE1   1 
ATOM   1134 O  OE2   . GLU A 1 144 ? -4.248  10.237  9.064   1.00 34.81 ? 143 GLU A OE2   1 
ATOM   1135 N  N     . THR A 1 145 ? -3.035  9.794   2.527   1.00 14.18 ? 144 THR A N     1 
ATOM   1136 C  CA    . THR A 1 145 ? -3.132  10.001  1.089   1.00 12.45 ? 144 THR A CA    1 
ATOM   1137 C  C     . THR A 1 145 ? -4.609  10.336  0.732   1.00 12.29 ? 144 THR A C     1 
ATOM   1138 O  O     . THR A 1 145 ? -5.509  10.036  1.506   1.00 11.22 ? 144 THR A O     1 
ATOM   1139 C  CB    . THR A 1 145 ? -2.777  8.721   0.287   1.00 12.60 ? 144 THR A CB    1 
ATOM   1140 O  OG1   . THR A 1 145 ? -3.680  7.658   0.612   1.00 9.12  ? 144 THR A OG1   1 
ATOM   1141 C  CG2   . THR A 1 145 ? -1.362  8.255   0.548   1.00 12.43 ? 144 THR A CG2   1 
ATOM   1142 N  N     . SER A 1 146 ? -4.807  10.951  -0.425  1.00 11.17 ? 145 SER A N     1 
ATOM   1143 C  CA    . SER A 1 146 ? -6.107  10.940  -1.077  1.00 13.09 ? 145 SER A CA    1 
ATOM   1144 C  C     . SER A 1 146 ? -5.869  10.586  -2.516  1.00 11.29 ? 145 SER A C     1 
ATOM   1145 O  O     . SER A 1 146 ? -5.205  11.326  -3.223  1.00 11.87 ? 145 SER A O     1 
ATOM   1146 C  CB    . SER A 1 146 ? -6.796  12.315  -0.990  1.00 12.22 ? 145 SER A CB    1 
ATOM   1147 O  OG    . SER A 1 146 ? -7.977  12.310  -1.730  1.00 12.54 ? 145 SER A OG    1 
ATOM   1148 N  N     . ALA A 1 147 ? -6.388  9.444   -2.949  1.00 13.11 ? 146 ALA A N     1 
ATOM   1149 C  CA    . ALA A 1 147 ? -6.310  9.053   -4.352  1.00 13.67 ? 146 ALA A CA    1 
ATOM   1150 C  C     . ALA A 1 147 ? -7.172  10.033  -5.195  1.00 15.25 ? 146 ALA A C     1 
ATOM   1151 O  O     . ALA A 1 147 ? -7.001  10.134  -6.388  1.00 14.41 ? 146 ALA A O     1 
ATOM   1152 C  CB    . ALA A 1 147 ? -6.833  7.641   -4.543  1.00 12.64 ? 146 ALA A CB    1 
ATOM   1153 N  N     . LYS A 1 148 ? -8.129  10.706  -4.561  1.00 16.91 ? 147 LYS A N     1 
ATOM   1154 C  CA    . LYS A 1 148 ? -9.037  11.590  -5.283  1.00 19.41 ? 147 LYS A CA    1 
ATOM   1155 C  C     . LYS A 1 148 ? -8.363  12.907  -5.527  1.00 20.90 ? 147 LYS A C     1 
ATOM   1156 O  O     . LYS A 1 148 ? -8.447  13.432  -6.622  1.00 22.23 ? 147 LYS A O     1 
ATOM   1157 C  CB    . LYS A 1 148 ? -10.334 11.836  -4.499  1.00 18.93 ? 147 LYS A CB    1 
ATOM   1158 C  CG    . LYS A 1 148 ? -11.337 12.766  -5.200  1.00 21.43 ? 147 LYS A CG    1 
ATOM   1159 C  CD    . LYS A 1 148 ? -12.713 12.710  -4.490  1.00 22.87 ? 147 LYS A CD    1 
ATOM   1160 C  CE    . LYS A 1 148 ? -13.524 14.013  -4.590  1.00 26.72 ? 147 LYS A CE    1 
ATOM   1161 N  NZ    . LYS A 1 148 ? -14.700 13.934  -3.619  1.00 26.05 ? 147 LYS A NZ    1 
ATOM   1162 N  N     . THR A 1 149 ? -7.670  13.406  -4.507  1.00 20.68 ? 148 THR A N     1 
ATOM   1163 C  CA    . THR A 1 149 ? -7.001  14.688  -4.540  1.00 21.46 ? 148 THR A CA    1 
ATOM   1164 C  C     . THR A 1 149 ? -5.593  14.592  -5.084  1.00 21.95 ? 148 THR A C     1 
ATOM   1165 O  O     . THR A 1 149 ? -5.005  15.589  -5.551  1.00 22.12 ? 148 THR A O     1 
ATOM   1166 C  CB    . THR A 1 149 ? -7.037  15.200  -3.105  1.00 22.52 ? 148 THR A CB    1 
ATOM   1167 O  OG1   . THR A 1 149 ? -8.192  16.059  -2.964  1.00 24.34 ? 148 THR A OG1   1 
ATOM   1168 C  CG2   . THR A 1 149 ? -5.831  15.869  -2.731  1.00 21.35 ? 148 THR A CG2   1 
ATOM   1169 N  N     . ARG A 1 150 ? -5.041  13.379  -5.043  1.00 21.65 ? 149 ARG A N     1 
ATOM   1170 C  CA    . ARG A 1 150 ? -3.615  13.119  -5.349  1.00 21.52 ? 149 ARG A CA    1 
ATOM   1171 C  C     . ARG A 1 150 ? -2.714  13.359  -4.175  1.00 20.69 ? 149 ARG A C     1 
ATOM   1172 O  O     . ARG A 1 150 ? -1.536  13.016  -4.210  1.00 20.92 ? 149 ARG A O     1 
ATOM   1173 C  CB    . ARG A 1 150 ? -3.116  13.915  -6.550  1.00 22.25 ? 149 ARG A CB    1 
ATOM   1174 C  CG    . ARG A 1 150 ? -3.828  13.602  -7.827  1.00 23.36 ? 149 ARG A CG    1 
ATOM   1175 C  CD    . ARG A 1 150 ? -2.977  14.116  -8.966  1.00 28.96 ? 149 ARG A CD    1 
ATOM   1176 N  NE    . ARG A 1 150 ? -3.639  13.885  -10.246 1.00 29.11 ? 149 ARG A NE    1 
ATOM   1177 C  CZ    . ARG A 1 150 ? -4.498  14.733  -10.836 1.00 27.60 ? 149 ARG A CZ    1 
ATOM   1178 N  NH1   . ARG A 1 150 ? -4.832  15.901  -10.272 1.00 26.50 ? 149 ARG A NH1   1 
ATOM   1179 N  NH2   . ARG A 1 150 ? -5.030  14.390  -12.000 1.00 23.49 ? 149 ARG A NH2   1 
ATOM   1180 N  N     . GLN A 1 151 ? -3.251  13.970  -3.140  1.00 20.11 ? 150 GLN A N     1 
ATOM   1181 C  CA    . GLN A 1 151 ? -2.470  14.261  -1.961  1.00 22.24 ? 150 GLN A CA    1 
ATOM   1182 C  C     . GLN A 1 151 ? -1.762  12.970  -1.478  1.00 20.83 ? 150 GLN A C     1 
ATOM   1183 O  O     . GLN A 1 151 ? -2.421  11.960  -1.215  1.00 21.75 ? 150 GLN A O     1 
ATOM   1184 C  CB    . GLN A 1 151 ? -3.397  14.781  -0.879  1.00 23.67 ? 150 GLN A CB    1 
ATOM   1185 C  CG    . GLN A 1 151 ? -2.806  14.688  0.484   1.00 30.90 ? 150 GLN A CG    1 
ATOM   1186 C  CD    . GLN A 1 151 ? -2.027  15.912  0.766   1.00 39.73 ? 150 GLN A CD    1 
ATOM   1187 O  OE1   . GLN A 1 151 ? -0.792  15.929  0.605   1.00 42.83 ? 150 GLN A OE1   1 
ATOM   1188 N  NE2   . GLN A 1 151 ? -2.740  16.995  1.140   1.00 40.54 ? 150 GLN A NE2   1 
ATOM   1189 N  N     . GLY A 1 152 ? -0.435  12.983  -1.423  1.00 18.61 ? 151 GLY A N     1 
ATOM   1190 C  CA    . GLY A 1 152 ? 0.283   11.921  -0.788  1.00 17.18 ? 151 GLY A CA    1 
ATOM   1191 C  C     . GLY A 1 152 ? 0.607   10.745  -1.675  1.00 15.92 ? 151 GLY A C     1 
ATOM   1192 O  O     . GLY A 1 152 ? 1.426   9.893   -1.292  1.00 16.31 ? 151 GLY A O     1 
ATOM   1193 N  N     . VAL A 1 153 ? -0.001  10.677  -2.854  1.00 15.61 ? 152 VAL A N     1 
ATOM   1194 C  CA    . VAL A 1 153 ? 0.068   9.434   -3.629  1.00 16.94 ? 152 VAL A CA    1 
ATOM   1195 C  C     . VAL A 1 153 ? 1.508   9.088   -4.036  1.00 16.95 ? 152 VAL A C     1 
ATOM   1196 O  O     . VAL A 1 153 ? 1.973   7.988   -3.728  1.00 15.57 ? 152 VAL A O     1 
ATOM   1197 C  CB    . VAL A 1 153 ? -0.925  9.375   -4.841  1.00 17.60 ? 152 VAL A CB    1 
ATOM   1198 C  CG1   . VAL A 1 153 ? -0.802  8.100   -5.594  1.00 18.56 ? 152 VAL A CG1   1 
ATOM   1199 C  CG2   . VAL A 1 153 ? -2.371  9.533   -4.372  1.00 16.92 ? 152 VAL A CG2   1 
ATOM   1200 N  N     . ASP A 1 154 ? 2.207   10.018  -4.711  1.00 16.01 ? 153 ASP A N     1 
ATOM   1201 C  CA    . ASP A 1 154 ? 3.640   9.784   -5.048  1.00 16.52 ? 153 ASP A CA    1 
ATOM   1202 C  C     . ASP A 1 154 ? 4.512   9.496   -3.830  1.00 16.63 ? 153 ASP A C     1 
ATOM   1203 O  O     . ASP A 1 154 ? 5.400   8.656   -3.890  1.00 18.06 ? 153 ASP A O     1 
ATOM   1204 C  CB    . ASP A 1 154 ? 4.214   10.997  -5.773  1.00 16.26 ? 153 ASP A CB    1 
ATOM   1205 C  CG    . ASP A 1 154 ? 3.791   11.068  -7.219  1.00 19.36 ? 153 ASP A CG    1 
ATOM   1206 O  OD1   . ASP A 1 154 ? 3.027   10.178  -7.690  1.00 21.17 ? 153 ASP A OD1   1 
ATOM   1207 O  OD2   . ASP A 1 154 ? 4.262   12.015  -7.908  1.00 26.62 ? 153 ASP A OD2   1 
ATOM   1208 N  N     . ASP A 1 155 ? 4.240   10.185  -2.721  1.00 17.78 ? 154 ASP A N     1 
ATOM   1209 C  CA    . ASP A 1 155 ? 5.036   10.084  -1.495  1.00 17.71 ? 154 ASP A CA    1 
ATOM   1210 C  C     . ASP A 1 155 ? 4.940   8.695   -0.897  1.00 16.85 ? 154 ASP A C     1 
ATOM   1211 O  O     . ASP A 1 155 ? 5.935   8.152   -0.415  1.00 17.29 ? 154 ASP A O     1 
ATOM   1212 C  CB    . ASP A 1 155 ? 4.543   11.116  -0.466  1.00 18.19 ? 154 ASP A CB    1 
ATOM   1213 C  CG    . ASP A 1 155 ? 5.546   11.312  0.684   1.00 22.75 ? 154 ASP A CG    1 
ATOM   1214 O  OD1   . ASP A 1 155 ? 6.717   10.918  0.474   1.00 30.23 ? 154 ASP A OD1   1 
ATOM   1215 O  OD2   . ASP A 1 155 ? 5.201   11.863  1.765   1.00 26.82 ? 154 ASP A OD2   1 
ATOM   1216 N  N     . ALA A 1 156 ? 3.740   8.115   -0.913  1.00 16.26 ? 155 ALA A N     1 
ATOM   1217 C  CA    . ALA A 1 156 ? 3.515   6.764   -0.363  1.00 15.46 ? 155 ALA A CA    1 
ATOM   1218 C  C     . ALA A 1 156 ? 4.312   5.738   -1.116  1.00 15.41 ? 155 ALA A C     1 
ATOM   1219 O  O     . ALA A 1 156 ? 5.086   4.918   -0.515  1.00 16.64 ? 155 ALA A O     1 
ATOM   1220 C  CB    . ALA A 1 156 ? 1.970   6.405   -0.436  1.00 16.19 ? 155 ALA A CB    1 
ATOM   1221 N  N     . PHE A 1 157 ? 4.187   5.767   -2.451  1.00 14.76 ? 156 PHE A N     1 
ATOM   1222 C  CA    . PHE A 1 157 ? 4.901   4.800   -3.233  1.00 13.86 ? 156 PHE A CA    1 
ATOM   1223 C  C     . PHE A 1 157 ? 6.404   5.051   -3.202  1.00 14.74 ? 156 PHE A C     1 
ATOM   1224 O  O     . PHE A 1 157 ? 7.165   4.105   -3.026  1.00 13.83 ? 156 PHE A O     1 
ATOM   1225 C  CB    . PHE A 1 157 ? 4.419   4.744   -4.678  1.00 14.32 ? 156 PHE A CB    1 
ATOM   1226 C  CG    . PHE A 1 157 ? 3.049   4.119   -4.834  1.00 12.96 ? 156 PHE A CG    1 
ATOM   1227 C  CD1   . PHE A 1 157 ? 2.919   2.768   -5.062  1.00 14.03 ? 156 PHE A CD1   1 
ATOM   1228 C  CD2   . PHE A 1 157 ? 1.904   4.905   -4.786  1.00 12.41 ? 156 PHE A CD2   1 
ATOM   1229 C  CE1   . PHE A 1 157 ? 1.633   2.165   -5.267  1.00 12.14 ? 156 PHE A CE1   1 
ATOM   1230 C  CE2   . PHE A 1 157 ? 0.635   4.321   -4.983  1.00 11.20 ? 156 PHE A CE2   1 
ATOM   1231 C  CZ    . PHE A 1 157 ? 0.525   2.923   -5.210  1.00 11.86 ? 156 PHE A CZ    1 
ATOM   1232 N  N     . TYR A 1 158 ? 6.821   6.313   -3.337  1.00 14.25 ? 157 TYR A N     1 
ATOM   1233 C  CA    . TYR A 1 158 ? 8.253   6.624   -3.314  1.00 14.84 ? 157 TYR A CA    1 
ATOM   1234 C  C     . TYR A 1 158 ? 8.880   6.314   -1.955  1.00 14.32 ? 157 TYR A C     1 
ATOM   1235 O  O     . TYR A 1 158 ? 10.043  5.906   -1.861  1.00 13.51 ? 157 TYR A O     1 
ATOM   1236 C  CB    . TYR A 1 158 ? 8.495   8.103   -3.617  1.00 15.40 ? 157 TYR A CB    1 
ATOM   1237 C  CG    . TYR A 1 158 ? 8.158   8.557   -5.041  1.00 19.54 ? 157 TYR A CG    1 
ATOM   1238 C  CD1   . TYR A 1 158 ? 7.507   7.712   -5.937  1.00 15.89 ? 157 TYR A CD1   1 
ATOM   1239 C  CD2   . TYR A 1 158 ? 8.473   9.871   -5.459  1.00 23.49 ? 157 TYR A CD2   1 
ATOM   1240 C  CE1   . TYR A 1 158 ? 7.202   8.140   -7.239  1.00 22.53 ? 157 TYR A CE1   1 
ATOM   1241 C  CE2   . TYR A 1 158 ? 8.183   10.298  -6.739  1.00 26.06 ? 157 TYR A CE2   1 
ATOM   1242 C  CZ    . TYR A 1 158 ? 7.543   9.435   -7.620  1.00 26.05 ? 157 TYR A CZ    1 
ATOM   1243 O  OH    . TYR A 1 158 ? 7.250   9.884   -8.879  1.00 31.48 ? 157 TYR A OH    1 
ATOM   1244 N  N     . THR A 1 159 ? 8.161   6.566   -0.889  1.00 13.12 ? 158 THR A N     1 
ATOM   1245 C  CA    . THR A 1 159 ? 8.714   6.238   0.406   1.00 13.84 ? 158 THR A CA    1 
ATOM   1246 C  C     . THR A 1 159 ? 8.923   4.727   0.584   1.00 13.86 ? 158 THR A C     1 
ATOM   1247 O  O     . THR A 1 159 ? 9.883   4.294   1.199   1.00 12.28 ? 158 THR A O     1 
ATOM   1248 C  CB    . THR A 1 159 ? 7.802   6.784   1.505   1.00 15.49 ? 158 THR A CB    1 
ATOM   1249 O  OG1   . THR A 1 159 ? 7.847   8.210   1.415   1.00 16.03 ? 158 THR A OG1   1 
ATOM   1250 C  CG2   . THR A 1 159 ? 8.241   6.288   2.894   1.00 16.22 ? 158 THR A CG2   1 
ATOM   1251 N  N     . LEU A 1 160 ? 8.038   3.925   -0.002  1.00 12.24 ? 159 LEU A N     1 
ATOM   1252 C  CA    . LEU A 1 160 ? 8.158   2.485   0.088   1.00 11.56 ? 159 LEU A CA    1 
ATOM   1253 C  C     . LEU A 1 160 ? 9.423   2.092   -0.663  1.00 13.37 ? 159 LEU A C     1 
ATOM   1254 O  O     . LEU A 1 160 ? 10.181  1.247   -0.193  1.00 13.15 ? 159 LEU A O     1 
ATOM   1255 C  CB    . LEU A 1 160 ? 6.913   1.757   -0.517  1.00 10.10 ? 159 LEU A CB    1 
ATOM   1256 C  CG    . LEU A 1 160 ? 6.864   0.212   -0.608  1.00 8.51  ? 159 LEU A CG    1 
ATOM   1257 C  CD1   . LEU A 1 160 ? 7.258   -0.444  0.684   1.00 9.67  ? 159 LEU A CD1   1 
ATOM   1258 C  CD2   . LEU A 1 160 ? 5.473   -0.281  -1.101  1.00 6.88  ? 159 LEU A CD2   1 
ATOM   1259 N  N     . VAL A 1 161 ? 9.665   2.730   -1.808  1.00 13.68 ? 160 VAL A N     1 
ATOM   1260 C  CA    . VAL A 1 161 ? 10.936  2.474   -2.557  1.00 15.38 ? 160 VAL A CA    1 
ATOM   1261 C  C     . VAL A 1 161 ? 12.175  2.856   -1.722  1.00 16.44 ? 160 VAL A C     1 
ATOM   1262 O  O     . VAL A 1 161 ? 13.108  2.060   -1.635  1.00 17.38 ? 160 VAL A O     1 
ATOM   1263 C  CB    . VAL A 1 161 ? 10.953  3.140   -3.959  1.00 14.02 ? 160 VAL A CB    1 
ATOM   1264 C  CG1   . VAL A 1 161 ? 12.436  3.147   -4.595  1.00 16.89 ? 160 VAL A CG1   1 
ATOM   1265 C  CG2   . VAL A 1 161 ? 9.929   2.413   -4.871  1.00 14.77 ? 160 VAL A CG2   1 
ATOM   1266 N  N     . ARG A 1 162 ? 12.126  4.015   -1.061  1.00 17.60 ? 161 ARG A N     1 
ATOM   1267 C  CA    . ARG A 1 162 ? 13.182  4.435   -0.134  1.00 17.70 ? 161 ARG A CA    1 
ATOM   1268 C  C     . ARG A 1 162 ? 13.358  3.389   0.910   1.00 17.66 ? 161 ARG A C     1 
ATOM   1269 O  O     . ARG A 1 162 ? 14.491  3.102   1.269   1.00 17.97 ? 161 ARG A O     1 
ATOM   1270 C  CB    . ARG A 1 162 ? 12.946  5.851   0.474   1.00 17.48 ? 161 ARG A CB    1 
ATOM   1271 C  CG    . ARG A 1 162 ? 13.146  7.019   -0.579  1.00 19.48 ? 161 ARG A CG    1 
ATOM   1272 C  CD    . ARG A 1 162 ? 12.660  8.436   -0.028  1.00 21.52 ? 161 ARG A CD    1 
ATOM   1273 N  NE    . ARG A 1 162 ? 12.457  9.405   -1.096  1.00 24.60 ? 161 ARG A NE    1 
ATOM   1274 C  CZ    . ARG A 1 162 ? 11.334  10.054  -1.395  1.00 22.94 ? 161 ARG A CZ    1 
ATOM   1275 N  NH1   . ARG A 1 162 ? 10.231  9.887   -0.696  1.00 22.80 ? 161 ARG A NH1   1 
ATOM   1276 N  NH2   . ARG A 1 162 ? 11.308  10.888  -2.414  1.00 24.94 ? 161 ARG A NH2   1 
ATOM   1277 N  N     . GLU A 1 163 ? 12.264  2.738   1.344   1.00 16.75 ? 162 GLU A N     1 
ATOM   1278 C  CA    . GLU A 1 163 ? 12.381  1.722   2.401   1.00 16.47 ? 162 GLU A CA    1 
ATOM   1279 C  C     . GLU A 1 163 ? 13.079  0.466   1.922   1.00 16.28 ? 162 GLU A C     1 
ATOM   1280 O  O     . GLU A 1 163 ? 13.871  -0.158  2.672   1.00 15.27 ? 162 GLU A O     1 
ATOM   1281 C  CB    . GLU A 1 163 ? 11.048  1.401   3.088   1.00 16.06 ? 162 GLU A CB    1 
ATOM   1282 C  CG    . GLU A 1 163 ? 10.510  2.569   3.858   1.00 18.31 ? 162 GLU A CG    1 
ATOM   1283 C  CD    . GLU A 1 163 ? 11.314  2.815   5.174   1.00 22.13 ? 162 GLU A CD    1 
ATOM   1284 O  OE1   . GLU A 1 163 ? 11.471  1.885   5.991   1.00 21.64 ? 162 GLU A OE1   1 
ATOM   1285 O  OE2   . GLU A 1 163 ? 11.738  3.960   5.408   1.00 21.99 ? 162 GLU A OE2   1 
ATOM   1286 N  N     . ILE A 1 164 ? 12.801  0.092   0.679   1.00 16.49 ? 163 ILE A N     1 
ATOM   1287 C  CA    . ILE A 1 164 ? 13.504  -1.042  0.086   1.00 18.80 ? 163 ILE A CA    1 
ATOM   1288 C  C     . ILE A 1 164 ? 15.035  -0.699  0.026   1.00 20.09 ? 163 ILE A C     1 
ATOM   1289 O  O     . ILE A 1 164 ? 15.887  -1.501  0.460   1.00 20.26 ? 163 ILE A O     1 
ATOM   1290 C  CB    . ILE A 1 164 ? 13.046  -1.355  -1.371  1.00 18.99 ? 163 ILE A CB    1 
ATOM   1291 C  CG1   . ILE A 1 164 ? 11.524  -1.311  -1.581  1.00 20.43 ? 163 ILE A CG1   1 
ATOM   1292 C  CG2   . ILE A 1 164 ? 13.771  -2.637  -1.943  1.00 18.53 ? 163 ILE A CG2   1 
ATOM   1293 C  CD1   . ILE A 1 164 ? 10.805  -2.220  -0.830  1.00 26.87 ? 163 ILE A CD1   1 
ATOM   1294 N  N     . ARG A 1 165 ? 15.337  0.486   -0.508  1.00 21.17 ? 164 ARG A N     1 
ATOM   1295 C  CA    . ARG A 1 165 ? 16.729  0.988   -0.748  1.00 22.87 ? 164 ARG A CA    1 
ATOM   1296 C  C     . ARG A 1 165 ? 17.572  1.106   0.554   1.00 24.96 ? 164 ARG A C     1 
ATOM   1297 O  O     . ARG A 1 165 ? 18.705  0.634   0.594   1.00 24.80 ? 164 ARG A O     1 
ATOM   1298 C  CB    . ARG A 1 165 ? 16.695  2.326   -1.525  1.00 21.51 ? 164 ARG A CB    1 
ATOM   1299 C  CG    . ARG A 1 165 ? 16.350  2.190   -2.982  1.00 20.09 ? 164 ARG A CG    1 
ATOM   1300 C  CD    . ARG A 1 165 ? 16.306  3.559   -3.702  1.00 22.82 ? 164 ARG A CD    1 
ATOM   1301 N  NE    . ARG A 1 165 ? 16.101  3.505   -5.178  1.00 20.93 ? 164 ARG A NE    1 
ATOM   1302 C  CZ    . ARG A 1 165 ? 15.718  4.554   -5.904  1.00 22.41 ? 164 ARG A CZ    1 
ATOM   1303 N  NH1   . ARG A 1 165 ? 15.516  5.732   -5.329  1.00 20.44 ? 164 ARG A NH1   1 
ATOM   1304 N  NH2   . ARG A 1 165 ? 15.494  4.436   -7.213  1.00 21.68 ? 164 ARG A NH2   1 
ATOM   1305 N  N     . LYS A 1 166 ? 17.002  1.718   1.609   1.00 26.99 ? 165 LYS A N     1 
ATOM   1306 C  CA    . LYS A 1 166 ? 17.585  1.712   2.963   1.00 29.32 ? 165 LYS A CA    1 
ATOM   1307 C  C     . LYS A 1 166 ? 17.876  0.284   3.407   1.00 29.75 ? 165 LYS A C     1 
ATOM   1308 O  O     . LYS A 1 166 ? 18.932  0.009   3.977   1.00 31.17 ? 165 LYS A O     1 
ATOM   1309 C  CB    . LYS A 1 166 ? 16.707  2.416   4.034   1.00 28.69 ? 165 LYS A CB    1 
ATOM   1310 C  CG    . LYS A 1 166 ? 16.121  3.828   3.666   1.00 34.20 ? 165 LYS A CG    1 
ATOM   1311 C  CD    . LYS A 1 166 ? 17.030  5.036   3.957   1.00 38.87 ? 165 LYS A CD    1 
ATOM   1312 C  CE    . LYS A 1 166 ? 16.360  6.412   3.603   1.00 42.62 ? 165 LYS A CE    1 
ATOM   1313 N  NZ    . LYS A 1 166 ? 16.077  6.719   2.134   1.00 41.91 ? 165 LYS A NZ    1 
ATOM   1314 N  N     . HIS A 1 167 ? 16.966  -0.628  3.119   1.00 30.51 ? 166 HIS A N     1 
ATOM   1315 C  CA    . HIS A 1 167 ? 17.053  -1.970  3.655   1.00 32.09 ? 166 HIS A CA    1 
ATOM   1316 C  C     . HIS A 1 167 ? 18.013  -2.738  2.756   1.00 32.82 ? 166 HIS A C     1 
ATOM   1317 O  O     . HIS A 1 167 ? 18.884  -3.418  3.264   1.00 33.14 ? 166 HIS A O     1 
ATOM   1318 C  CB    . HIS A 1 167 ? 15.664  -2.609  3.661   1.00 32.08 ? 166 HIS A CB    1 
ATOM   1319 C  CG    . HIS A 1 167 ? 15.607  -4.009  4.192   1.00 35.93 ? 166 HIS A CG    1 
ATOM   1320 N  ND1   . HIS A 1 167 ? 15.918  -5.122  3.427   1.00 40.26 ? 166 HIS A ND1   1 
ATOM   1321 C  CD2   . HIS A 1 167 ? 15.191  -4.486  5.390   1.00 36.62 ? 166 HIS A CD2   1 
ATOM   1322 C  CE1   . HIS A 1 167 ? 15.734  -6.216  4.149   1.00 40.24 ? 166 HIS A CE1   1 
ATOM   1323 N  NE2   . HIS A 1 167 ? 15.297  -5.857  5.346   1.00 39.03 ? 166 HIS A NE2   1 
HETATM 1324 P  PB    . GDP B 2 .   ? -9.934  -1.064  -3.423  1.00 10.44 ? 201 GDP A PB    1 
HETATM 1325 O  O1B   . GDP B 2 .   ? -11.058 -2.034  -3.313  1.00 11.67 ? 201 GDP A O1B   1 
HETATM 1326 O  O2B   . GDP B 2 .   ? -9.235  -1.311  -4.687  1.00 6.09  ? 201 GDP A O2B   1 
HETATM 1327 O  O3B   . GDP B 2 .   ? -8.995  -1.159  -2.247  1.00 9.48  ? 201 GDP A O3B   1 
HETATM 1328 O  O3A   . GDP B 2 .   ? -10.513 0.369   -3.468  1.00 10.26 ? 201 GDP A O3A   1 
HETATM 1329 P  PA    . GDP B 2 .   ? -11.088 1.130   -4.711  1.00 13.08 ? 201 GDP A PA    1 
HETATM 1330 O  O1A   . GDP B 2 .   ? -11.998 0.332   -5.594  1.00 10.79 ? 201 GDP A O1A   1 
HETATM 1331 O  O2A   . GDP B 2 .   ? -9.970  1.794   -5.383  1.00 11.16 ? 201 GDP A O2A   1 
HETATM 1332 O  "O5'" . GDP B 2 .   ? -11.900 2.303   -4.012  1.00 8.25  ? 201 GDP A "O5'" 1 
HETATM 1333 C  "C5'" . GDP B 2 .   ? -13.029 2.044   -3.172  1.00 8.75  ? 201 GDP A "C5'" 1 
HETATM 1334 C  "C4'" . GDP B 2 .   ? -14.097 3.143   -3.222  1.00 15.48 ? 201 GDP A "C4'" 1 
HETATM 1335 O  "O4'" . GDP B 2 .   ? -13.618 4.295   -2.505  1.00 13.31 ? 201 GDP A "O4'" 1 
HETATM 1336 C  "C3'" . GDP B 2 .   ? -14.416 3.619   -4.660  1.00 12.49 ? 201 GDP A "C3'" 1 
HETATM 1337 O  "O3'" . GDP B 2 .   ? -15.778 4.033   -4.697  1.00 16.31 ? 201 GDP A "O3'" 1 
HETATM 1338 C  "C2'" . GDP B 2 .   ? -13.448 4.782   -4.851  1.00 12.82 ? 201 GDP A "C2'" 1 
HETATM 1339 O  "O2'" . GDP B 2 .   ? -13.888 5.750   -5.802  1.00 12.20 ? 201 GDP A "O2'" 1 
HETATM 1340 C  "C1'" . GDP B 2 .   ? -13.375 5.348   -3.450  1.00 12.00 ? 201 GDP A "C1'" 1 
HETATM 1341 N  N9    . GDP B 2 .   ? -12.071 5.933   -3.140  1.00 12.67 ? 201 GDP A N9    1 
HETATM 1342 C  C8    . GDP B 2 .   ? -10.855 5.371   -3.305  1.00 15.23 ? 201 GDP A C8    1 
HETATM 1343 N  N7    . GDP B 2 .   ? -9.922  6.238   -2.890  1.00 16.63 ? 201 GDP A N7    1 
HETATM 1344 C  C5    . GDP B 2 .   ? -10.517 7.366   -2.474  1.00 13.85 ? 201 GDP A C5    1 
HETATM 1345 C  C6    . GDP B 2 .   ? -10.095 8.671   -1.927  1.00 13.45 ? 201 GDP A C6    1 
HETATM 1346 O  O6    . GDP B 2 .   ? -8.899  8.940   -1.726  1.00 16.07 ? 201 GDP A O6    1 
HETATM 1347 N  N1    . GDP B 2 .   ? -11.024 9.556   -1.571  1.00 14.19 ? 201 GDP A N1    1 
HETATM 1348 C  C2    . GDP B 2 .   ? -12.334 9.286   -1.802  1.00 18.22 ? 201 GDP A C2    1 
HETATM 1349 N  N2    . GDP B 2 .   ? -13.237 10.204  -1.450  1.00 16.35 ? 201 GDP A N2    1 
HETATM 1350 N  N3    . GDP B 2 .   ? -12.811 8.110   -2.290  1.00 16.29 ? 201 GDP A N3    1 
HETATM 1351 C  C4    . GDP B 2 .   ? -11.941 7.144   -2.662  1.00 15.18 ? 201 GDP A C4    1 
HETATM 1352 MG MG    . MG  C 3 .   ? -9.340  -2.730  -6.240  1.00 10.05 ? 202 MG  A MG    1 
HETATM 1353 C  C8    . 0QW D 4 .   ? 2.202   -12.180 -11.570 1.00 19.88 ? 203 0QW A C8    1 
HETATM 1354 C  C9    . 0QW D 4 .   ? 0.950   -11.628 -12.328 1.00 21.71 ? 203 0QW A C9    1 
HETATM 1355 C  C10   . 0QW D 4 .   ? 0.219   -10.758 -11.294 1.00 20.52 ? 203 0QW A C10   1 
HETATM 1356 C  C11   . 0QW D 4 .   ? 1.276   -10.331 -10.266 1.00 21.01 ? 203 0QW A C11   1 
HETATM 1357 N  N1    . 0QW D 4 .   ? 2.474   -11.197 -10.481 1.00 21.80 ? 203 0QW A N1    1 
HETATM 1358 C  C7    . 0QW D 4 .   ? 3.671   -11.064 -9.861  1.00 19.34 ? 203 0QW A C7    1 
HETATM 1359 S  S1    . 0QW D 4 .   ? 5.023   -12.134 -10.257 1.00 19.44 ? 203 0QW A S1    1 
HETATM 1360 C  C6    . 0QW D 4 .   ? 3.897   -9.999  -8.936  1.00 13.72 ? 203 0QW A C6    1 
HETATM 1361 C  C5    . 0QW D 4 .   ? 4.062   -10.259 -7.578  1.00 9.65  ? 203 0QW A C5    1 
HETATM 1362 C  C4    . 0QW D 4 .   ? 4.351   -9.250  -6.655  1.00 9.13  ? 203 0QW A C4    1 
HETATM 1363 C  C3    . 0QW D 4 .   ? 4.467   -7.934  -7.112  1.00 10.12 ? 203 0QW A C3    1 
HETATM 1364 C  C2    . 0QW D 4 .   ? 4.317   -7.628  -8.495  1.00 13.95 ? 203 0QW A C2    1 
HETATM 1365 C  C1    . 0QW D 4 .   ? 4.027   -8.687  -9.407  1.00 15.98 ? 203 0QW A C1    1 
HETATM 1366 O  O1    . 0QW D 4 .   ? 3.835   -8.421  -10.775 1.00 14.12 ? 203 0QW A O1    1 
HETATM 1367 O  O     . HOH E 5 .   ? -7.576  6.594   -9.590  1.00 16.46 ? 301 HOH A O     1 
HETATM 1368 O  O     . HOH E 5 .   ? -7.026  -2.514  5.194   1.00 10.66 ? 302 HOH A O     1 
HETATM 1369 O  O     . HOH E 5 .   ? -13.922 3.850   3.203   1.00 6.93  ? 303 HOH A O     1 
HETATM 1370 O  O     . HOH E 5 .   ? -7.660  -3.638  -5.650  1.00 7.22  ? 304 HOH A O     1 
HETATM 1371 O  O     . HOH E 5 .   ? -6.325  -4.418  -10.203 1.00 7.32  ? 305 HOH A O     1 
HETATM 1372 O  O     . HOH E 5 .   ? -16.135 6.603   1.899   1.00 15.72 ? 306 HOH A O     1 
HETATM 1373 O  O     . HOH E 5 .   ? -8.012  -7.246  -0.008  1.00 16.24 ? 307 HOH A O     1 
HETATM 1374 O  O     . HOH E 5 .   ? -11.989 3.246   -7.607  1.00 12.25 ? 308 HOH A O     1 
HETATM 1375 O  O     . HOH E 5 .   ? -14.337 0.170   -6.373  1.00 12.19 ? 309 HOH A O     1 
HETATM 1376 O  O     . HOH E 5 .   ? -3.431  -13.216 -5.148  1.00 15.73 ? 310 HOH A O     1 
HETATM 1377 O  O     . HOH E 5 .   ? 2.684   12.792  -3.001  1.00 16.31 ? 311 HOH A O     1 
HETATM 1378 O  O     . HOH E 5 .   ? -13.801 -0.233  -13.386 1.00 13.61 ? 312 HOH A O     1 
HETATM 1379 O  O     . HOH E 5 .   ? -15.083 6.156   -0.399  1.00 12.67 ? 313 HOH A O     1 
HETATM 1380 O  O     . HOH E 5 .   ? -9.417  -5.430  -2.623  1.00 13.45 ? 314 HOH A O     1 
HETATM 1381 O  O     . HOH E 5 .   ? -1.150  11.443  -9.659  1.00 34.55 ? 315 HOH A O     1 
HETATM 1382 O  O     . HOH E 5 .   ? -6.490  -3.532  -12.711 1.00 12.35 ? 316 HOH A O     1 
HETATM 1383 O  O     . HOH E 5 .   ? -16.074 3.234   5.060   1.00 23.05 ? 317 HOH A O     1 
HETATM 1384 O  O     . HOH E 5 .   ? 5.897   8.567   9.214   1.00 25.19 ? 318 HOH A O     1 
HETATM 1385 O  O     . HOH E 5 .   ? -17.802 -0.711  -9.236  1.00 15.04 ? 319 HOH A O     1 
HETATM 1386 O  O     . HOH E 5 .   ? -12.464 -5.494  6.100   1.00 19.98 ? 320 HOH A O     1 
HETATM 1387 O  O     . HOH E 5 .   ? 4.839   -6.345  14.094  1.00 20.93 ? 321 HOH A O     1 
HETATM 1388 O  O     . HOH E 5 .   ? -4.651  -7.393  0.210   1.00 14.51 ? 322 HOH A O     1 
HETATM 1389 O  O     . HOH E 5 .   ? 19.717  9.203   -5.697  1.00 29.20 ? 323 HOH A O     1 
HETATM 1390 O  O     . HOH E 5 .   ? 0.470   13.220  2.901   1.00 18.69 ? 324 HOH A O     1 
HETATM 1391 O  O     . HOH E 5 .   ? -7.234  13.519  -9.576  1.00 22.16 ? 325 HOH A O     1 
HETATM 1392 O  O     . HOH E 5 .   ? 1.103   12.755  -5.171  1.00 16.18 ? 326 HOH A O     1 
HETATM 1393 O  O     . HOH E 5 .   ? -13.536 -1.685  -3.965  1.00 9.19  ? 327 HOH A O     1 
HETATM 1394 O  O     . HOH E 5 .   ? -4.467  -3.029  13.028  1.00 17.15 ? 328 HOH A O     1 
HETATM 1395 O  O     . HOH E 5 .   ? -2.990  -9.767  0.646   1.00 22.84 ? 329 HOH A O     1 
HETATM 1396 O  O     . HOH E 5 .   ? 15.500  -1.701  7.248   1.00 40.66 ? 330 HOH A O     1 
HETATM 1397 O  O     . HOH E 5 .   ? -3.918  -12.774 -9.881  1.00 24.48 ? 331 HOH A O     1 
HETATM 1398 O  O     . HOH E 5 .   ? -6.376  -8.769  11.531  1.00 39.59 ? 332 HOH A O     1 
HETATM 1399 O  O     . HOH E 5 .   ? 8.818   -3.521  8.821   1.00 19.78 ? 333 HOH A O     1 
HETATM 1400 O  O     . HOH E 5 .   ? -12.815 1.410   3.135   1.00 22.63 ? 334 HOH A O     1 
HETATM 1401 O  O     . HOH E 5 .   ? -6.049  14.346  11.965  1.00 26.68 ? 335 HOH A O     1 
HETATM 1402 O  O     . HOH E 5 .   ? -10.965 -1.602  -6.998  1.00 9.14  ? 336 HOH A O     1 
HETATM 1403 O  O     . HOH E 5 .   ? -4.993  -22.047 -2.891  1.00 19.34 ? 337 HOH A O     1 
HETATM 1404 O  O     . HOH E 5 .   ? 8.496   9.449   3.586   1.00 30.51 ? 338 HOH A O     1 
HETATM 1405 O  O     . HOH E 5 .   ? 6.807   5.544   12.013  1.00 30.17 ? 339 HOH A O     1 
HETATM 1406 O  O     . HOH E 5 .   ? -9.628  -0.682  14.220  1.00 32.87 ? 340 HOH A O     1 
HETATM 1407 O  O     . HOH E 5 .   ? -7.246  -9.519  -1.497  1.00 32.63 ? 341 HOH A O     1 
HETATM 1408 O  O     . HOH E 5 .   ? 12.017  11.792  -5.719  1.00 22.83 ? 342 HOH A O     1 
HETATM 1409 O  O     . HOH E 5 .   ? -3.880  -12.408 15.159  1.00 30.69 ? 343 HOH A O     1 
HETATM 1410 O  O     . HOH E 5 .   ? 2.552   -20.788 -6.201  1.00 25.04 ? 344 HOH A O     1 
HETATM 1411 O  O     . HOH E 5 .   ? -16.996 -1.389  5.329   1.00 20.09 ? 345 HOH A O     1 
HETATM 1412 O  O     . HOH E 5 .   ? 11.225  -1.315  7.679   1.00 20.72 ? 346 HOH A O     1 
HETATM 1413 O  O     . HOH E 5 .   ? -9.835  -3.986  -7.939  1.00 10.19 ? 347 HOH A O     1 
HETATM 1414 O  O     . HOH E 5 .   ? -6.407  12.435  18.457  1.00 30.84 ? 348 HOH A O     1 
HETATM 1415 O  O     . HOH E 5 .   ? -10.452 -4.061  -5.017  1.00 12.53 ? 349 HOH A O     1 
HETATM 1416 O  O     . HOH E 5 .   ? -13.332 -2.573  5.743   1.00 17.22 ? 350 HOH A O     1 
HETATM 1417 O  O     . HOH E 5 .   ? 4.216   -9.622  -13.072 1.00 24.67 ? 351 HOH A O     1 
HETATM 1418 O  O     . HOH E 5 .   ? -12.980 -1.014  3.467   1.00 20.37 ? 352 HOH A O     1 
HETATM 1419 O  O     . HOH E 5 .   ? 3.776   10.058  -13.442 1.00 34.62 ? 353 HOH A O     1 
HETATM 1420 O  O     . HOH E 5 .   ? -16.204 1.538   -12.600 1.00 18.04 ? 354 HOH A O     1 
HETATM 1421 O  O     . HOH E 5 .   ? 9.575   0.036   6.157   1.00 19.39 ? 355 HOH A O     1 
HETATM 1422 O  O     . HOH E 5 .   ? 7.064   -16.427 -5.273  1.00 23.14 ? 356 HOH A O     1 
HETATM 1423 O  O     . HOH E 5 .   ? 17.482  -0.987  -4.276  1.00 24.40 ? 357 HOH A O     1 
HETATM 1424 O  O     . HOH E 5 .   ? 8.230   -13.609 11.048  1.00 23.07 ? 358 HOH A O     1 
HETATM 1425 O  O     . HOH E 5 .   ? 19.776  0.193   -3.421  1.00 25.72 ? 359 HOH A O     1 
HETATM 1426 O  O     . HOH E 5 .   ? 7.044   -16.851 -8.022  1.00 26.53 ? 360 HOH A O     1 
HETATM 1427 O  O     . HOH E 5 .   ? -15.884 -3.953  5.670   1.00 34.21 ? 361 HOH A O     1 
HETATM 1428 O  O     . HOH E 5 .   ? -14.179 -5.085  2.265   1.00 19.81 ? 362 HOH A O     1 
HETATM 1429 O  O     . HOH E 5 .   ? -17.263 2.106   -4.460  1.00 32.50 ? 363 HOH A O     1 
HETATM 1430 O  O     . HOH E 5 .   ? -18.066 -0.172  -6.793  1.00 26.40 ? 364 HOH A O     1 
HETATM 1431 O  O     . HOH E 5 .   ? -16.153 0.133   -2.046  1.00 25.68 ? 365 HOH A O     1 
HETATM 1432 O  O     . HOH E 5 .   ? 0.795   12.065  6.188   1.00 27.28 ? 366 HOH A O     1 
HETATM 1433 O  O     . HOH E 5 .   ? -4.375  13.972  6.231   1.00 26.09 ? 367 HOH A O     1 
HETATM 1434 O  O     . HOH E 5 .   ? -8.277  14.438  8.742   1.00 30.66 ? 368 HOH A O     1 
HETATM 1435 O  O     . HOH E 5 .   ? 5.433   -4.164  16.551  1.00 37.74 ? 369 HOH A O     1 
HETATM 1436 O  O     . HOH E 5 .   ? -6.300  -5.291  14.975  1.00 22.86 ? 370 HOH A O     1 
HETATM 1437 O  O     . HOH E 5 .   ? -5.654  -11.217 12.420  1.00 35.61 ? 371 HOH A O     1 
HETATM 1438 O  O     . HOH E 5 .   ? -9.187  -8.666  11.094  1.00 30.63 ? 372 HOH A O     1 
HETATM 1439 O  O     . HOH E 5 .   ? -14.436 -6.572  13.366  1.00 33.62 ? 373 HOH A O     1 
HETATM 1440 O  O     . HOH E 5 .   ? -15.944 -4.904  11.810  1.00 34.07 ? 374 HOH A O     1 
HETATM 1441 O  O     . HOH E 5 .   ? -12.394 -2.995  14.035  1.00 34.60 ? 375 HOH A O     1 
HETATM 1442 O  O     . HOH E 5 .   ? -12.195 -9.566  8.341   1.00 33.32 ? 376 HOH A O     1 
HETATM 1443 O  O     . HOH E 5 .   ? 2.200   -20.265 -2.768  1.00 29.71 ? 377 HOH A O     1 
HETATM 1444 O  O     . HOH E 5 .   ? 9.556   -16.134 -4.665  1.00 28.77 ? 378 HOH A O     1 
HETATM 1445 O  O     . HOH E 5 .   ? 5.032   -14.465 -8.183  1.00 39.70 ? 379 HOH A O     1 
HETATM 1446 O  O     . HOH E 5 .   ? 11.657  -10.562 -3.483  1.00 32.98 ? 380 HOH A O     1 
HETATM 1447 O  O     . HOH E 5 .   ? 10.990  -10.132 -6.157  1.00 25.05 ? 381 HOH A O     1 
HETATM 1448 O  O     . HOH E 5 .   ? 12.749  -6.935  -8.188  1.00 25.84 ? 382 HOH A O     1 
HETATM 1449 O  O     . HOH E 5 .   ? -5.898  -4.696  -15.088 1.00 28.25 ? 383 HOH A O     1 
HETATM 1450 O  O     . HOH E 5 .   ? -7.761  -4.097  -17.351 1.00 26.23 ? 384 HOH A O     1 
HETATM 1451 O  O     . HOH E 5 .   ? -9.908  2.438   15.048  1.00 37.68 ? 385 HOH A O     1 
HETATM 1452 O  O     . HOH E 5 .   ? 14.282  13.814  -3.349  1.00 30.96 ? 386 HOH A O     1 
HETATM 1453 O  O     . HOH E 5 .   ? 13.572  12.439  -8.465  1.00 35.11 ? 387 HOH A O     1 
HETATM 1454 O  O     . HOH E 5 .   ? -2.666  -13.196 10.707  1.00 35.99 ? 388 HOH A O     1 
HETATM 1455 O  O     . HOH E 5 .   ? -3.352  -14.498 -11.514 1.00 22.90 ? 389 HOH A O     1 
HETATM 1456 O  O     . HOH E 5 .   ? -16.685 11.360  12.563  1.00 24.22 ? 390 HOH A O     1 
HETATM 1457 O  O     . HOH E 5 .   ? -6.827  -0.015  -15.081 1.00 38.35 ? 391 HOH A O     1 
HETATM 1458 O  O     . HOH E 5 .   ? -8.763  12.999  -11.672 1.00 34.36 ? 392 HOH A O     1 
HETATM 1459 O  O     . HOH E 5 .   ? -11.468 13.183  -10.675 1.00 35.41 ? 393 HOH A O     1 
HETATM 1460 O  O     . HOH E 5 .   ? -11.552 -6.798  2.342   1.00 32.74 ? 394 HOH A O     1 
HETATM 1461 O  O     . HOH E 5 .   ? -3.136  -10.525 -11.691 1.00 33.72 ? 395 HOH A O     1 
HETATM 1462 O  O     . HOH E 5 .   ? 2.851   9.735   -10.398 1.00 26.36 ? 396 HOH A O     1 
HETATM 1463 O  O     . HOH E 5 .   ? 5.168   7.245   -16.768 1.00 28.47 ? 397 HOH A O     1 
HETATM 1464 O  O     . HOH E 5 .   ? 0.733   9.065   -16.116 1.00 35.02 ? 398 HOH A O     1 
HETATM 1465 O  O     . HOH E 5 .   ? 0.570   1.417   18.261  1.00 36.46 ? 399 HOH A O     1 
HETATM 1466 O  O     . HOH E 5 .   ? -1.851  2.228   17.660  1.00 28.58 ? 400 HOH A O     1 
HETATM 1467 O  O     . HOH E 5 .   ? 3.999   3.547   19.118  1.00 35.39 ? 401 HOH A O     1 
HETATM 1468 O  O     . HOH E 5 .   ? 16.112  7.163   -2.579  1.00 21.98 ? 402 HOH A O     1 
HETATM 1469 O  O     . HOH E 5 .   ? 16.632  5.548   -0.426  1.00 28.02 ? 403 HOH A O     1 
HETATM 1470 O  O     . HOH E 5 .   ? 16.635  2.162   -7.880  1.00 32.31 ? 404 HOH A O     1 
HETATM 1471 O  O     . HOH E 5 .   ? 14.911  -4.819  -6.387  1.00 26.38 ? 405 HOH A O     1 
HETATM 1472 O  O     . HOH E 5 .   ? -6.820  15.636  1.570   1.00 25.88 ? 406 HOH A O     1 
HETATM 1473 O  O     . HOH E 5 .   ? -2.085  -16.285 1.200   1.00 32.22 ? 407 HOH A O     1 
HETATM 1474 O  O     . HOH E 5 .   ? 1.624   -17.025 5.763   1.00 35.76 ? 408 HOH A O     1 
HETATM 1475 O  O     . HOH E 5 .   ? 10.592  9.267   2.173   1.00 26.27 ? 409 HOH A O     1 
HETATM 1476 O  O     . HOH E 5 .   ? 14.127  5.321   6.573   1.00 42.13 ? 410 HOH A O     1 
HETATM 1477 O  O     . HOH E 5 .   ? 13.139  -2.459  6.269   1.00 26.75 ? 411 HOH A O     1 
HETATM 1478 O  O     . HOH E 5 .   ? -10.076 2.771   18.774  1.00 26.81 ? 412 HOH A O     1 
HETATM 1479 O  O     . HOH E 5 .   ? 18.009  1.698   -11.442 1.00 33.17 ? 413 HOH A O     1 
HETATM 1480 O  O     . HOH E 5 .   ? -1.788  -3.977  -16.145 1.00 28.80 ? 414 HOH A O     1 
HETATM 1481 O  O     . HOH E 5 .   ? 12.213  8.379   -16.273 1.00 33.21 ? 415 HOH A O     1 
HETATM 1482 O  O     . HOH E 5 .   ? -1.281  13.133  8.548   1.00 35.37 ? 416 HOH A O     1 
# 
loop_
_pdbx_poly_seq_scheme.asym_id 
_pdbx_poly_seq_scheme.entity_id 
_pdbx_poly_seq_scheme.seq_id 
_pdbx_poly_seq_scheme.mon_id 
_pdbx_poly_seq_scheme.ndb_seq_num 
_pdbx_poly_seq_scheme.pdb_seq_num 
_pdbx_poly_seq_scheme.auth_seq_num 
_pdbx_poly_seq_scheme.pdb_mon_id 
_pdbx_poly_seq_scheme.auth_mon_id 
_pdbx_poly_seq_scheme.pdb_strand_id 
_pdbx_poly_seq_scheme.pdb_ins_code 
_pdbx_poly_seq_scheme.hetero 
A 1 1   GLY 1   0   ?   ?   ?   A . n 
A 1 2   MET 2   1   1   MET MET A . n 
A 1 3   THR 3   2   2   THR THR A . n 
A 1 4   GLU 4   3   3   GLU GLU A . n 
A 1 5   TYR 5   4   4   TYR TYR A . n 
A 1 6   LYS 6   5   5   LYS LYS A . n 
A 1 7   LEU 7   6   6   LEU LEU A . n 
A 1 8   VAL 8   7   7   VAL VAL A . n 
A 1 9   VAL 9   8   8   VAL VAL A . n 
A 1 10  VAL 10  9   9   VAL VAL A . n 
A 1 11  GLY 11  10  10  GLY GLY A . n 
A 1 12  ALA 12  11  11  ALA ALA A . n 
A 1 13  GLY 13  12  12  GLY GLY A . n 
A 1 14  GLY 14  13  13  GLY GLY A . n 
A 1 15  VAL 15  14  14  VAL VAL A . n 
A 1 16  GLY 16  15  15  GLY GLY A . n 
A 1 17  LYS 17  16  16  LYS LYS A . n 
A 1 18  SER 18  17  17  SER SER A . n 
A 1 19  ALA 19  18  18  ALA ALA A . n 
A 1 20  LEU 20  19  19  LEU LEU A . n 
A 1 21  THR 21  20  20  THR THR A . n 
A 1 22  ILE 22  21  21  ILE ILE A . n 
A 1 23  GLN 23  22  22  GLN GLN A . n 
A 1 24  LEU 24  23  23  LEU LEU A . n 
A 1 25  ILE 25  24  24  ILE ILE A . n 
A 1 26  GLN 26  25  25  GLN GLN A . n 
A 1 27  ASN 27  26  26  ASN ASN A . n 
A 1 28  HIS 28  27  27  HIS HIS A . n 
A 1 29  PHE 29  28  28  PHE PHE A . n 
A 1 30  VAL 30  29  29  VAL VAL A . n 
A 1 31  ASP 31  30  30  ASP ASP A . n 
A 1 32  GLU 32  31  31  GLU GLU A . n 
A 1 33  TYR 33  32  32  TYR TYR A . n 
A 1 34  ASP 34  33  33  ASP ASP A . n 
A 1 35  PRO 35  34  34  PRO PRO A . n 
A 1 36  THR 36  35  35  THR THR A . n 
A 1 37  ILE 37  36  36  ILE ILE A . n 
A 1 38  GLU 38  37  37  GLU GLU A . n 
A 1 39  ASP 39  38  38  ASP ASP A . n 
A 1 40  SER 40  39  39  SER SER A . n 
A 1 41  TYR 41  40  40  TYR TYR A . n 
A 1 42  ARG 42  41  41  ARG ARG A . n 
A 1 43  LYS 43  42  42  LYS LYS A . n 
A 1 44  GLN 44  43  43  GLN GLN A . n 
A 1 45  VAL 45  44  44  VAL VAL A . n 
A 1 46  VAL 46  45  45  VAL VAL A . n 
A 1 47  ILE 47  46  46  ILE ILE A . n 
A 1 48  ASP 48  47  47  ASP ASP A . n 
A 1 49  GLY 49  48  48  GLY GLY A . n 
A 1 50  GLU 50  49  49  GLU GLU A . n 
A 1 51  THR 51  50  50  THR THR A . n 
A 1 52  CYS 52  51  51  CYS CYS A . n 
A 1 53  LEU 53  52  52  LEU LEU A . n 
A 1 54  LEU 54  53  53  LEU LEU A . n 
A 1 55  ASP 55  54  54  ASP ASP A . n 
A 1 56  ILE 56  55  55  ILE ILE A . n 
A 1 57  LEU 57  56  56  LEU LEU A . n 
A 1 58  ASP 58  57  57  ASP ASP A . n 
A 1 59  THR 59  58  58  THR THR A . n 
A 1 60  ALA 60  59  59  ALA ALA A . n 
A 1 61  GLY 61  60  60  GLY GLY A . n 
A 1 62  GLN 62  61  61  GLN GLN A . n 
A 1 63  GLU 63  62  62  GLU GLU A . n 
A 1 64  GLU 64  63  63  GLU GLU A . n 
A 1 65  TYR 65  64  64  TYR TYR A . n 
A 1 66  SER 66  65  65  SER SER A . n 
A 1 67  ALA 67  66  66  ALA ALA A . n 
A 1 68  MET 68  67  67  MET MET A . n 
A 1 69  ARG 69  68  68  ARG ARG A . n 
A 1 70  ASP 70  69  69  ASP ASP A . n 
A 1 71  GLN 71  70  70  GLN GLN A . n 
A 1 72  TYR 72  71  71  TYR TYR A . n 
A 1 73  MET 73  72  72  MET MET A . n 
A 1 74  ARG 74  73  73  ARG ARG A . n 
A 1 75  THR 75  74  74  THR THR A . n 
A 1 76  GLY 76  75  75  GLY GLY A . n 
A 1 77  GLU 77  76  76  GLU GLU A . n 
A 1 78  GLY 78  77  77  GLY GLY A . n 
A 1 79  PHE 79  78  78  PHE PHE A . n 
A 1 80  LEU 80  79  79  LEU LEU A . n 
A 1 81  CYS 81  80  80  CYS CYS A . n 
A 1 82  VAL 82  81  81  VAL VAL A . n 
A 1 83  PHE 83  82  82  PHE PHE A . n 
A 1 84  ALA 84  83  83  ALA ALA A . n 
A 1 85  ILE 85  84  84  ILE ILE A . n 
A 1 86  ASN 86  85  85  ASN ASN A . n 
A 1 87  ASN 87  86  86  ASN ASN A . n 
A 1 88  THR 88  87  87  THR THR A . n 
A 1 89  LYS 89  88  88  LYS LYS A . n 
A 1 90  SER 90  89  89  SER SER A . n 
A 1 91  PHE 91  90  90  PHE PHE A . n 
A 1 92  GLU 92  91  91  GLU GLU A . n 
A 1 93  ASP 93  92  92  ASP ASP A . n 
A 1 94  ILE 94  93  93  ILE ILE A . n 
A 1 95  HIS 95  94  94  HIS HIS A . n 
A 1 96  HIS 96  95  95  HIS HIS A . n 
A 1 97  TYR 97  96  96  TYR TYR A . n 
A 1 98  ARG 98  97  97  ARG ARG A . n 
A 1 99  GLU 99  98  98  GLU GLU A . n 
A 1 100 GLN 100 99  99  GLN GLN A . n 
A 1 101 ILE 101 100 100 ILE ILE A . n 
A 1 102 LYS 102 101 101 LYS LYS A . n 
A 1 103 ARG 103 102 102 ARG ARG A . n 
A 1 104 VAL 104 103 103 VAL VAL A . n 
A 1 105 LYS 105 104 104 LYS LYS A . n 
A 1 106 ASP 106 105 105 ASP ASP A . n 
A 1 107 SER 107 106 106 SER SER A . n 
A 1 108 GLU 108 107 107 GLU GLU A . n 
A 1 109 ASP 109 108 108 ASP ASP A . n 
A 1 110 VAL 110 109 109 VAL VAL A . n 
A 1 111 PRO 111 110 110 PRO PRO A . n 
A 1 112 MET 112 111 111 MET MET A . n 
A 1 113 VAL 113 112 112 VAL VAL A . n 
A 1 114 LEU 114 113 113 LEU LEU A . n 
A 1 115 VAL 115 114 114 VAL VAL A . n 
A 1 116 GLY 116 115 115 GLY GLY A . n 
A 1 117 ASN 117 116 116 ASN ASN A . n 
A 1 118 LYS 118 117 117 LYS LYS A . n 
A 1 119 SER 119 118 118 SER SER A . n 
A 1 120 ASP 120 119 119 ASP ASP A . n 
A 1 121 LEU 121 120 120 LEU LEU A . n 
A 1 122 PRO 122 121 121 PRO PRO A . n 
A 1 123 SER 123 122 122 SER SER A . n 
A 1 124 ARG 124 123 123 ARG ARG A . n 
A 1 125 THR 125 124 124 THR THR A . n 
A 1 126 VAL 126 125 125 VAL VAL A . n 
A 1 127 ASP 127 126 126 ASP ASP A . n 
A 1 128 THR 128 127 127 THR THR A . n 
A 1 129 LYS 129 128 128 LYS LYS A . n 
A 1 130 GLN 130 129 129 GLN GLN A . n 
A 1 131 ALA 131 130 130 ALA ALA A . n 
A 1 132 GLN 132 131 131 GLN GLN A . n 
A 1 133 ASP 133 132 132 ASP ASP A . n 
A 1 134 LEU 134 133 133 LEU LEU A . n 
A 1 135 ALA 135 134 134 ALA ALA A . n 
A 1 136 ARG 136 135 135 ARG ARG A . n 
A 1 137 SER 137 136 136 SER SER A . n 
A 1 138 TYR 138 137 137 TYR TYR A . n 
A 1 139 GLY 139 138 138 GLY GLY A . n 
A 1 140 ILE 140 139 139 ILE ILE A . n 
A 1 141 PRO 141 140 140 PRO PRO A . n 
A 1 142 PHE 142 141 141 PHE PHE A . n 
A 1 143 ILE 143 142 142 ILE ILE A . n 
A 1 144 GLU 144 143 143 GLU GLU A . n 
A 1 145 THR 145 144 144 THR THR A . n 
A 1 146 SER 146 145 145 SER SER A . n 
A 1 147 ALA 147 146 146 ALA ALA A . n 
A 1 148 LYS 148 147 147 LYS LYS A . n 
A 1 149 THR 149 148 148 THR THR A . n 
A 1 150 ARG 150 149 149 ARG ARG A . n 
A 1 151 GLN 151 150 150 GLN GLN A . n 
A 1 152 GLY 152 151 151 GLY GLY A . n 
A 1 153 VAL 153 152 152 VAL VAL A . n 
A 1 154 ASP 154 153 153 ASP ASP A . n 
A 1 155 ASP 155 154 154 ASP ASP A . n 
A 1 156 ALA 156 155 155 ALA ALA A . n 
A 1 157 PHE 157 156 156 PHE PHE A . n 
A 1 158 TYR 158 157 157 TYR TYR A . n 
A 1 159 THR 159 158 158 THR THR A . n 
A 1 160 LEU 160 159 159 LEU LEU A . n 
A 1 161 VAL 161 160 160 VAL VAL A . n 
A 1 162 ARG 162 161 161 ARG ARG A . n 
A 1 163 GLU 163 162 162 GLU GLU A . n 
A 1 164 ILE 164 163 163 ILE ILE A . n 
A 1 165 ARG 165 164 164 ARG ARG A . n 
A 1 166 LYS 166 165 165 LYS LYS A . n 
A 1 167 HIS 167 166 166 HIS HIS A . n 
A 1 168 LYS 168 167 ?   ?   ?   A . n 
A 1 169 GLU 169 168 ?   ?   ?   A . n 
A 1 170 LYS 170 169 ?   ?   ?   A . n 
# 
loop_
_pdbx_nonpoly_scheme.asym_id 
_pdbx_nonpoly_scheme.entity_id 
_pdbx_nonpoly_scheme.mon_id 
_pdbx_nonpoly_scheme.ndb_seq_num 
_pdbx_nonpoly_scheme.pdb_seq_num 
_pdbx_nonpoly_scheme.auth_seq_num 
_pdbx_nonpoly_scheme.pdb_mon_id 
_pdbx_nonpoly_scheme.auth_mon_id 
_pdbx_nonpoly_scheme.pdb_strand_id 
_pdbx_nonpoly_scheme.pdb_ins_code 
B 2 GDP 1   201 201 GDP GDP A . 
C 3 MG  1   202 301 MG  MG  A . 
D 4 0QW 1   203 401 0QW AGW A . 
E 5 HOH 1   301 1   HOH HOH A . 
E 5 HOH 2   302 2   HOH HOH A . 
E 5 HOH 3   303 3   HOH HOH A . 
E 5 HOH 4   304 4   HOH HOH A . 
E 5 HOH 5   305 5   HOH HOH A . 
E 5 HOH 6   306 6   HOH HOH A . 
E 5 HOH 7   307 7   HOH HOH A . 
E 5 HOH 8   308 8   HOH HOH A . 
E 5 HOH 9   309 9   HOH HOH A . 
E 5 HOH 10  310 10  HOH HOH A . 
E 5 HOH 11  311 11  HOH HOH A . 
E 5 HOH 12  312 12  HOH HOH A . 
E 5 HOH 13  313 13  HOH HOH A . 
E 5 HOH 14  314 14  HOH HOH A . 
E 5 HOH 15  315 15  HOH HOH A . 
E 5 HOH 16  316 16  HOH HOH A . 
E 5 HOH 17  317 17  HOH HOH A . 
E 5 HOH 18  318 18  HOH HOH A . 
E 5 HOH 19  319 19  HOH HOH A . 
E 5 HOH 20  320 20  HOH HOH A . 
E 5 HOH 21  321 21  HOH HOH A . 
E 5 HOH 22  322 22  HOH HOH A . 
E 5 HOH 23  323 23  HOH HOH A . 
E 5 HOH 24  324 24  HOH HOH A . 
E 5 HOH 25  325 25  HOH HOH A . 
E 5 HOH 26  326 26  HOH HOH A . 
E 5 HOH 27  327 27  HOH HOH A . 
E 5 HOH 28  328 28  HOH HOH A . 
E 5 HOH 29  329 29  HOH HOH A . 
E 5 HOH 30  330 30  HOH HOH A . 
E 5 HOH 31  331 31  HOH HOH A . 
E 5 HOH 32  332 32  HOH HOH A . 
E 5 HOH 33  333 33  HOH HOH A . 
E 5 HOH 34  334 34  HOH HOH A . 
E 5 HOH 35  335 35  HOH HOH A . 
E 5 HOH 36  336 36  HOH HOH A . 
E 5 HOH 37  337 37  HOH HOH A . 
E 5 HOH 38  338 38  HOH HOH A . 
E 5 HOH 39  339 39  HOH HOH A . 
E 5 HOH 40  340 40  HOH HOH A . 
E 5 HOH 41  341 41  HOH HOH A . 
E 5 HOH 42  342 42  HOH HOH A . 
E 5 HOH 43  343 43  HOH HOH A . 
E 5 HOH 44  344 44  HOH HOH A . 
E 5 HOH 45  345 45  HOH HOH A . 
E 5 HOH 46  346 46  HOH HOH A . 
E 5 HOH 47  347 47  HOH HOH A . 
E 5 HOH 48  348 48  HOH HOH A . 
E 5 HOH 49  349 49  HOH HOH A . 
E 5 HOH 50  350 50  HOH HOH A . 
E 5 HOH 51  351 51  HOH HOH A . 
E 5 HOH 52  352 52  HOH HOH A . 
E 5 HOH 53  353 53  HOH HOH A . 
E 5 HOH 54  354 54  HOH HOH A . 
E 5 HOH 55  355 55  HOH HOH A . 
E 5 HOH 56  356 56  HOH HOH A . 
E 5 HOH 57  357 57  HOH HOH A . 
E 5 HOH 58  358 58  HOH HOH A . 
E 5 HOH 59  359 59  HOH HOH A . 
E 5 HOH 60  360 60  HOH HOH A . 
E 5 HOH 61  361 61  HOH HOH A . 
E 5 HOH 62  362 62  HOH HOH A . 
E 5 HOH 63  363 63  HOH HOH A . 
E 5 HOH 64  364 64  HOH HOH A . 
E 5 HOH 65  365 65  HOH HOH A . 
E 5 HOH 66  366 66  HOH HOH A . 
E 5 HOH 67  367 67  HOH HOH A . 
E 5 HOH 68  368 68  HOH HOH A . 
E 5 HOH 69  369 69  HOH HOH A . 
E 5 HOH 70  370 70  HOH HOH A . 
E 5 HOH 71  371 71  HOH HOH A . 
E 5 HOH 72  372 72  HOH HOH A . 
E 5 HOH 73  373 73  HOH HOH A . 
E 5 HOH 74  374 74  HOH HOH A . 
E 5 HOH 75  375 75  HOH HOH A . 
E 5 HOH 76  376 76  HOH HOH A . 
E 5 HOH 77  377 77  HOH HOH A . 
E 5 HOH 78  378 78  HOH HOH A . 
E 5 HOH 79  379 79  HOH HOH A . 
E 5 HOH 80  380 80  HOH HOH A . 
E 5 HOH 81  381 81  HOH HOH A . 
E 5 HOH 82  382 82  HOH HOH A . 
E 5 HOH 83  383 83  HOH HOH A . 
E 5 HOH 84  384 84  HOH HOH A . 
E 5 HOH 85  385 85  HOH HOH A . 
E 5 HOH 86  386 86  HOH HOH A . 
E 5 HOH 87  387 87  HOH HOH A . 
E 5 HOH 88  388 88  HOH HOH A . 
E 5 HOH 89  389 89  HOH HOH A . 
E 5 HOH 90  390 90  HOH HOH A . 
E 5 HOH 91  391 91  HOH HOH A . 
E 5 HOH 92  392 92  HOH HOH A . 
E 5 HOH 93  393 93  HOH HOH A . 
E 5 HOH 94  394 94  HOH HOH A . 
E 5 HOH 95  395 95  HOH HOH A . 
E 5 HOH 96  396 96  HOH HOH A . 
E 5 HOH 97  397 97  HOH HOH A . 
E 5 HOH 98  398 98  HOH HOH A . 
E 5 HOH 99  399 99  HOH HOH A . 
E 5 HOH 100 400 100 HOH HOH A . 
E 5 HOH 101 401 101 HOH HOH A . 
E 5 HOH 102 402 102 HOH HOH A . 
E 5 HOH 103 403 103 HOH HOH A . 
E 5 HOH 104 404 104 HOH HOH A . 
E 5 HOH 105 405 105 HOH HOH A . 
E 5 HOH 106 406 106 HOH HOH A . 
E 5 HOH 107 407 107 HOH HOH A . 
E 5 HOH 108 408 108 HOH HOH A . 
E 5 HOH 109 409 109 HOH HOH A . 
E 5 HOH 110 410 110 HOH HOH A . 
E 5 HOH 111 411 111 HOH HOH A . 
E 5 HOH 112 412 112 HOH HOH A . 
E 5 HOH 113 413 113 HOH HOH A . 
E 5 HOH 114 414 114 HOH HOH A . 
E 5 HOH 115 415 115 HOH HOH A . 
E 5 HOH 116 416 116 HOH HOH A . 
# 
_pdbx_struct_assembly.id                   1 
_pdbx_struct_assembly.details              author_and_software_defined_assembly 
_pdbx_struct_assembly.method_details       PISA 
_pdbx_struct_assembly.oligomeric_details   monomeric 
_pdbx_struct_assembly.oligomeric_count     1 
# 
_pdbx_struct_assembly_gen.assembly_id       1 
_pdbx_struct_assembly_gen.oper_expression   1 
_pdbx_struct_assembly_gen.asym_id_list      A,B,C,D,E 
# 
_pdbx_struct_oper_list.id                   1 
_pdbx_struct_oper_list.type                 'identity operation' 
_pdbx_struct_oper_list.name                 1_555 
_pdbx_struct_oper_list.symmetry_operation   x,y,z 
_pdbx_struct_oper_list.matrix[1][1]         1.0000000000 
_pdbx_struct_oper_list.matrix[1][2]         0.0000000000 
_pdbx_struct_oper_list.matrix[1][3]         0.0000000000 
_pdbx_struct_oper_list.vector[1]            0.0000000000 
_pdbx_struct_oper_list.matrix[2][1]         0.0000000000 
_pdbx_struct_oper_list.matrix[2][2]         1.0000000000 
_pdbx_struct_oper_list.matrix[2][3]         0.0000000000 
_pdbx_struct_oper_list.vector[2]            0.0000000000 
_pdbx_struct_oper_list.matrix[3][1]         0.0000000000 
_pdbx_struct_oper_list.matrix[3][2]         0.0000000000 
_pdbx_struct_oper_list.matrix[3][3]         1.0000000000 
_pdbx_struct_oper_list.vector[3]            0.0000000000 
# 
loop_
_pdbx_struct_conn_angle.id 
_pdbx_struct_conn_angle.ptnr1_label_atom_id 
_pdbx_struct_conn_angle.ptnr1_label_alt_id 
_pdbx_struct_conn_angle.ptnr1_label_asym_id 
_pdbx_struct_conn_angle.ptnr1_label_comp_id 
_pdbx_struct_conn_angle.ptnr1_label_seq_id 
_pdbx_struct_conn_angle.ptnr1_auth_atom_id 
_pdbx_struct_conn_angle.ptnr1_auth_asym_id 
_pdbx_struct_conn_angle.ptnr1_auth_comp_id 
_pdbx_struct_conn_angle.ptnr1_auth_seq_id 
_pdbx_struct_conn_angle.ptnr1_PDB_ins_code 
_pdbx_struct_conn_angle.ptnr1_symmetry 
_pdbx_struct_conn_angle.ptnr2_label_atom_id 
_pdbx_struct_conn_angle.ptnr2_label_alt_id 
_pdbx_struct_conn_angle.ptnr2_label_asym_id 
_pdbx_struct_conn_angle.ptnr2_label_comp_id 
_pdbx_struct_conn_angle.ptnr2_label_seq_id 
_pdbx_struct_conn_angle.ptnr2_auth_atom_id 
_pdbx_struct_conn_angle.ptnr2_auth_asym_id 
_pdbx_struct_conn_angle.ptnr2_auth_comp_id 
_pdbx_struct_conn_angle.ptnr2_auth_seq_id 
_pdbx_struct_conn_angle.ptnr2_PDB_ins_code 
_pdbx_struct_conn_angle.ptnr2_symmetry 
_pdbx_struct_conn_angle.ptnr3_label_atom_id 
_pdbx_struct_conn_angle.ptnr3_label_alt_id 
_pdbx_struct_conn_angle.ptnr3_label_asym_id 
_pdbx_struct_conn_angle.ptnr3_label_comp_id 
_pdbx_struct_conn_angle.ptnr3_label_seq_id 
_pdbx_struct_conn_angle.ptnr3_auth_atom_id 
_pdbx_struct_conn_angle.ptnr3_auth_asym_id 
_pdbx_struct_conn_angle.ptnr3_auth_comp_id 
_pdbx_struct_conn_angle.ptnr3_auth_seq_id 
_pdbx_struct_conn_angle.ptnr3_PDB_ins_code 
_pdbx_struct_conn_angle.ptnr3_symmetry 
_pdbx_struct_conn_angle.value 
_pdbx_struct_conn_angle.value_esd 
1  OG  ? A SER 18 ? A SER 17  ? 1_555 MG ? C MG . ? A MG 202 ? 1_555 O2B ? B GDP . ? A GDP 201 ? 1_555 93.4  ? 
2  OG  ? A SER 18 ? A SER 17  ? 1_555 MG ? C MG . ? A MG 202 ? 1_555 O   ? E HOH . ? A HOH 304 ? 1_555 86.3  ? 
3  O2B ? B GDP .  ? A GDP 201 ? 1_555 MG ? C MG . ? A MG 202 ? 1_555 O   ? E HOH . ? A HOH 304 ? 1_555 92.7  ? 
4  OG  ? A SER 18 ? A SER 17  ? 1_555 MG ? C MG . ? A MG 202 ? 1_555 O   ? E HOH . ? A HOH 336 ? 1_555 86.6  ? 
5  O2B ? B GDP .  ? A GDP 201 ? 1_555 MG ? C MG . ? A MG 202 ? 1_555 O   ? E HOH . ? A HOH 336 ? 1_555 86.8  ? 
6  O   ? E HOH .  ? A HOH 304 ? 1_555 MG ? C MG . ? A MG 202 ? 1_555 O   ? E HOH . ? A HOH 336 ? 1_555 172.9 ? 
7  OG  ? A SER 18 ? A SER 17  ? 1_555 MG ? C MG . ? A MG 202 ? 1_555 O   ? E HOH . ? A HOH 347 ? 1_555 88.0  ? 
8  O2B ? B GDP .  ? A GDP 201 ? 1_555 MG ? C MG . ? A MG 202 ? 1_555 O   ? E HOH . ? A HOH 347 ? 1_555 168.1 ? 
9  O   ? E HOH .  ? A HOH 304 ? 1_555 MG ? C MG . ? A MG 202 ? 1_555 O   ? E HOH . ? A HOH 347 ? 1_555 99.2  ? 
10 O   ? E HOH .  ? A HOH 336 ? 1_555 MG ? C MG . ? A MG 202 ? 1_555 O   ? E HOH . ? A HOH 347 ? 1_555 81.5  ? 
11 OG  ? A SER 18 ? A SER 17  ? 1_555 MG ? C MG . ? A MG 202 ? 1_555 O   ? E HOH . ? A HOH 349 ? 1_555 173.6 ? 
12 O2B ? B GDP .  ? A GDP 201 ? 1_555 MG ? C MG . ? A MG 202 ? 1_555 O   ? E HOH . ? A HOH 349 ? 1_555 91.4  ? 
13 O   ? E HOH .  ? A HOH 304 ? 1_555 MG ? C MG . ? A MG 202 ? 1_555 O   ? E HOH . ? A HOH 349 ? 1_555 89.2  ? 
14 O   ? E HOH .  ? A HOH 336 ? 1_555 MG ? C MG . ? A MG 202 ? 1_555 O   ? E HOH . ? A HOH 349 ? 1_555 98.0  ? 
15 O   ? E HOH .  ? A HOH 347 ? 1_555 MG ? C MG . ? A MG 202 ? 1_555 O   ? E HOH . ? A HOH 349 ? 1_555 88.2  ? 
# 
loop_
_pdbx_audit_revision_history.ordinal 
_pdbx_audit_revision_history.data_content_type 
_pdbx_audit_revision_history.major_revision 
_pdbx_audit_revision_history.minor_revision 
_pdbx_audit_revision_history.revision_date 
1 'Structure model' 1 0 2012-05-23 
2 'Structure model' 1 1 2012-07-25 
3 'Structure model' 1 2 2023-09-13 
# 
_pdbx_audit_revision_details.ordinal             1 
_pdbx_audit_revision_details.revision_ordinal    1 
_pdbx_audit_revision_details.data_content_type   'Structure model' 
_pdbx_audit_revision_details.provider            repository 
_pdbx_audit_revision_details.type                'Initial release' 
_pdbx_audit_revision_details.description         ? 
_pdbx_audit_revision_details.details             ? 
# 
loop_
_pdbx_audit_revision_group.ordinal 
_pdbx_audit_revision_group.revision_ordinal 
_pdbx_audit_revision_group.data_content_type 
_pdbx_audit_revision_group.group 
1 2 'Structure model' 'Database references'    
2 3 'Structure model' 'Data collection'        
3 3 'Structure model' 'Database references'    
4 3 'Structure model' 'Derived calculations'   
5 3 'Structure model' 'Refinement description' 
# 
loop_
_pdbx_audit_revision_category.ordinal 
_pdbx_audit_revision_category.revision_ordinal 
_pdbx_audit_revision_category.data_content_type 
_pdbx_audit_revision_category.category 
1 3 'Structure model' chem_comp_atom                
2 3 'Structure model' chem_comp_bond                
3 3 'Structure model' database_2                    
4 3 'Structure model' pdbx_initial_refinement_model 
5 3 'Structure model' pdbx_struct_conn_angle        
6 3 'Structure model' struct_conn                   
7 3 'Structure model' struct_ref_seq_dif            
8 3 'Structure model' struct_site                   
# 
loop_
_pdbx_audit_revision_item.ordinal 
_pdbx_audit_revision_item.revision_ordinal 
_pdbx_audit_revision_item.data_content_type 
_pdbx_audit_revision_item.item 
1  3 'Structure model' '_database_2.pdbx_DOI'                        
2  3 'Structure model' '_database_2.pdbx_database_accession'         
3  3 'Structure model' '_pdbx_struct_conn_angle.ptnr1_auth_comp_id'  
4  3 'Structure model' '_pdbx_struct_conn_angle.ptnr1_auth_seq_id'   
5  3 'Structure model' '_pdbx_struct_conn_angle.ptnr1_label_asym_id' 
6  3 'Structure model' '_pdbx_struct_conn_angle.ptnr1_label_atom_id' 
7  3 'Structure model' '_pdbx_struct_conn_angle.ptnr1_label_comp_id' 
8  3 'Structure model' '_pdbx_struct_conn_angle.ptnr1_label_seq_id'  
9  3 'Structure model' '_pdbx_struct_conn_angle.ptnr3_auth_comp_id'  
10 3 'Structure model' '_pdbx_struct_conn_angle.ptnr3_auth_seq_id'   
11 3 'Structure model' '_pdbx_struct_conn_angle.ptnr3_label_asym_id' 
12 3 'Structure model' '_pdbx_struct_conn_angle.ptnr3_label_atom_id' 
13 3 'Structure model' '_pdbx_struct_conn_angle.ptnr3_label_comp_id' 
14 3 'Structure model' '_pdbx_struct_conn_angle.ptnr3_label_seq_id'  
15 3 'Structure model' '_pdbx_struct_conn_angle.value'               
16 3 'Structure model' '_struct_conn.pdbx_dist_value'                
17 3 'Structure model' '_struct_conn.ptnr1_auth_comp_id'             
18 3 'Structure model' '_struct_conn.ptnr1_auth_seq_id'              
19 3 'Structure model' '_struct_conn.ptnr1_label_asym_id'            
20 3 'Structure model' '_struct_conn.ptnr1_label_atom_id'            
21 3 'Structure model' '_struct_conn.ptnr1_label_comp_id'            
22 3 'Structure model' '_struct_conn.ptnr1_label_seq_id'             
23 3 'Structure model' '_struct_conn.ptnr2_auth_comp_id'             
24 3 'Structure model' '_struct_conn.ptnr2_auth_seq_id'              
25 3 'Structure model' '_struct_conn.ptnr2_label_asym_id'            
26 3 'Structure model' '_struct_conn.ptnr2_label_atom_id'            
27 3 'Structure model' '_struct_conn.ptnr2_label_comp_id'            
28 3 'Structure model' '_struct_ref_seq_dif.details'                 
29 3 'Structure model' '_struct_site.pdbx_auth_asym_id'              
30 3 'Structure model' '_struct_site.pdbx_auth_comp_id'              
31 3 'Structure model' '_struct_site.pdbx_auth_seq_id'               
# 
loop_
_software.name 
_software.classification 
_software.version 
_software.citation_id 
_software.pdbx_ordinal 
'PROTEUM PLUS' 'data collection' PLUS     ? 1 
MOLREP         phasing           .        ? 2 
REFMAC         refinement        5.6.0119 ? 3 
HKL-2000       'data reduction'  .        ? 4 
HKL-2000       'data scaling'    .        ? 5 
# 
_pdbx_entry_details.entry_id                 4EPT 
_pdbx_entry_details.nonpolymer_details       ? 
_pdbx_entry_details.sequence_details         'THE CRYSTALLIZED SEQUENCE CORRESPONDS TO UNP P01116-2 OF ISOFORM 2B OF GTPASE KRAS' 
_pdbx_entry_details.compound_details         ? 
_pdbx_entry_details.source_details           ? 
_pdbx_entry_details.has_ligand_of_interest   ? 
# 
loop_
_pdbx_validate_rmsd_angle.id 
_pdbx_validate_rmsd_angle.PDB_model_num 
_pdbx_validate_rmsd_angle.auth_atom_id_1 
_pdbx_validate_rmsd_angle.auth_asym_id_1 
_pdbx_validate_rmsd_angle.auth_comp_id_1 
_pdbx_validate_rmsd_angle.auth_seq_id_1 
_pdbx_validate_rmsd_angle.PDB_ins_code_1 
_pdbx_validate_rmsd_angle.label_alt_id_1 
_pdbx_validate_rmsd_angle.auth_atom_id_2 
_pdbx_validate_rmsd_angle.auth_asym_id_2 
_pdbx_validate_rmsd_angle.auth_comp_id_2 
_pdbx_validate_rmsd_angle.auth_seq_id_2 
_pdbx_validate_rmsd_angle.PDB_ins_code_2 
_pdbx_validate_rmsd_angle.label_alt_id_2 
_pdbx_validate_rmsd_angle.auth_atom_id_3 
_pdbx_validate_rmsd_angle.auth_asym_id_3 
_pdbx_validate_rmsd_angle.auth_comp_id_3 
_pdbx_validate_rmsd_angle.auth_seq_id_3 
_pdbx_validate_rmsd_angle.PDB_ins_code_3 
_pdbx_validate_rmsd_angle.label_alt_id_3 
_pdbx_validate_rmsd_angle.angle_value 
_pdbx_validate_rmsd_angle.angle_target_value 
_pdbx_validate_rmsd_angle.angle_deviation 
_pdbx_validate_rmsd_angle.angle_standard_deviation 
_pdbx_validate_rmsd_angle.linker_flag 
1 1 CG A MET 72  ? ? SD A MET 72  ? ? CE  A MET 72  ? ? 88.60  100.20 -11.60 1.60 N 
2 1 CB A ASP 132 ? ? CG A ASP 132 ? ? OD1 A ASP 132 ? ? 123.95 118.30 5.65   0.90 N 
# 
loop_
_pdbx_validate_torsion.id 
_pdbx_validate_torsion.PDB_model_num 
_pdbx_validate_torsion.auth_comp_id 
_pdbx_validate_torsion.auth_asym_id 
_pdbx_validate_torsion.auth_seq_id 
_pdbx_validate_torsion.PDB_ins_code 
_pdbx_validate_torsion.label_alt_id 
_pdbx_validate_torsion.phi 
_pdbx_validate_torsion.psi 
1 1 ASP A 33  ? ? -29.53  112.79 
2 1 TYR A 64  ? ? -21.46  80.84  
3 1 LYS A 117 ? ? 79.00   33.96  
4 1 SER A 122 ? ? -107.38 79.14  
5 1 ARG A 149 ? ? 83.50   -11.25 
# 
_pdbx_validate_peptide_omega.id               1 
_pdbx_validate_peptide_omega.PDB_model_num    1 
_pdbx_validate_peptide_omega.auth_comp_id_1   GLU 
_pdbx_validate_peptide_omega.auth_asym_id_1   A 
_pdbx_validate_peptide_omega.auth_seq_id_1    62 
_pdbx_validate_peptide_omega.PDB_ins_code_1   ? 
_pdbx_validate_peptide_omega.label_alt_id_1   ? 
_pdbx_validate_peptide_omega.auth_comp_id_2   GLU 
_pdbx_validate_peptide_omega.auth_asym_id_2   A 
_pdbx_validate_peptide_omega.auth_seq_id_2    63 
_pdbx_validate_peptide_omega.PDB_ins_code_2   ? 
_pdbx_validate_peptide_omega.label_alt_id_2   ? 
_pdbx_validate_peptide_omega.omega            146.58 
# 
loop_
_pdbx_unobs_or_zero_occ_residues.id 
_pdbx_unobs_or_zero_occ_residues.PDB_model_num 
_pdbx_unobs_or_zero_occ_residues.polymer_flag 
_pdbx_unobs_or_zero_occ_residues.occupancy_flag 
_pdbx_unobs_or_zero_occ_residues.auth_asym_id 
_pdbx_unobs_or_zero_occ_residues.auth_comp_id 
_pdbx_unobs_or_zero_occ_residues.auth_seq_id 
_pdbx_unobs_or_zero_occ_residues.PDB_ins_code 
_pdbx_unobs_or_zero_occ_residues.label_asym_id 
_pdbx_unobs_or_zero_occ_residues.label_comp_id 
_pdbx_unobs_or_zero_occ_residues.label_seq_id 
1 1 Y 1 A GLY 0   ? A GLY 1   
2 1 Y 1 A LYS 167 ? A LYS 168 
3 1 Y 1 A GLU 168 ? A GLU 169 
4 1 Y 1 A LYS 169 ? A LYS 170 
# 
loop_
_chem_comp_atom.comp_id 
_chem_comp_atom.atom_id 
_chem_comp_atom.type_symbol 
_chem_comp_atom.pdbx_aromatic_flag 
_chem_comp_atom.pdbx_stereo_config 
_chem_comp_atom.pdbx_ordinal 
0QW C8     C  N N 1   
0QW C9     C  N N 2   
0QW C10    C  N N 3   
0QW C11    C  N N 4   
0QW N1     N  N N 5   
0QW C7     C  N N 6   
0QW S1     S  N N 7   
0QW C6     C  Y N 8   
0QW C5     C  Y N 9   
0QW C4     C  Y N 10  
0QW C3     C  Y N 11  
0QW C2     C  Y N 12  
0QW C1     C  Y N 13  
0QW O1     O  N N 14  
0QW H1     H  N N 15  
0QW H2     H  N N 16  
0QW H3     H  N N 17  
0QW H4     H  N N 18  
0QW H5     H  N N 19  
0QW H6     H  N N 20  
0QW H7     H  N N 21  
0QW H8     H  N N 22  
0QW H9     H  N N 23  
0QW H10    H  N N 24  
0QW H11    H  N N 25  
0QW H12    H  N N 26  
0QW H13    H  N N 27  
ALA N      N  N N 28  
ALA CA     C  N S 29  
ALA C      C  N N 30  
ALA O      O  N N 31  
ALA CB     C  N N 32  
ALA OXT    O  N N 33  
ALA H      H  N N 34  
ALA H2     H  N N 35  
ALA HA     H  N N 36  
ALA HB1    H  N N 37  
ALA HB2    H  N N 38  
ALA HB3    H  N N 39  
ALA HXT    H  N N 40  
ARG N      N  N N 41  
ARG CA     C  N S 42  
ARG C      C  N N 43  
ARG O      O  N N 44  
ARG CB     C  N N 45  
ARG CG     C  N N 46  
ARG CD     C  N N 47  
ARG NE     N  N N 48  
ARG CZ     C  N N 49  
ARG NH1    N  N N 50  
ARG NH2    N  N N 51  
ARG OXT    O  N N 52  
ARG H      H  N N 53  
ARG H2     H  N N 54  
ARG HA     H  N N 55  
ARG HB2    H  N N 56  
ARG HB3    H  N N 57  
ARG HG2    H  N N 58  
ARG HG3    H  N N 59  
ARG HD2    H  N N 60  
ARG HD3    H  N N 61  
ARG HE     H  N N 62  
ARG HH11   H  N N 63  
ARG HH12   H  N N 64  
ARG HH21   H  N N 65  
ARG HH22   H  N N 66  
ARG HXT    H  N N 67  
ASN N      N  N N 68  
ASN CA     C  N S 69  
ASN C      C  N N 70  
ASN O      O  N N 71  
ASN CB     C  N N 72  
ASN CG     C  N N 73  
ASN OD1    O  N N 74  
ASN ND2    N  N N 75  
ASN OXT    O  N N 76  
ASN H      H  N N 77  
ASN H2     H  N N 78  
ASN HA     H  N N 79  
ASN HB2    H  N N 80  
ASN HB3    H  N N 81  
ASN HD21   H  N N 82  
ASN HD22   H  N N 83  
ASN HXT    H  N N 84  
ASP N      N  N N 85  
ASP CA     C  N S 86  
ASP C      C  N N 87  
ASP O      O  N N 88  
ASP CB     C  N N 89  
ASP CG     C  N N 90  
ASP OD1    O  N N 91  
ASP OD2    O  N N 92  
ASP OXT    O  N N 93  
ASP H      H  N N 94  
ASP H2     H  N N 95  
ASP HA     H  N N 96  
ASP HB2    H  N N 97  
ASP HB3    H  N N 98  
ASP HD2    H  N N 99  
ASP HXT    H  N N 100 
CYS N      N  N N 101 
CYS CA     C  N R 102 
CYS C      C  N N 103 
CYS O      O  N N 104 
CYS CB     C  N N 105 
CYS SG     S  N N 106 
CYS OXT    O  N N 107 
CYS H      H  N N 108 
CYS H2     H  N N 109 
CYS HA     H  N N 110 
CYS HB2    H  N N 111 
CYS HB3    H  N N 112 
CYS HG     H  N N 113 
CYS HXT    H  N N 114 
GDP PB     P  N N 115 
GDP O1B    O  N N 116 
GDP O2B    O  N N 117 
GDP O3B    O  N N 118 
GDP O3A    O  N N 119 
GDP PA     P  N N 120 
GDP O1A    O  N N 121 
GDP O2A    O  N N 122 
GDP "O5'"  O  N N 123 
GDP "C5'"  C  N N 124 
GDP "C4'"  C  N R 125 
GDP "O4'"  O  N N 126 
GDP "C3'"  C  N S 127 
GDP "O3'"  O  N N 128 
GDP "C2'"  C  N R 129 
GDP "O2'"  O  N N 130 
GDP "C1'"  C  N R 131 
GDP N9     N  Y N 132 
GDP C8     C  Y N 133 
GDP N7     N  Y N 134 
GDP C5     C  Y N 135 
GDP C6     C  N N 136 
GDP O6     O  N N 137 
GDP N1     N  N N 138 
GDP C2     C  N N 139 
GDP N2     N  N N 140 
GDP N3     N  N N 141 
GDP C4     C  Y N 142 
GDP HOB2   H  N N 143 
GDP HOB3   H  N N 144 
GDP HOA2   H  N N 145 
GDP "H5'"  H  N N 146 
GDP "H5''" H  N N 147 
GDP "H4'"  H  N N 148 
GDP "H3'"  H  N N 149 
GDP "HO3'" H  N N 150 
GDP "H2'"  H  N N 151 
GDP "HO2'" H  N N 152 
GDP "H1'"  H  N N 153 
GDP H8     H  N N 154 
GDP HN1    H  N N 155 
GDP HN21   H  N N 156 
GDP HN22   H  N N 157 
GLN N      N  N N 158 
GLN CA     C  N S 159 
GLN C      C  N N 160 
GLN O      O  N N 161 
GLN CB     C  N N 162 
GLN CG     C  N N 163 
GLN CD     C  N N 164 
GLN OE1    O  N N 165 
GLN NE2    N  N N 166 
GLN OXT    O  N N 167 
GLN H      H  N N 168 
GLN H2     H  N N 169 
GLN HA     H  N N 170 
GLN HB2    H  N N 171 
GLN HB3    H  N N 172 
GLN HG2    H  N N 173 
GLN HG3    H  N N 174 
GLN HE21   H  N N 175 
GLN HE22   H  N N 176 
GLN HXT    H  N N 177 
GLU N      N  N N 178 
GLU CA     C  N S 179 
GLU C      C  N N 180 
GLU O      O  N N 181 
GLU CB     C  N N 182 
GLU CG     C  N N 183 
GLU CD     C  N N 184 
GLU OE1    O  N N 185 
GLU OE2    O  N N 186 
GLU OXT    O  N N 187 
GLU H      H  N N 188 
GLU H2     H  N N 189 
GLU HA     H  N N 190 
GLU HB2    H  N N 191 
GLU HB3    H  N N 192 
GLU HG2    H  N N 193 
GLU HG3    H  N N 194 
GLU HE2    H  N N 195 
GLU HXT    H  N N 196 
GLY N      N  N N 197 
GLY CA     C  N N 198 
GLY C      C  N N 199 
GLY O      O  N N 200 
GLY OXT    O  N N 201 
GLY H      H  N N 202 
GLY H2     H  N N 203 
GLY HA2    H  N N 204 
GLY HA3    H  N N 205 
GLY HXT    H  N N 206 
HIS N      N  N N 207 
HIS CA     C  N S 208 
HIS C      C  N N 209 
HIS O      O  N N 210 
HIS CB     C  N N 211 
HIS CG     C  Y N 212 
HIS ND1    N  Y N 213 
HIS CD2    C  Y N 214 
HIS CE1    C  Y N 215 
HIS NE2    N  Y N 216 
HIS OXT    O  N N 217 
HIS H      H  N N 218 
HIS H2     H  N N 219 
HIS HA     H  N N 220 
HIS HB2    H  N N 221 
HIS HB3    H  N N 222 
HIS HD1    H  N N 223 
HIS HD2    H  N N 224 
HIS HE1    H  N N 225 
HIS HE2    H  N N 226 
HIS HXT    H  N N 227 
HOH O      O  N N 228 
HOH H1     H  N N 229 
HOH H2     H  N N 230 
ILE N      N  N N 231 
ILE CA     C  N S 232 
ILE C      C  N N 233 
ILE O      O  N N 234 
ILE CB     C  N S 235 
ILE CG1    C  N N 236 
ILE CG2    C  N N 237 
ILE CD1    C  N N 238 
ILE OXT    O  N N 239 
ILE H      H  N N 240 
ILE H2     H  N N 241 
ILE HA     H  N N 242 
ILE HB     H  N N 243 
ILE HG12   H  N N 244 
ILE HG13   H  N N 245 
ILE HG21   H  N N 246 
ILE HG22   H  N N 247 
ILE HG23   H  N N 248 
ILE HD11   H  N N 249 
ILE HD12   H  N N 250 
ILE HD13   H  N N 251 
ILE HXT    H  N N 252 
LEU N      N  N N 253 
LEU CA     C  N S 254 
LEU C      C  N N 255 
LEU O      O  N N 256 
LEU CB     C  N N 257 
LEU CG     C  N N 258 
LEU CD1    C  N N 259 
LEU CD2    C  N N 260 
LEU OXT    O  N N 261 
LEU H      H  N N 262 
LEU H2     H  N N 263 
LEU HA     H  N N 264 
LEU HB2    H  N N 265 
LEU HB3    H  N N 266 
LEU HG     H  N N 267 
LEU HD11   H  N N 268 
LEU HD12   H  N N 269 
LEU HD13   H  N N 270 
LEU HD21   H  N N 271 
LEU HD22   H  N N 272 
LEU HD23   H  N N 273 
LEU HXT    H  N N 274 
LYS N      N  N N 275 
LYS CA     C  N S 276 
LYS C      C  N N 277 
LYS O      O  N N 278 
LYS CB     C  N N 279 
LYS CG     C  N N 280 
LYS CD     C  N N 281 
LYS CE     C  N N 282 
LYS NZ     N  N N 283 
LYS OXT    O  N N 284 
LYS H      H  N N 285 
LYS H2     H  N N 286 
LYS HA     H  N N 287 
LYS HB2    H  N N 288 
LYS HB3    H  N N 289 
LYS HG2    H  N N 290 
LYS HG3    H  N N 291 
LYS HD2    H  N N 292 
LYS HD3    H  N N 293 
LYS HE2    H  N N 294 
LYS HE3    H  N N 295 
LYS HZ1    H  N N 296 
LYS HZ2    H  N N 297 
LYS HZ3    H  N N 298 
LYS HXT    H  N N 299 
MET N      N  N N 300 
MET CA     C  N S 301 
MET C      C  N N 302 
MET O      O  N N 303 
MET CB     C  N N 304 
MET CG     C  N N 305 
MET SD     S  N N 306 
MET CE     C  N N 307 
MET OXT    O  N N 308 
MET H      H  N N 309 
MET H2     H  N N 310 
MET HA     H  N N 311 
MET HB2    H  N N 312 
MET HB3    H  N N 313 
MET HG2    H  N N 314 
MET HG3    H  N N 315 
MET HE1    H  N N 316 
MET HE2    H  N N 317 
MET HE3    H  N N 318 
MET HXT    H  N N 319 
MG  MG     MG N N 320 
PHE N      N  N N 321 
PHE CA     C  N S 322 
PHE C      C  N N 323 
PHE O      O  N N 324 
PHE CB     C  N N 325 
PHE CG     C  Y N 326 
PHE CD1    C  Y N 327 
PHE CD2    C  Y N 328 
PHE CE1    C  Y N 329 
PHE CE2    C  Y N 330 
PHE CZ     C  Y N 331 
PHE OXT    O  N N 332 
PHE H      H  N N 333 
PHE H2     H  N N 334 
PHE HA     H  N N 335 
PHE HB2    H  N N 336 
PHE HB3    H  N N 337 
PHE HD1    H  N N 338 
PHE HD2    H  N N 339 
PHE HE1    H  N N 340 
PHE HE2    H  N N 341 
PHE HZ     H  N N 342 
PHE HXT    H  N N 343 
PRO N      N  N N 344 
PRO CA     C  N S 345 
PRO C      C  N N 346 
PRO O      O  N N 347 
PRO CB     C  N N 348 
PRO CG     C  N N 349 
PRO CD     C  N N 350 
PRO OXT    O  N N 351 
PRO H      H  N N 352 
PRO HA     H  N N 353 
PRO HB2    H  N N 354 
PRO HB3    H  N N 355 
PRO HG2    H  N N 356 
PRO HG3    H  N N 357 
PRO HD2    H  N N 358 
PRO HD3    H  N N 359 
PRO HXT    H  N N 360 
SER N      N  N N 361 
SER CA     C  N S 362 
SER C      C  N N 363 
SER O      O  N N 364 
SER CB     C  N N 365 
SER OG     O  N N 366 
SER OXT    O  N N 367 
SER H      H  N N 368 
SER H2     H  N N 369 
SER HA     H  N N 370 
SER HB2    H  N N 371 
SER HB3    H  N N 372 
SER HG     H  N N 373 
SER HXT    H  N N 374 
THR N      N  N N 375 
THR CA     C  N S 376 
THR C      C  N N 377 
THR O      O  N N 378 
THR CB     C  N R 379 
THR OG1    O  N N 380 
THR CG2    C  N N 381 
THR OXT    O  N N 382 
THR H      H  N N 383 
THR H2     H  N N 384 
THR HA     H  N N 385 
THR HB     H  N N 386 
THR HG1    H  N N 387 
THR HG21   H  N N 388 
THR HG22   H  N N 389 
THR HG23   H  N N 390 
THR HXT    H  N N 391 
TYR N      N  N N 392 
TYR CA     C  N S 393 
TYR C      C  N N 394 
TYR O      O  N N 395 
TYR CB     C  N N 396 
TYR CG     C  Y N 397 
TYR CD1    C  Y N 398 
TYR CD2    C  Y N 399 
TYR CE1    C  Y N 400 
TYR CE2    C  Y N 401 
TYR CZ     C  Y N 402 
TYR OH     O  N N 403 
TYR OXT    O  N N 404 
TYR H      H  N N 405 
TYR H2     H  N N 406 
TYR HA     H  N N 407 
TYR HB2    H  N N 408 
TYR HB3    H  N N 409 
TYR HD1    H  N N 410 
TYR HD2    H  N N 411 
TYR HE1    H  N N 412 
TYR HE2    H  N N 413 
TYR HH     H  N N 414 
TYR HXT    H  N N 415 
VAL N      N  N N 416 
VAL CA     C  N S 417 
VAL C      C  N N 418 
VAL O      O  N N 419 
VAL CB     C  N N 420 
VAL CG1    C  N N 421 
VAL CG2    C  N N 422 
VAL OXT    O  N N 423 
VAL H      H  N N 424 
VAL H2     H  N N 425 
VAL HA     H  N N 426 
VAL HB     H  N N 427 
VAL HG11   H  N N 428 
VAL HG12   H  N N 429 
VAL HG13   H  N N 430 
VAL HG21   H  N N 431 
VAL HG22   H  N N 432 
VAL HG23   H  N N 433 
VAL HXT    H  N N 434 
# 
loop_
_chem_comp_bond.comp_id 
_chem_comp_bond.atom_id_1 
_chem_comp_bond.atom_id_2 
_chem_comp_bond.value_order 
_chem_comp_bond.pdbx_aromatic_flag 
_chem_comp_bond.pdbx_stereo_config 
_chem_comp_bond.pdbx_ordinal 
0QW S1    C7     doub N N 1   
0QW C8    N1     sing N N 2   
0QW C8    C9     sing N N 3   
0QW C5    C4     doub Y N 4   
0QW C5    C6     sing Y N 5   
0QW C7    N1     sing N N 6   
0QW C7    C6     sing N N 7   
0QW N1    C11    sing N N 8   
0QW C4    C3     sing Y N 9   
0QW C6    C1     doub Y N 10  
0QW C9    C10    sing N N 11  
0QW C11   C10    sing N N 12  
0QW C3    C2     doub Y N 13  
0QW C1    C2     sing Y N 14  
0QW C1    O1     sing N N 15  
0QW C8    H1     sing N N 16  
0QW C8    H2     sing N N 17  
0QW C9    H3     sing N N 18  
0QW C9    H4     sing N N 19  
0QW C10   H5     sing N N 20  
0QW C10   H6     sing N N 21  
0QW C11   H7     sing N N 22  
0QW C11   H8     sing N N 23  
0QW C5    H9     sing N N 24  
0QW C4    H10    sing N N 25  
0QW C3    H11    sing N N 26  
0QW C2    H12    sing N N 27  
0QW O1    H13    sing N N 28  
ALA N     CA     sing N N 29  
ALA N     H      sing N N 30  
ALA N     H2     sing N N 31  
ALA CA    C      sing N N 32  
ALA CA    CB     sing N N 33  
ALA CA    HA     sing N N 34  
ALA C     O      doub N N 35  
ALA C     OXT    sing N N 36  
ALA CB    HB1    sing N N 37  
ALA CB    HB2    sing N N 38  
ALA CB    HB3    sing N N 39  
ALA OXT   HXT    sing N N 40  
ARG N     CA     sing N N 41  
ARG N     H      sing N N 42  
ARG N     H2     sing N N 43  
ARG CA    C      sing N N 44  
ARG CA    CB     sing N N 45  
ARG CA    HA     sing N N 46  
ARG C     O      doub N N 47  
ARG C     OXT    sing N N 48  
ARG CB    CG     sing N N 49  
ARG CB    HB2    sing N N 50  
ARG CB    HB3    sing N N 51  
ARG CG    CD     sing N N 52  
ARG CG    HG2    sing N N 53  
ARG CG    HG3    sing N N 54  
ARG CD    NE     sing N N 55  
ARG CD    HD2    sing N N 56  
ARG CD    HD3    sing N N 57  
ARG NE    CZ     sing N N 58  
ARG NE    HE     sing N N 59  
ARG CZ    NH1    sing N N 60  
ARG CZ    NH2    doub N N 61  
ARG NH1   HH11   sing N N 62  
ARG NH1   HH12   sing N N 63  
ARG NH2   HH21   sing N N 64  
ARG NH2   HH22   sing N N 65  
ARG OXT   HXT    sing N N 66  
ASN N     CA     sing N N 67  
ASN N     H      sing N N 68  
ASN N     H2     sing N N 69  
ASN CA    C      sing N N 70  
ASN CA    CB     sing N N 71  
ASN CA    HA     sing N N 72  
ASN C     O      doub N N 73  
ASN C     OXT    sing N N 74  
ASN CB    CG     sing N N 75  
ASN CB    HB2    sing N N 76  
ASN CB    HB3    sing N N 77  
ASN CG    OD1    doub N N 78  
ASN CG    ND2    sing N N 79  
ASN ND2   HD21   sing N N 80  
ASN ND2   HD22   sing N N 81  
ASN OXT   HXT    sing N N 82  
ASP N     CA     sing N N 83  
ASP N     H      sing N N 84  
ASP N     H2     sing N N 85  
ASP CA    C      sing N N 86  
ASP CA    CB     sing N N 87  
ASP CA    HA     sing N N 88  
ASP C     O      doub N N 89  
ASP C     OXT    sing N N 90  
ASP CB    CG     sing N N 91  
ASP CB    HB2    sing N N 92  
ASP CB    HB3    sing N N 93  
ASP CG    OD1    doub N N 94  
ASP CG    OD2    sing N N 95  
ASP OD2   HD2    sing N N 96  
ASP OXT   HXT    sing N N 97  
CYS N     CA     sing N N 98  
CYS N     H      sing N N 99  
CYS N     H2     sing N N 100 
CYS CA    C      sing N N 101 
CYS CA    CB     sing N N 102 
CYS CA    HA     sing N N 103 
CYS C     O      doub N N 104 
CYS C     OXT    sing N N 105 
CYS CB    SG     sing N N 106 
CYS CB    HB2    sing N N 107 
CYS CB    HB3    sing N N 108 
CYS SG    HG     sing N N 109 
CYS OXT   HXT    sing N N 110 
GDP PB    O1B    doub N N 111 
GDP PB    O2B    sing N N 112 
GDP PB    O3B    sing N N 113 
GDP PB    O3A    sing N N 114 
GDP O2B   HOB2   sing N N 115 
GDP O3B   HOB3   sing N N 116 
GDP O3A   PA     sing N N 117 
GDP PA    O1A    doub N N 118 
GDP PA    O2A    sing N N 119 
GDP PA    "O5'"  sing N N 120 
GDP O2A   HOA2   sing N N 121 
GDP "O5'" "C5'"  sing N N 122 
GDP "C5'" "C4'"  sing N N 123 
GDP "C5'" "H5'"  sing N N 124 
GDP "C5'" "H5''" sing N N 125 
GDP "C4'" "O4'"  sing N N 126 
GDP "C4'" "C3'"  sing N N 127 
GDP "C4'" "H4'"  sing N N 128 
GDP "O4'" "C1'"  sing N N 129 
GDP "C3'" "O3'"  sing N N 130 
GDP "C3'" "C2'"  sing N N 131 
GDP "C3'" "H3'"  sing N N 132 
GDP "O3'" "HO3'" sing N N 133 
GDP "C2'" "O2'"  sing N N 134 
GDP "C2'" "C1'"  sing N N 135 
GDP "C2'" "H2'"  sing N N 136 
GDP "O2'" "HO2'" sing N N 137 
GDP "C1'" N9     sing N N 138 
GDP "C1'" "H1'"  sing N N 139 
GDP N9    C8     sing Y N 140 
GDP N9    C4     sing Y N 141 
GDP C8    N7     doub Y N 142 
GDP C8    H8     sing N N 143 
GDP N7    C5     sing Y N 144 
GDP C5    C6     sing N N 145 
GDP C5    C4     doub Y N 146 
GDP C6    O6     doub N N 147 
GDP C6    N1     sing N N 148 
GDP N1    C2     sing N N 149 
GDP N1    HN1    sing N N 150 
GDP C2    N2     sing N N 151 
GDP C2    N3     doub N N 152 
GDP N2    HN21   sing N N 153 
GDP N2    HN22   sing N N 154 
GDP N3    C4     sing N N 155 
GLN N     CA     sing N N 156 
GLN N     H      sing N N 157 
GLN N     H2     sing N N 158 
GLN CA    C      sing N N 159 
GLN CA    CB     sing N N 160 
GLN CA    HA     sing N N 161 
GLN C     O      doub N N 162 
GLN C     OXT    sing N N 163 
GLN CB    CG     sing N N 164 
GLN CB    HB2    sing N N 165 
GLN CB    HB3    sing N N 166 
GLN CG    CD     sing N N 167 
GLN CG    HG2    sing N N 168 
GLN CG    HG3    sing N N 169 
GLN CD    OE1    doub N N 170 
GLN CD    NE2    sing N N 171 
GLN NE2   HE21   sing N N 172 
GLN NE2   HE22   sing N N 173 
GLN OXT   HXT    sing N N 174 
GLU N     CA     sing N N 175 
GLU N     H      sing N N 176 
GLU N     H2     sing N N 177 
GLU CA    C      sing N N 178 
GLU CA    CB     sing N N 179 
GLU CA    HA     sing N N 180 
GLU C     O      doub N N 181 
GLU C     OXT    sing N N 182 
GLU CB    CG     sing N N 183 
GLU CB    HB2    sing N N 184 
GLU CB    HB3    sing N N 185 
GLU CG    CD     sing N N 186 
GLU CG    HG2    sing N N 187 
GLU CG    HG3    sing N N 188 
GLU CD    OE1    doub N N 189 
GLU CD    OE2    sing N N 190 
GLU OE2   HE2    sing N N 191 
GLU OXT   HXT    sing N N 192 
GLY N     CA     sing N N 193 
GLY N     H      sing N N 194 
GLY N     H2     sing N N 195 
GLY CA    C      sing N N 196 
GLY CA    HA2    sing N N 197 
GLY CA    HA3    sing N N 198 
GLY C     O      doub N N 199 
GLY C     OXT    sing N N 200 
GLY OXT   HXT    sing N N 201 
HIS N     CA     sing N N 202 
HIS N     H      sing N N 203 
HIS N     H2     sing N N 204 
HIS CA    C      sing N N 205 
HIS CA    CB     sing N N 206 
HIS CA    HA     sing N N 207 
HIS C     O      doub N N 208 
HIS C     OXT    sing N N 209 
HIS CB    CG     sing N N 210 
HIS CB    HB2    sing N N 211 
HIS CB    HB3    sing N N 212 
HIS CG    ND1    sing Y N 213 
HIS CG    CD2    doub Y N 214 
HIS ND1   CE1    doub Y N 215 
HIS ND1   HD1    sing N N 216 
HIS CD2   NE2    sing Y N 217 
HIS CD2   HD2    sing N N 218 
HIS CE1   NE2    sing Y N 219 
HIS CE1   HE1    sing N N 220 
HIS NE2   HE2    sing N N 221 
HIS OXT   HXT    sing N N 222 
HOH O     H1     sing N N 223 
HOH O     H2     sing N N 224 
ILE N     CA     sing N N 225 
ILE N     H      sing N N 226 
ILE N     H2     sing N N 227 
ILE CA    C      sing N N 228 
ILE CA    CB     sing N N 229 
ILE CA    HA     sing N N 230 
ILE C     O      doub N N 231 
ILE C     OXT    sing N N 232 
ILE CB    CG1    sing N N 233 
ILE CB    CG2    sing N N 234 
ILE CB    HB     sing N N 235 
ILE CG1   CD1    sing N N 236 
ILE CG1   HG12   sing N N 237 
ILE CG1   HG13   sing N N 238 
ILE CG2   HG21   sing N N 239 
ILE CG2   HG22   sing N N 240 
ILE CG2   HG23   sing N N 241 
ILE CD1   HD11   sing N N 242 
ILE CD1   HD12   sing N N 243 
ILE CD1   HD13   sing N N 244 
ILE OXT   HXT    sing N N 245 
LEU N     CA     sing N N 246 
LEU N     H      sing N N 247 
LEU N     H2     sing N N 248 
LEU CA    C      sing N N 249 
LEU CA    CB     sing N N 250 
LEU CA    HA     sing N N 251 
LEU C     O      doub N N 252 
LEU C     OXT    sing N N 253 
LEU CB    CG     sing N N 254 
LEU CB    HB2    sing N N 255 
LEU CB    HB3    sing N N 256 
LEU CG    CD1    sing N N 257 
LEU CG    CD2    sing N N 258 
LEU CG    HG     sing N N 259 
LEU CD1   HD11   sing N N 260 
LEU CD1   HD12   sing N N 261 
LEU CD1   HD13   sing N N 262 
LEU CD2   HD21   sing N N 263 
LEU CD2   HD22   sing N N 264 
LEU CD2   HD23   sing N N 265 
LEU OXT   HXT    sing N N 266 
LYS N     CA     sing N N 267 
LYS N     H      sing N N 268 
LYS N     H2     sing N N 269 
LYS CA    C      sing N N 270 
LYS CA    CB     sing N N 271 
LYS CA    HA     sing N N 272 
LYS C     O      doub N N 273 
LYS C     OXT    sing N N 274 
LYS CB    CG     sing N N 275 
LYS CB    HB2    sing N N 276 
LYS CB    HB3    sing N N 277 
LYS CG    CD     sing N N 278 
LYS CG    HG2    sing N N 279 
LYS CG    HG3    sing N N 280 
LYS CD    CE     sing N N 281 
LYS CD    HD2    sing N N 282 
LYS CD    HD3    sing N N 283 
LYS CE    NZ     sing N N 284 
LYS CE    HE2    sing N N 285 
LYS CE    HE3    sing N N 286 
LYS NZ    HZ1    sing N N 287 
LYS NZ    HZ2    sing N N 288 
LYS NZ    HZ3    sing N N 289 
LYS OXT   HXT    sing N N 290 
MET N     CA     sing N N 291 
MET N     H      sing N N 292 
MET N     H2     sing N N 293 
MET CA    C      sing N N 294 
MET CA    CB     sing N N 295 
MET CA    HA     sing N N 296 
MET C     O      doub N N 297 
MET C     OXT    sing N N 298 
MET CB    CG     sing N N 299 
MET CB    HB2    sing N N 300 
MET CB    HB3    sing N N 301 
MET CG    SD     sing N N 302 
MET CG    HG2    sing N N 303 
MET CG    HG3    sing N N 304 
MET SD    CE     sing N N 305 
MET CE    HE1    sing N N 306 
MET CE    HE2    sing N N 307 
MET CE    HE3    sing N N 308 
MET OXT   HXT    sing N N 309 
PHE N     CA     sing N N 310 
PHE N     H      sing N N 311 
PHE N     H2     sing N N 312 
PHE CA    C      sing N N 313 
PHE CA    CB     sing N N 314 
PHE CA    HA     sing N N 315 
PHE C     O      doub N N 316 
PHE C     OXT    sing N N 317 
PHE CB    CG     sing N N 318 
PHE CB    HB2    sing N N 319 
PHE CB    HB3    sing N N 320 
PHE CG    CD1    doub Y N 321 
PHE CG    CD2    sing Y N 322 
PHE CD1   CE1    sing Y N 323 
PHE CD1   HD1    sing N N 324 
PHE CD2   CE2    doub Y N 325 
PHE CD2   HD2    sing N N 326 
PHE CE1   CZ     doub Y N 327 
PHE CE1   HE1    sing N N 328 
PHE CE2   CZ     sing Y N 329 
PHE CE2   HE2    sing N N 330 
PHE CZ    HZ     sing N N 331 
PHE OXT   HXT    sing N N 332 
PRO N     CA     sing N N 333 
PRO N     CD     sing N N 334 
PRO N     H      sing N N 335 
PRO CA    C      sing N N 336 
PRO CA    CB     sing N N 337 
PRO CA    HA     sing N N 338 
PRO C     O      doub N N 339 
PRO C     OXT    sing N N 340 
PRO CB    CG     sing N N 341 
PRO CB    HB2    sing N N 342 
PRO CB    HB3    sing N N 343 
PRO CG    CD     sing N N 344 
PRO CG    HG2    sing N N 345 
PRO CG    HG3    sing N N 346 
PRO CD    HD2    sing N N 347 
PRO CD    HD3    sing N N 348 
PRO OXT   HXT    sing N N 349 
SER N     CA     sing N N 350 
SER N     H      sing N N 351 
SER N     H2     sing N N 352 
SER CA    C      sing N N 353 
SER CA    CB     sing N N 354 
SER CA    HA     sing N N 355 
SER C     O      doub N N 356 
SER C     OXT    sing N N 357 
SER CB    OG     sing N N 358 
SER CB    HB2    sing N N 359 
SER CB    HB3    sing N N 360 
SER OG    HG     sing N N 361 
SER OXT   HXT    sing N N 362 
THR N     CA     sing N N 363 
THR N     H      sing N N 364 
THR N     H2     sing N N 365 
THR CA    C      sing N N 366 
THR CA    CB     sing N N 367 
THR CA    HA     sing N N 368 
THR C     O      doub N N 369 
THR C     OXT    sing N N 370 
THR CB    OG1    sing N N 371 
THR CB    CG2    sing N N 372 
THR CB    HB     sing N N 373 
THR OG1   HG1    sing N N 374 
THR CG2   HG21   sing N N 375 
THR CG2   HG22   sing N N 376 
THR CG2   HG23   sing N N 377 
THR OXT   HXT    sing N N 378 
TYR N     CA     sing N N 379 
TYR N     H      sing N N 380 
TYR N     H2     sing N N 381 
TYR CA    C      sing N N 382 
TYR CA    CB     sing N N 383 
TYR CA    HA     sing N N 384 
TYR C     O      doub N N 385 
TYR C     OXT    sing N N 386 
TYR CB    CG     sing N N 387 
TYR CB    HB2    sing N N 388 
TYR CB    HB3    sing N N 389 
TYR CG    CD1    doub Y N 390 
TYR CG    CD2    sing Y N 391 
TYR CD1   CE1    sing Y N 392 
TYR CD1   HD1    sing N N 393 
TYR CD2   CE2    doub Y N 394 
TYR CD2   HD2    sing N N 395 
TYR CE1   CZ     doub Y N 396 
TYR CE1   HE1    sing N N 397 
TYR CE2   CZ     sing Y N 398 
TYR CE2   HE2    sing N N 399 
TYR CZ    OH     sing N N 400 
TYR OH    HH     sing N N 401 
TYR OXT   HXT    sing N N 402 
VAL N     CA     sing N N 403 
VAL N     H      sing N N 404 
VAL N     H2     sing N N 405 
VAL CA    C      sing N N 406 
VAL CA    CB     sing N N 407 
VAL CA    HA     sing N N 408 
VAL C     O      doub N N 409 
VAL C     OXT    sing N N 410 
VAL CB    CG1    sing N N 411 
VAL CB    CG2    sing N N 412 
VAL CB    HB     sing N N 413 
VAL CG1   HG11   sing N N 414 
VAL CG1   HG12   sing N N 415 
VAL CG1   HG13   sing N N 416 
VAL CG2   HG21   sing N N 417 
VAL CG2   HG22   sing N N 418 
VAL CG2   HG23   sing N N 419 
VAL OXT   HXT    sing N N 420 
# 
loop_
_pdbx_entity_nonpoly.entity_id 
_pdbx_entity_nonpoly.name 
_pdbx_entity_nonpoly.comp_id 
2 "GUANOSINE-5'-DIPHOSPHATE"                        GDP 
3 'MAGNESIUM ION'                                   MG  
4 '(2-hydroxyphenyl)(pyrrolidin-1-yl)methanethione' 0QW 
5 water                                             HOH 
# 
_pdbx_initial_refinement_model.id               1 
_pdbx_initial_refinement_model.entity_id_list   ? 
_pdbx_initial_refinement_model.type             'experimental model' 
_pdbx_initial_refinement_model.source_name      PDB 
_pdbx_initial_refinement_model.accession_code   1LF5 
_pdbx_initial_refinement_model.details          'pdb entry 1LF5' 
# 
